data_7CH8
#
_entry.id   7CH8
#
_cell.length_a   1.00
_cell.length_b   1.00
_cell.length_c   1.00
_cell.angle_alpha   90.00
_cell.angle_beta   90.00
_cell.angle_gamma   90.00
#
_symmetry.space_group_name_H-M   'P 1'
#
loop_
_entity.id
_entity.type
_entity.pdbx_description
1 polymer 'MlaD domain-containing protein'
2 polymer 'Probable permease of ABC transporter'
3 polymer 'Probable ATP-binding component of ABC transporter'
4 polymer 'STAS domain-containing protein'
5 non-polymer '2-(HEXADECANOYLOXY)-1-[(PHOSPHONOOXY)METHYL]ETHYL HEXADECANOATE'
6 non-polymer 'ADP METAVANADATE'
7 non-polymer 'MAGNESIUM ION'
#
loop_
_entity_poly.entity_id
_entity_poly.type
_entity_poly.pdbx_seq_one_letter_code
_entity_poly.pdbx_strand_id
1 'polypeptide(L)'
;MQTRTLEIGVGLFLLAGLLALLLLALRVSGLSVGNAGDTYKVYAYFDNIAGVTVRGKVTLAGVTIGKVTAVDLDRDSYTG
RVTMEINQNVNNLPVDSTASILTAGLLGEKYIGISVGGDEDVLKDGSTIHDTQSALVLEDLIGKFLLNSVNKDEAKK
;
A,B,C,D,E,F
2 'polypeptide(L)'
;MRRVSPLERIRLFGRAGLDVVAALGRSTLFLGHALLGRRTPGTGLHLLVKQLYSVGVLSLAIIVVSGLFIGMVLALQGYN
ILISYGSEQAVGQMVALTLLRELGPVVTGLLFAGRAGSALTAEIGNMKATEQLSSLEMIGVDPLKYIVAPRLWAGFISMP
LLAAIFSVVGIWGGAMVAVDWLGVYEGSFWANMQNSVQFTEDVLNGVIKSIVFAFVVTWIAVYQGYDCEPTSEGISRATT
RTVVYASLAVLGLDFILTALMFGDF
;
G,H
3 'polypeptide(L)'
;MSTDSAYAVELKGLTFKRGSRAIFDNIDVRIPRGKVTGIMGPSGCGKTTLLRLIASQLRPSKGEVWVNGQNLPQLSRGDL
FDMRKQFGVLFQSGALFTDLDVFENVAFPLRVHTQLPEEMIRDIVLMKLQAVGLRGAVELMPDELSGGMKRRVALARAIA
LDPQILLYDEPFVGQDPIAMGVLVRLIRLLNDALGITSIVVSHDLAETASIADYIYIVGDGRVLGHGTPDVLKETDDPRI
RQFVKGIPDGPVPFHYPARDYRADLLGER
;
I,J
4 'polypeptide(L)'
;MSQASLREGAAGELQLAGVLDYSSGPALREQGGRLIRASQAAELVVDCSAVERSSSVGISLLLAFIRDARKAGKVLSVRA
LPDDMREIAKVSSLLEILPLQE
;
K,L
#
loop_
_chem_comp.id
_chem_comp.type
_chem_comp.name
_chem_comp.formula
AD9 non-polymer 'ADP METAVANADATE' 'C10 H16 N5 O13 P2 V'
LPP non-polymer '2-(HEXADECANOYLOXY)-1-[(PHOSPHONOOXY)METHYL]ETHYL HEXADECANOATE' 'C35 H69 O8 P'
MG non-polymer 'MAGNESIUM ION' 'Mg 2'
#
# COMPACT_ATOMS: atom_id res chain seq x y z
N GLN A 2 26.67 -22.29 18.79
CA GLN A 2 25.49 -22.38 19.65
C GLN A 2 24.64 -21.12 19.54
N THR A 3 24.86 -20.36 18.47
CA THR A 3 24.13 -19.12 18.24
C THR A 3 22.67 -19.40 17.87
N ARG A 4 22.47 -20.22 16.83
CA ARG A 4 21.14 -20.52 16.30
C ARG A 4 20.17 -20.94 17.39
N THR A 5 20.65 -21.73 18.36
CA THR A 5 19.81 -22.09 19.50
C THR A 5 19.37 -20.87 20.29
N LEU A 6 20.30 -19.96 20.58
CA LEU A 6 19.93 -18.72 21.27
C LEU A 6 18.95 -17.90 20.46
N GLU A 7 19.14 -17.82 19.14
CA GLU A 7 18.21 -17.08 18.31
C GLU A 7 16.80 -17.68 18.37
N ILE A 8 16.69 -19.01 18.27
CA ILE A 8 15.41 -19.67 18.42
C ILE A 8 14.81 -19.45 19.80
N GLY A 9 15.62 -19.43 20.85
CA GLY A 9 15.12 -19.17 22.18
C GLY A 9 14.53 -17.78 22.33
N VAL A 10 15.25 -16.78 21.82
CA VAL A 10 14.74 -15.42 21.86
C VAL A 10 13.49 -15.27 20.99
N GLY A 11 13.42 -15.97 19.85
CA GLY A 11 12.22 -15.94 19.06
C GLY A 11 11.02 -16.49 19.80
N LEU A 12 11.22 -17.59 20.54
CA LEU A 12 10.14 -18.17 21.30
C LEU A 12 9.72 -17.27 22.46
N PHE A 13 10.72 -16.70 23.13
CA PHE A 13 10.49 -15.80 24.30
C PHE A 13 9.57 -14.65 23.88
N LEU A 14 10.00 -13.87 22.89
CA LEU A 14 9.21 -12.69 22.41
C LEU A 14 7.88 -13.18 21.83
N LEU A 15 7.91 -14.28 21.06
CA LEU A 15 6.67 -14.79 20.43
C LEU A 15 5.64 -15.19 21.49
N ALA A 16 6.09 -15.91 22.53
CA ALA A 16 5.16 -16.34 23.61
C ALA A 16 4.65 -15.11 24.35
N GLY A 17 5.54 -14.15 24.63
CA GLY A 17 5.17 -12.91 25.34
C GLY A 17 4.21 -12.06 24.55
N LEU A 18 4.42 -11.97 23.23
CA LEU A 18 3.57 -11.12 22.35
C LEU A 18 2.12 -11.61 22.36
N LEU A 19 1.90 -12.93 22.28
CA LEU A 19 0.52 -13.46 22.23
C LEU A 19 -0.24 -13.15 23.53
N ALA A 20 0.39 -13.39 24.68
CA ALA A 20 -0.30 -13.13 25.98
C ALA A 20 -0.53 -11.64 26.20
N LEU A 21 0.49 -10.82 25.94
CA LEU A 21 0.43 -9.35 26.15
C LEU A 21 -0.54 -8.67 25.17
N LEU A 22 -0.56 -9.09 23.91
CA LEU A 22 -1.38 -8.39 22.89
C LEU A 22 -2.68 -9.14 22.55
N LEU A 23 -2.64 -10.46 22.39
CA LEU A 23 -3.90 -11.15 21.97
C LEU A 23 -4.76 -11.62 23.16
N LEU A 24 -5.46 -12.73 22.92
CA LEU A 24 -6.38 -13.46 23.80
C LEU A 24 -7.66 -12.71 24.13
N ALA A 25 -7.73 -11.41 23.82
CA ALA A 25 -8.98 -10.64 23.73
C ALA A 25 -9.96 -11.03 24.84
N LEU A 26 -9.56 -10.76 26.08
CA LEU A 26 -10.21 -11.41 27.23
C LEU A 26 -10.32 -10.45 28.39
N ARG A 27 -10.51 -11.04 29.57
CA ARG A 27 -11.06 -10.44 30.81
C ARG A 27 -10.37 -9.11 31.10
N VAL A 28 -11.04 -8.18 31.80
CA VAL A 28 -10.54 -6.85 32.07
C VAL A 28 -9.64 -6.85 33.31
N SER A 29 -8.52 -6.16 33.24
CA SER A 29 -7.63 -5.95 34.37
C SER A 29 -7.48 -4.46 34.68
N GLY A 30 -8.60 -3.75 34.71
CA GLY A 30 -8.58 -2.30 34.82
C GLY A 30 -8.26 -1.79 36.22
N LEU A 31 -6.99 -1.93 36.61
CA LEU A 31 -6.51 -1.51 37.92
C LEU A 31 -7.29 -2.18 39.04
N SER A 32 -7.25 -3.52 39.05
CA SER A 32 -7.90 -4.30 40.09
C SER A 32 -6.94 -4.41 41.27
N VAL A 33 -6.42 -3.27 41.69
CA VAL A 33 -5.54 -3.19 42.85
C VAL A 33 -6.09 -2.17 43.83
N GLY A 34 -6.84 -1.18 43.32
CA GLY A 34 -7.51 -0.26 44.20
C GLY A 34 -8.85 0.24 43.69
N ASN A 35 -9.90 -0.06 44.47
CA ASN A 35 -11.25 0.49 44.35
C ASN A 35 -11.98 0.01 43.09
N ALA A 36 -11.25 -0.59 42.15
CA ALA A 36 -11.83 -1.40 41.06
C ALA A 36 -12.85 -0.65 40.22
N GLY A 37 -13.09 0.63 40.50
CA GLY A 37 -14.31 1.26 40.02
C GLY A 37 -15.50 0.51 40.57
N ASP A 38 -15.36 0.00 41.79
CA ASP A 38 -16.23 -1.00 42.39
C ASP A 38 -17.71 -0.67 42.27
N THR A 39 -18.51 -1.68 41.93
CA THR A 39 -19.95 -1.54 41.78
C THR A 39 -20.65 -2.78 42.33
N TYR A 40 -21.75 -2.57 43.03
CA TYR A 40 -22.56 -3.64 43.58
C TYR A 40 -23.92 -3.63 42.88
N LYS A 41 -24.43 -4.82 42.57
CA LYS A 41 -25.63 -4.94 41.76
C LYS A 41 -26.89 -4.67 42.58
N VAL A 42 -27.98 -4.37 41.87
CA VAL A 42 -29.33 -4.43 42.40
C VAL A 42 -30.24 -4.94 41.30
N TYR A 43 -31.41 -5.43 41.70
CA TYR A 43 -32.45 -5.86 40.78
C TYR A 43 -33.51 -4.78 40.65
N ALA A 44 -34.28 -4.85 39.57
CA ALA A 44 -35.37 -3.93 39.33
C ALA A 44 -36.44 -4.65 38.52
N TYR A 45 -37.65 -4.72 39.07
CA TYR A 45 -38.78 -5.34 38.39
C TYR A 45 -39.50 -4.29 37.56
N PHE A 46 -39.66 -4.55 36.27
CA PHE A 46 -40.34 -3.68 35.33
C PHE A 46 -41.56 -4.40 34.78
N ASP A 47 -42.21 -3.78 33.79
CA ASP A 47 -43.28 -4.41 33.04
C ASP A 47 -43.02 -4.43 31.54
N ASN A 48 -42.16 -3.55 31.03
CA ASN A 48 -41.77 -3.56 29.62
C ASN A 48 -40.41 -2.89 29.54
N ILE A 49 -39.45 -3.56 28.91
CA ILE A 49 -38.06 -3.11 28.94
C ILE A 49 -37.53 -2.92 27.52
N ALA A 50 -38.41 -2.48 26.62
CA ALA A 50 -38.20 -2.52 25.18
C ALA A 50 -36.79 -2.15 24.72
N GLY A 51 -36.17 -1.15 25.34
CA GLY A 51 -34.89 -0.68 24.85
C GLY A 51 -33.79 -0.52 25.87
N VAL A 52 -33.73 -1.42 26.85
CA VAL A 52 -32.74 -1.31 27.91
C VAL A 52 -31.65 -2.36 27.71
N THR A 53 -31.41 -2.71 26.44
CA THR A 53 -30.45 -3.74 26.06
C THR A 53 -29.12 -3.58 26.76
N VAL A 54 -28.39 -4.69 26.95
CA VAL A 54 -27.16 -4.69 27.72
C VAL A 54 -26.17 -3.68 27.13
N ARG A 55 -25.21 -3.26 27.97
CA ARG A 55 -24.27 -2.17 27.66
C ARG A 55 -25.02 -0.83 27.57
N GLY A 56 -26.08 -0.71 28.36
CA GLY A 56 -26.77 0.55 28.55
C GLY A 56 -26.25 1.28 29.76
N LYS A 57 -27.07 2.19 30.28
CA LYS A 57 -26.70 3.02 31.41
C LYS A 57 -27.87 3.20 32.36
N VAL A 58 -27.59 3.19 33.65
CA VAL A 58 -28.51 3.65 34.66
C VAL A 58 -28.00 4.98 35.19
N THR A 59 -28.91 5.80 35.71
CA THR A 59 -28.54 7.16 36.07
C THR A 59 -29.50 7.72 37.11
N LEU A 60 -29.11 8.86 37.67
CA LEU A 60 -29.96 9.64 38.57
C LEU A 60 -29.77 11.11 38.19
N ALA A 61 -30.88 11.79 37.91
CA ALA A 61 -30.86 13.21 37.54
C ALA A 61 -29.98 13.47 36.32
N GLY A 62 -29.84 12.46 35.47
CA GLY A 62 -29.12 12.62 34.23
C GLY A 62 -27.71 12.09 34.21
N VAL A 63 -26.97 12.30 35.31
CA VAL A 63 -25.59 11.86 35.38
C VAL A 63 -25.55 10.35 35.63
N THR A 64 -24.60 9.68 35.00
CA THR A 64 -24.54 8.23 35.04
C THR A 64 -24.24 7.73 36.46
N ILE A 65 -24.95 6.68 36.86
CA ILE A 65 -24.73 6.01 38.12
C ILE A 65 -24.12 4.63 37.93
N GLY A 66 -24.51 3.94 36.86
CA GLY A 66 -23.95 2.63 36.57
C GLY A 66 -24.36 2.19 35.19
N LYS A 67 -24.19 0.90 34.94
CA LYS A 67 -24.59 0.27 33.69
C LYS A 67 -25.53 -0.89 33.97
N VAL A 68 -26.29 -1.28 32.96
CA VAL A 68 -27.14 -2.47 33.08
C VAL A 68 -26.30 -3.71 32.81
N THR A 69 -26.33 -4.64 33.76
CA THR A 69 -25.58 -5.88 33.62
C THR A 69 -26.36 -6.96 32.88
N ALA A 70 -27.62 -7.20 33.26
CA ALA A 70 -28.36 -8.26 32.61
C ALA A 70 -29.86 -8.00 32.69
N VAL A 71 -30.58 -8.58 31.74
CA VAL A 71 -32.04 -8.57 31.72
C VAL A 71 -32.51 -10.01 31.82
N ASP A 72 -33.67 -10.22 32.45
CA ASP A 72 -34.17 -11.56 32.67
C ASP A 72 -35.70 -11.57 32.65
N LEU A 73 -36.27 -12.66 32.19
CA LEU A 73 -37.69 -12.93 32.29
C LEU A 73 -37.92 -13.93 33.41
N ASP A 74 -38.60 -13.50 34.47
CA ASP A 74 -38.92 -14.42 35.56
C ASP A 74 -40.07 -15.32 35.13
N ARG A 75 -39.83 -16.64 35.20
CA ARG A 75 -40.78 -17.61 34.66
C ARG A 75 -42.10 -17.66 35.42
N ASP A 76 -42.19 -17.00 36.57
CA ASP A 76 -43.41 -17.02 37.37
C ASP A 76 -44.36 -15.88 36.98
N SER A 77 -43.88 -14.64 37.07
CA SER A 77 -44.71 -13.46 36.84
C SER A 77 -44.67 -12.96 35.42
N TYR A 78 -43.81 -13.54 34.56
CA TYR A 78 -43.69 -13.15 33.15
C TYR A 78 -43.27 -11.69 32.99
N THR A 79 -42.67 -11.10 34.01
CA THR A 79 -42.23 -9.71 33.97
C THR A 79 -40.73 -9.67 33.73
N GLY A 80 -40.18 -8.45 33.71
CA GLY A 80 -38.76 -8.24 33.49
C GLY A 80 -38.05 -7.90 34.78
N ARG A 81 -36.90 -8.53 34.98
CA ARG A 81 -36.00 -8.19 36.08
C ARG A 81 -34.67 -7.77 35.46
N VAL A 82 -34.30 -6.51 35.65
CA VAL A 82 -33.03 -6.01 35.18
C VAL A 82 -32.10 -5.89 36.39
N THR A 83 -30.93 -6.51 36.29
CA THR A 83 -29.89 -6.39 37.30
C THR A 83 -28.81 -5.45 36.78
N MET A 84 -28.44 -4.46 37.58
CA MET A 84 -27.51 -3.42 37.16
C MET A 84 -26.52 -3.14 38.28
N GLU A 85 -25.50 -2.35 37.95
CA GLU A 85 -24.44 -1.99 38.88
C GLU A 85 -24.61 -0.57 39.39
N ILE A 86 -24.05 -0.31 40.56
CA ILE A 86 -24.15 0.99 41.22
C ILE A 86 -22.77 1.39 41.72
N ASN A 87 -22.32 2.58 41.35
CA ASN A 87 -21.02 3.07 41.79
C ASN A 87 -20.98 3.15 43.32
N GLN A 88 -19.84 2.77 43.89
CA GLN A 88 -19.73 2.65 45.33
C GLN A 88 -19.89 3.99 46.03
N ASN A 89 -19.40 5.08 45.42
CA ASN A 89 -19.51 6.39 46.05
C ASN A 89 -20.98 6.81 46.18
N VAL A 90 -21.81 6.51 45.19
CA VAL A 90 -23.23 6.78 45.26
C VAL A 90 -23.90 5.63 46.01
N ASN A 91 -24.06 5.78 47.32
CA ASN A 91 -24.60 4.72 48.17
C ASN A 91 -25.61 5.28 49.15
N ASN A 92 -26.45 6.20 48.69
CA ASN A 92 -27.50 6.77 49.55
C ASN A 92 -28.86 6.75 48.84
N LEU A 93 -29.11 5.73 48.02
CA LEU A 93 -30.36 5.63 47.29
C LEU A 93 -31.43 5.01 48.18
N PRO A 94 -32.45 5.74 48.60
CA PRO A 94 -33.46 5.18 49.49
C PRO A 94 -34.25 4.06 48.81
N VAL A 95 -35.10 3.40 49.62
CA VAL A 95 -35.82 2.23 49.14
C VAL A 95 -36.94 2.63 48.19
N ASP A 96 -37.87 3.45 48.67
CA ASP A 96 -39.01 3.87 47.83
C ASP A 96 -38.59 4.69 46.62
N SER A 97 -37.30 4.99 46.48
CA SER A 97 -36.79 5.53 45.23
C SER A 97 -37.17 4.60 44.08
N THR A 98 -37.64 5.19 42.99
CA THR A 98 -38.19 4.41 41.88
C THR A 98 -37.25 4.45 40.69
N ALA A 99 -37.36 3.45 39.83
CA ALA A 99 -36.66 3.42 38.56
C ALA A 99 -37.66 3.55 37.43
N SER A 100 -37.19 4.08 36.30
CA SER A 100 -38.06 4.28 35.15
C SER A 100 -37.20 4.38 33.90
N ILE A 101 -37.67 3.73 32.84
CA ILE A 101 -36.95 3.75 31.57
C ILE A 101 -37.21 5.08 30.86
N LEU A 102 -36.16 5.86 30.69
CA LEU A 102 -36.23 7.12 29.97
C LEU A 102 -35.44 6.98 28.67
N THR A 103 -35.63 7.95 27.77
CA THR A 103 -35.00 7.95 26.47
C THR A 103 -34.07 9.16 26.35
N ALA A 104 -32.85 8.93 25.89
CA ALA A 104 -31.90 10.01 25.69
C ALA A 104 -32.35 10.86 24.51
N GLY A 105 -32.60 12.15 24.76
CA GLY A 105 -33.08 13.02 23.71
C GLY A 105 -34.43 12.58 23.18
N LEU A 106 -34.42 12.08 21.93
CA LEU A 106 -35.68 11.61 21.28
C LEU A 106 -35.46 10.24 20.63
N LEU A 107 -34.27 9.99 20.07
CA LEU A 107 -33.98 8.70 19.39
C LEU A 107 -32.78 8.01 20.05
N GLY A 108 -32.44 8.40 21.27
CA GLY A 108 -31.32 7.81 21.98
C GLY A 108 -31.69 6.47 22.60
N GLU A 109 -30.66 5.79 23.12
CA GLU A 109 -30.87 4.50 23.74
C GLU A 109 -31.66 4.67 25.04
N LYS A 110 -32.61 3.77 25.25
CA LYS A 110 -33.48 3.82 26.42
C LYS A 110 -32.68 3.40 27.65
N TYR A 111 -32.33 4.38 28.48
CA TYR A 111 -31.62 4.14 29.72
C TYR A 111 -32.61 4.04 30.87
N ILE A 112 -32.08 3.82 32.07
CA ILE A 112 -32.91 3.68 33.27
C ILE A 112 -32.53 4.80 34.25
N GLY A 113 -33.41 5.78 34.37
CA GLY A 113 -33.26 6.82 35.36
C GLY A 113 -33.88 6.39 36.69
N ILE A 114 -33.41 7.01 37.76
CA ILE A 114 -33.89 6.71 39.11
C ILE A 114 -34.26 8.02 39.78
N SER A 115 -35.48 8.07 40.31
CA SER A 115 -35.97 9.22 41.06
C SER A 115 -35.92 8.89 42.54
N VAL A 116 -35.40 9.82 43.34
CA VAL A 116 -35.22 9.61 44.77
C VAL A 116 -36.57 9.47 45.44
N GLY A 117 -36.64 8.60 46.44
CA GLY A 117 -37.87 8.37 47.18
C GLY A 117 -37.99 9.24 48.42
N GLY A 118 -38.48 8.66 49.51
CA GLY A 118 -38.70 9.44 50.71
C GLY A 118 -38.45 8.75 52.04
N ASP A 119 -37.91 7.54 52.04
CA ASP A 119 -37.61 6.91 53.32
C ASP A 119 -36.12 7.06 53.65
N GLU A 120 -35.77 6.66 54.87
CA GLU A 120 -34.42 6.82 55.37
C GLU A 120 -33.48 5.70 54.91
N ASP A 121 -33.82 4.45 55.26
CA ASP A 121 -32.98 3.31 54.94
C ASP A 121 -32.68 3.25 53.44
N VAL A 122 -31.45 2.89 53.09
CA VAL A 122 -30.97 3.09 51.73
C VAL A 122 -31.00 1.81 50.92
N LEU A 123 -30.18 0.82 51.30
CA LEU A 123 -29.90 -0.30 50.42
C LEU A 123 -29.05 -1.30 51.18
N LYS A 124 -28.92 -2.50 50.59
CA LYS A 124 -27.79 -3.36 50.86
C LYS A 124 -26.93 -3.58 49.63
N ASP A 125 -27.28 -2.95 48.50
CA ASP A 125 -26.49 -3.01 47.26
C ASP A 125 -26.31 -4.46 46.81
N GLY A 126 -27.44 -5.03 46.40
CA GLY A 126 -27.59 -6.47 46.25
C GLY A 126 -29.02 -6.87 46.54
N SER A 127 -29.85 -5.88 46.88
CA SER A 127 -31.28 -6.05 47.01
C SER A 127 -31.95 -5.74 45.67
N THR A 128 -33.27 -5.59 45.68
CA THR A 128 -34.03 -5.22 44.50
C THR A 128 -34.81 -3.93 44.77
N ILE A 129 -35.33 -3.34 43.69
CA ILE A 129 -36.19 -2.18 43.82
C ILE A 129 -37.62 -2.66 43.96
N HIS A 130 -38.48 -1.79 44.48
CA HIS A 130 -39.86 -2.16 44.81
C HIS A 130 -40.88 -1.69 43.78
N ASP A 131 -40.86 -0.41 43.40
CA ASP A 131 -41.83 0.14 42.47
C ASP A 131 -41.09 0.84 41.33
N THR A 132 -41.76 0.95 40.19
CA THR A 132 -41.14 1.52 39.00
C THR A 132 -42.22 2.08 38.08
N GLN A 133 -41.76 2.73 37.02
CA GLN A 133 -42.59 3.10 35.88
C GLN A 133 -41.98 2.46 34.64
N SER A 134 -42.75 1.59 33.99
CA SER A 134 -42.24 0.79 32.89
C SER A 134 -41.95 1.66 31.68
N ALA A 135 -41.38 1.05 30.64
CA ALA A 135 -41.03 1.75 29.42
C ALA A 135 -42.25 1.89 28.52
N LEU A 136 -42.28 2.98 27.77
CA LEU A 136 -43.37 3.24 26.85
C LEU A 136 -43.06 2.67 25.47
N VAL A 137 -44.11 2.33 24.74
CA VAL A 137 -44.00 1.86 23.37
C VAL A 137 -44.92 2.71 22.49
N LEU A 138 -44.51 2.85 21.23
CA LEU A 138 -45.26 3.69 20.30
C LEU A 138 -46.68 3.19 20.09
N GLU A 139 -46.87 1.86 20.06
CA GLU A 139 -48.20 1.32 19.80
C GLU A 139 -49.16 1.66 20.93
N ASP A 140 -48.80 1.33 22.17
CA ASP A 140 -49.64 1.70 23.31
C ASP A 140 -49.81 3.21 23.42
N LEU A 141 -48.75 3.98 23.15
CA LEU A 141 -48.84 5.43 23.20
C LEU A 141 -49.91 5.94 22.27
N ILE A 142 -49.84 5.58 20.98
CA ILE A 142 -50.82 6.06 20.02
C ILE A 142 -52.19 5.46 20.28
N GLY A 143 -52.26 4.26 20.84
CA GLY A 143 -53.56 3.70 21.17
C GLY A 143 -54.27 4.49 22.26
N LYS A 144 -53.53 4.90 23.28
CA LYS A 144 -54.13 5.73 24.33
C LYS A 144 -54.36 7.16 23.85
N PHE A 145 -53.55 7.64 22.90
CA PHE A 145 -53.73 8.99 22.40
C PHE A 145 -54.97 9.10 21.53
N LEU A 146 -55.00 8.35 20.42
CA LEU A 146 -56.07 8.52 19.43
C LEU A 146 -57.38 7.91 19.90
N LEU A 147 -57.37 6.61 20.18
CA LEU A 147 -58.61 5.85 20.31
C LEU A 147 -59.45 6.25 21.52
N ASN A 148 -58.84 6.69 22.61
CA ASN A 148 -59.59 6.92 23.85
C ASN A 148 -59.83 8.41 24.11
N SER A 149 -58.76 9.21 24.15
CA SER A 149 -58.90 10.62 24.50
C SER A 149 -59.45 11.46 23.36
N VAL A 150 -58.88 11.34 22.16
CA VAL A 150 -59.33 12.13 21.04
C VAL A 150 -60.66 11.60 20.51
N ASN A 151 -60.77 10.27 20.38
CA ASN A 151 -62.00 9.66 19.89
C ASN A 151 -62.97 9.41 21.03
N THR B 3 24.08 17.92 3.71
CA THR B 3 24.29 19.34 3.45
C THR B 3 23.46 20.19 4.41
N ARG B 4 23.07 21.38 3.94
CA ARG B 4 22.14 22.21 4.67
C ARG B 4 20.73 22.18 4.09
N THR B 5 20.60 21.92 2.78
CA THR B 5 19.28 21.78 2.19
C THR B 5 18.59 20.52 2.70
N LEU B 6 19.37 19.47 2.95
CA LEU B 6 18.81 18.27 3.56
C LEU B 6 18.29 18.56 4.96
N GLU B 7 19.08 19.28 5.76
CA GLU B 7 18.62 19.66 7.10
C GLU B 7 17.40 20.56 7.02
N ILE B 8 17.40 21.51 6.09
CA ILE B 8 16.24 22.37 5.90
C ILE B 8 14.98 21.59 5.55
N GLY B 9 15.08 20.64 4.62
CA GLY B 9 13.92 19.84 4.26
C GLY B 9 13.44 18.94 5.37
N VAL B 10 14.38 18.27 6.04
CA VAL B 10 14.02 17.41 7.16
C VAL B 10 13.30 18.20 8.23
N GLY B 11 13.84 19.36 8.59
CA GLY B 11 13.18 20.21 9.56
C GLY B 11 11.82 20.72 9.11
N LEU B 12 11.72 21.19 7.86
CA LEU B 12 10.46 21.65 7.32
C LEU B 12 9.38 20.59 7.42
N PHE B 13 9.68 19.35 7.04
CA PHE B 13 8.61 18.35 6.97
C PHE B 13 8.40 17.67 8.31
N LEU B 14 9.43 17.65 9.17
CA LEU B 14 9.20 17.32 10.56
C LEU B 14 8.26 18.31 11.22
N LEU B 15 8.38 19.59 10.89
CA LEU B 15 7.44 20.58 11.40
C LEU B 15 6.06 20.39 10.77
N ALA B 16 6.01 20.06 9.48
CA ALA B 16 4.75 19.80 8.83
C ALA B 16 3.98 18.66 9.48
N GLY B 17 4.66 17.55 9.78
CA GLY B 17 3.99 16.45 10.45
C GLY B 17 3.51 16.78 11.85
N LEU B 18 4.33 17.49 12.63
CA LEU B 18 3.91 17.87 13.97
C LEU B 18 2.76 18.86 13.94
N LEU B 19 2.78 19.79 12.98
CA LEU B 19 1.64 20.69 12.81
C LEU B 19 0.40 19.94 12.38
N ALA B 20 0.54 18.90 11.56
CA ALA B 20 -0.62 18.09 11.21
C ALA B 20 -1.16 17.33 12.41
N LEU B 21 -0.27 16.86 13.29
CA LEU B 21 -0.72 16.25 14.54
C LEU B 21 -1.49 17.25 15.40
N LEU B 22 -0.92 18.45 15.58
CA LEU B 22 -1.60 19.47 16.38
C LEU B 22 -2.88 19.94 15.70
N LEU B 23 -2.98 19.77 14.39
CA LEU B 23 -4.20 20.13 13.69
C LEU B 23 -5.27 19.07 13.91
N LEU B 24 -4.89 17.79 13.84
CA LEU B 24 -5.83 16.72 14.13
C LEU B 24 -6.32 16.81 15.56
N ALA B 25 -5.45 17.25 16.47
CA ALA B 25 -5.86 17.39 17.86
C ALA B 25 -6.73 18.63 18.06
N LEU B 26 -6.19 19.81 17.76
CA LEU B 26 -6.88 21.06 18.05
C LEU B 26 -8.08 21.27 17.16
N ARG B 27 -7.88 21.22 15.84
CA ARG B 27 -8.92 21.60 14.89
C ARG B 27 -9.87 20.46 14.57
N VAL B 28 -9.35 19.31 14.14
CA VAL B 28 -10.21 18.21 13.71
C VAL B 28 -11.02 17.67 14.89
N SER B 29 -10.38 17.57 16.06
CA SER B 29 -11.08 17.03 17.22
C SER B 29 -11.78 18.12 18.01
N GLY B 30 -11.25 19.34 17.98
CA GLY B 30 -11.78 20.41 18.80
C GLY B 30 -11.37 20.23 20.25
N LEU B 31 -10.06 20.25 20.51
CA LEU B 31 -9.55 19.98 21.85
C LEU B 31 -9.43 21.23 22.70
N SER B 32 -8.75 21.13 23.82
CA SER B 32 -8.77 22.18 24.84
C SER B 32 -7.89 23.37 24.48
N VAL B 33 -6.63 23.13 24.15
CA VAL B 33 -5.57 24.14 24.12
C VAL B 33 -6.03 25.44 23.46
N GLY B 34 -6.58 25.34 22.26
CA GLY B 34 -7.09 26.54 21.59
C GLY B 34 -8.27 27.15 22.33
N ASN B 35 -9.18 26.32 22.83
CA ASN B 35 -10.36 26.83 23.50
C ASN B 35 -10.11 27.04 24.99
N ALA B 36 -9.12 26.35 25.55
CA ALA B 36 -8.85 26.44 26.97
C ALA B 36 -8.45 27.86 27.37
N GLY B 37 -7.32 28.34 26.85
CA GLY B 37 -6.90 29.72 27.05
C GLY B 37 -6.98 30.21 28.47
N ASP B 38 -7.88 31.16 28.71
CA ASP B 38 -8.14 31.69 30.06
C ASP B 38 -9.65 31.73 30.27
N THR B 39 -10.18 30.68 30.89
CA THR B 39 -11.60 30.60 31.20
C THR B 39 -11.79 30.31 32.68
N TYR B 40 -12.86 30.86 33.25
CA TYR B 40 -13.09 30.81 34.68
C TYR B 40 -14.33 29.97 34.98
N LYS B 41 -14.21 29.08 35.96
CA LYS B 41 -15.20 28.06 36.24
C LYS B 41 -16.45 28.64 36.88
N VAL B 42 -17.56 27.91 36.74
CA VAL B 42 -18.83 28.24 37.38
C VAL B 42 -19.57 26.93 37.64
N TYR B 43 -20.22 26.86 38.81
CA TYR B 43 -21.01 25.71 39.18
C TYR B 43 -22.50 25.98 38.94
N ALA B 44 -23.25 24.91 38.73
CA ALA B 44 -24.69 25.03 38.46
C ALA B 44 -25.42 23.80 38.96
N TYR B 45 -26.50 24.01 39.71
CA TYR B 45 -27.33 22.91 40.19
C TYR B 45 -28.53 22.74 39.26
N PHE B 46 -28.71 21.53 38.74
CA PHE B 46 -29.85 21.16 37.91
C PHE B 46 -30.61 20.02 38.59
N ASP B 47 -31.87 19.84 38.19
CA ASP B 47 -32.68 18.72 38.64
C ASP B 47 -32.52 17.49 37.77
N ASN B 48 -32.11 17.65 36.51
CA ASN B 48 -31.86 16.52 35.62
C ASN B 48 -30.96 17.03 34.49
N ILE B 49 -29.91 16.27 34.17
CA ILE B 49 -28.94 16.68 33.18
C ILE B 49 -28.89 15.66 32.06
N ALA B 50 -30.03 15.01 31.81
CA ALA B 50 -30.10 13.79 31.01
C ALA B 50 -29.17 13.76 29.80
N GLY B 51 -29.10 14.85 29.05
CA GLY B 51 -28.39 14.81 27.78
C GLY B 51 -27.22 15.76 27.61
N VAL B 52 -26.64 16.26 28.70
CA VAL B 52 -25.45 17.10 28.60
C VAL B 52 -24.24 16.22 28.87
N THR B 53 -23.24 16.30 27.98
CA THR B 53 -22.03 15.50 28.10
C THR B 53 -20.83 16.42 28.33
N VAL B 54 -19.70 15.80 28.69
CA VAL B 54 -18.46 16.54 28.84
C VAL B 54 -18.11 17.21 27.51
N ARG B 55 -17.41 18.34 27.60
CA ARG B 55 -17.06 19.14 26.42
C ARG B 55 -18.31 19.61 25.68
N GLY B 56 -19.42 19.71 26.41
CA GLY B 56 -20.64 20.25 25.84
C GLY B 56 -20.67 21.76 25.96
N LYS B 57 -21.14 22.44 24.92
CA LYS B 57 -21.08 23.89 24.89
C LYS B 57 -21.99 24.50 25.95
N VAL B 58 -21.56 25.63 26.49
CA VAL B 58 -22.43 26.51 27.28
C VAL B 58 -22.57 27.81 26.49
N THR B 59 -23.77 28.34 26.45
CA THR B 59 -24.07 29.45 25.56
C THR B 59 -24.99 30.46 26.23
N LEU B 60 -25.01 31.66 25.65
CA LEU B 60 -25.93 32.73 26.05
C LEU B 60 -26.44 33.38 24.77
N ALA B 61 -27.74 33.63 24.71
CA ALA B 61 -28.38 34.24 23.55
C ALA B 61 -28.00 33.52 22.26
N GLY B 62 -27.71 32.22 22.38
CA GLY B 62 -27.38 31.42 21.21
C GLY B 62 -25.90 31.27 20.94
N VAL B 63 -25.09 32.25 21.32
CA VAL B 63 -23.66 32.21 21.03
C VAL B 63 -22.93 31.50 22.15
N THR B 64 -21.94 30.69 21.78
CA THR B 64 -21.16 29.94 22.75
C THR B 64 -20.25 30.86 23.55
N ILE B 65 -20.09 30.55 24.83
CA ILE B 65 -19.18 31.30 25.69
C ILE B 65 -18.09 30.37 26.18
N GLY B 66 -18.37 29.07 26.17
CA GLY B 66 -17.40 28.08 26.56
C GLY B 66 -18.00 26.70 26.48
N LYS B 67 -17.36 25.76 27.16
CA LYS B 67 -17.85 24.40 27.26
C LYS B 67 -18.03 24.02 28.72
N VAL B 68 -18.86 23.02 28.97
CA VAL B 68 -18.97 22.46 30.30
C VAL B 68 -17.73 21.62 30.56
N THR B 69 -17.31 21.53 31.82
CA THR B 69 -16.08 20.83 32.13
C THR B 69 -16.35 19.47 32.76
N ALA B 70 -17.25 19.39 33.73
CA ALA B 70 -17.53 18.11 34.36
C ALA B 70 -18.92 18.11 34.98
N VAL B 71 -19.43 16.90 35.22
CA VAL B 71 -20.75 16.71 35.83
C VAL B 71 -20.55 15.86 37.09
N ASP B 72 -21.36 16.14 38.12
CA ASP B 72 -21.21 15.51 39.42
C ASP B 72 -22.60 15.20 39.99
N LEU B 73 -22.71 14.06 40.65
CA LEU B 73 -23.89 13.71 41.42
C LEU B 73 -23.58 13.94 42.88
N ASP B 74 -24.13 15.02 43.44
CA ASP B 74 -23.82 15.36 44.82
C ASP B 74 -24.42 14.32 45.77
N ARG B 75 -23.61 13.93 46.75
CA ARG B 75 -24.02 12.93 47.74
C ARG B 75 -25.09 13.44 48.69
N ASP B 76 -25.40 14.74 48.67
CA ASP B 76 -26.29 15.34 49.66
C ASP B 76 -27.70 15.58 49.14
N SER B 77 -27.85 16.33 48.06
CA SER B 77 -29.16 16.78 47.60
C SER B 77 -29.69 16.01 46.39
N TYR B 78 -28.91 15.06 45.86
CA TYR B 78 -29.37 14.18 44.79
C TYR B 78 -29.77 14.96 43.55
N THR B 79 -29.07 16.05 43.28
CA THR B 79 -29.23 16.84 42.07
C THR B 79 -27.95 16.73 41.24
N GLY B 80 -27.90 17.47 40.14
CA GLY B 80 -26.74 17.44 39.28
C GLY B 80 -25.94 18.72 39.33
N ARG B 81 -24.70 18.65 39.79
CA ARG B 81 -23.82 19.82 39.84
C ARG B 81 -22.92 19.77 38.62
N VAL B 82 -23.12 20.70 37.70
CA VAL B 82 -22.29 20.82 36.51
C VAL B 82 -21.32 21.96 36.72
N THR B 83 -20.03 21.68 36.53
CA THR B 83 -19.00 22.70 36.50
C THR B 83 -18.65 22.98 35.04
N MET B 84 -18.64 24.27 34.68
CA MET B 84 -18.48 24.67 33.29
C MET B 84 -17.54 25.86 33.24
N GLU B 85 -16.72 25.90 32.19
CA GLU B 85 -15.86 27.04 31.96
C GLU B 85 -16.61 28.14 31.24
N ILE B 86 -16.13 29.37 31.39
CA ILE B 86 -16.67 30.54 30.70
C ILE B 86 -15.51 31.41 30.29
N ASN B 87 -15.50 31.82 29.02
CA ASN B 87 -14.43 32.69 28.52
C ASN B 87 -14.34 33.95 29.36
N GLN B 88 -13.11 34.48 29.47
CA GLN B 88 -12.89 35.63 30.34
C GLN B 88 -13.58 36.89 29.82
N ASN B 89 -13.59 37.09 28.50
CA ASN B 89 -14.18 38.31 27.94
C ASN B 89 -15.64 38.45 28.36
N VAL B 90 -16.41 37.36 28.29
CA VAL B 90 -17.78 37.36 28.76
C VAL B 90 -17.72 37.17 30.28
N ASN B 91 -17.86 38.26 31.02
CA ASN B 91 -17.79 38.22 32.48
C ASN B 91 -18.81 39.14 33.12
N ASN B 92 -19.87 39.50 32.37
CA ASN B 92 -20.91 40.39 32.87
C ASN B 92 -22.20 39.64 33.14
N LEU B 93 -22.15 38.33 33.18
CA LEU B 93 -23.34 37.53 33.50
C LEU B 93 -23.73 37.76 34.95
N PRO B 94 -24.93 38.26 35.23
CA PRO B 94 -25.35 38.46 36.62
C PRO B 94 -25.62 37.14 37.33
N VAL B 95 -25.77 37.22 38.66
CA VAL B 95 -25.91 36.00 39.45
C VAL B 95 -27.33 35.48 39.42
N ASP B 96 -28.32 36.38 39.32
CA ASP B 96 -29.71 35.95 39.31
C ASP B 96 -30.11 35.29 37.99
N SER B 97 -29.12 35.07 37.12
CA SER B 97 -29.37 34.46 35.78
C SER B 97 -29.86 33.02 35.92
N THR B 98 -30.76 32.60 35.02
CA THR B 98 -31.30 31.25 35.00
C THR B 98 -30.78 30.52 33.79
N ALA B 99 -29.95 29.52 34.04
CA ALA B 99 -29.44 28.65 33.00
C ALA B 99 -30.29 27.40 32.91
N SER B 100 -30.56 26.97 31.68
CA SER B 100 -31.36 25.78 31.44
C SER B 100 -30.68 24.93 30.38
N ILE B 101 -31.20 23.73 30.18
CA ILE B 101 -30.65 22.78 29.23
C ILE B 101 -31.51 22.81 27.97
N LEU B 102 -30.91 23.28 26.88
CA LEU B 102 -31.60 23.39 25.60
C LEU B 102 -31.07 22.34 24.65
N THR B 103 -31.89 21.98 23.67
CA THR B 103 -31.55 20.98 22.67
C THR B 103 -31.17 21.69 21.38
N ALA B 104 -29.97 21.41 20.89
CA ALA B 104 -29.49 22.05 19.67
C ALA B 104 -30.32 21.59 18.48
N GLY B 105 -30.84 22.55 17.71
CA GLY B 105 -31.71 22.24 16.59
C GLY B 105 -32.98 21.56 17.06
N LEU B 106 -33.12 20.27 16.74
CA LEU B 106 -34.23 19.48 17.25
C LEU B 106 -33.81 18.14 17.86
N LEU B 107 -32.74 17.55 17.30
CA LEU B 107 -32.25 16.22 17.72
C LEU B 107 -30.74 16.26 18.05
N GLY B 108 -30.17 17.46 18.19
CA GLY B 108 -28.78 17.63 18.53
C GLY B 108 -28.52 17.44 20.02
N GLU B 109 -27.25 17.57 20.39
CA GLU B 109 -26.86 17.42 21.78
C GLU B 109 -27.49 18.51 22.63
N LYS B 110 -27.73 18.18 23.89
CA LYS B 110 -28.32 19.13 24.83
C LYS B 110 -27.23 19.99 25.45
N TYR B 111 -27.12 21.23 24.99
CA TYR B 111 -26.21 22.19 25.61
C TYR B 111 -26.95 22.94 26.72
N ILE B 112 -26.25 23.90 27.31
CA ILE B 112 -26.82 24.72 28.38
C ILE B 112 -26.82 26.17 27.92
N GLY B 113 -28.00 26.78 27.90
CA GLY B 113 -28.16 28.18 27.55
C GLY B 113 -28.64 28.96 28.76
N ILE B 114 -28.03 30.12 29.00
CA ILE B 114 -28.29 30.93 30.18
C ILE B 114 -29.11 32.13 29.76
N SER B 115 -29.89 32.66 30.69
CA SER B 115 -30.72 33.84 30.45
C SER B 115 -30.05 35.09 31.03
N VAL B 116 -30.74 36.22 30.91
CA VAL B 116 -30.25 37.46 31.50
C VAL B 116 -30.74 37.57 32.93
N GLY B 117 -29.80 37.74 33.86
CA GLY B 117 -30.13 37.79 35.27
C GLY B 117 -30.30 39.15 35.91
N GLY B 118 -31.16 39.99 35.35
CA GLY B 118 -31.39 41.31 35.91
C GLY B 118 -30.15 42.18 35.97
N ASP B 119 -29.98 42.93 37.05
CA ASP B 119 -28.88 43.89 37.13
C ASP B 119 -28.22 43.93 38.50
N GLU B 120 -28.24 42.82 39.24
CA GLU B 120 -27.60 42.79 40.55
C GLU B 120 -26.13 42.41 40.39
N ASP B 121 -25.47 42.06 41.50
CA ASP B 121 -24.05 41.70 41.46
C ASP B 121 -23.78 40.68 40.36
N VAL B 122 -22.67 40.87 39.66
CA VAL B 122 -22.44 40.13 38.42
C VAL B 122 -22.07 38.68 38.69
N LEU B 123 -20.91 38.44 39.28
CA LEU B 123 -20.34 37.09 39.33
C LEU B 123 -19.13 37.09 40.26
N LYS B 124 -18.67 35.89 40.56
CA LYS B 124 -17.32 35.68 41.08
C LYS B 124 -16.45 34.86 40.14
N ASP B 125 -17.03 34.27 39.09
CA ASP B 125 -16.31 33.43 38.13
C ASP B 125 -15.56 32.31 38.86
N GLY B 126 -16.36 31.43 39.44
CA GLY B 126 -15.91 30.44 40.39
C GLY B 126 -17.00 30.19 41.41
N SER B 127 -18.05 31.01 41.34
CA SER B 127 -19.22 30.87 42.19
C SER B 127 -20.20 29.87 41.60
N THR B 128 -21.41 29.83 42.16
CA THR B 128 -22.45 28.92 41.73
C THR B 128 -23.67 29.71 41.27
N ILE B 129 -24.44 29.13 40.36
CA ILE B 129 -25.69 29.73 39.92
C ILE B 129 -26.79 29.23 40.85
N HIS B 130 -27.86 30.03 40.96
CA HIS B 130 -28.88 29.83 41.98
C HIS B 130 -30.06 29.02 41.45
N ASP B 131 -30.75 29.54 40.44
CA ASP B 131 -31.97 28.93 39.91
C ASP B 131 -31.69 28.37 38.52
N THR B 132 -32.60 27.52 38.05
CA THR B 132 -32.43 26.89 36.75
C THR B 132 -33.77 26.35 36.27
N GLN B 133 -33.76 25.84 35.04
CA GLN B 133 -34.83 25.02 34.52
C GLN B 133 -34.21 23.72 34.03
N SER B 134 -34.61 22.62 34.66
CA SER B 134 -33.97 21.33 34.41
C SER B 134 -34.17 20.89 32.97
N ALA B 135 -33.40 19.88 32.57
CA ALA B 135 -33.53 19.29 31.26
C ALA B 135 -34.81 18.46 31.18
N LEU B 136 -35.52 18.61 30.07
CA LEU B 136 -36.76 17.87 29.88
C LEU B 136 -36.47 16.42 29.54
N VAL B 137 -37.47 15.57 29.75
CA VAL B 137 -37.40 14.17 29.35
C VAL B 137 -38.70 13.82 28.64
N LEU B 138 -38.58 12.93 27.65
CA LEU B 138 -39.75 12.50 26.89
C LEU B 138 -40.80 11.85 27.76
N GLU B 139 -40.39 11.11 28.80
CA GLU B 139 -41.35 10.32 29.57
C GLU B 139 -42.32 11.21 30.33
N ASP B 140 -41.79 12.08 31.20
CA ASP B 140 -42.65 13.02 31.90
C ASP B 140 -43.37 13.95 30.95
N LEU B 141 -42.75 14.29 29.82
CA LEU B 141 -43.41 15.14 28.83
C LEU B 141 -44.70 14.50 28.34
N ILE B 142 -44.61 13.28 27.81
CA ILE B 142 -45.81 12.62 27.30
C ILE B 142 -46.75 12.25 28.43
N GLY B 143 -46.25 12.01 29.64
CA GLY B 143 -47.14 11.75 30.76
C GLY B 143 -48.01 12.95 31.07
N LYS B 144 -47.40 14.13 31.21
CA LYS B 144 -48.14 15.35 31.47
C LYS B 144 -49.01 15.75 30.28
N PHE B 145 -48.59 15.40 29.05
CA PHE B 145 -49.32 15.80 27.86
C PHE B 145 -50.55 14.95 27.65
N LEU B 146 -50.39 13.63 27.65
CA LEU B 146 -51.48 12.72 27.31
C LEU B 146 -52.38 12.44 28.51
N LEU B 147 -51.80 11.93 29.60
CA LEU B 147 -52.59 11.41 30.71
C LEU B 147 -53.37 12.52 31.41
N ASN B 148 -52.70 13.63 31.71
CA ASN B 148 -53.33 14.65 32.55
C ASN B 148 -54.10 15.67 31.72
N SER B 149 -53.44 16.31 30.76
CA SER B 149 -54.09 17.37 29.99
C SER B 149 -55.18 16.83 29.08
N VAL B 150 -54.81 15.90 28.20
CA VAL B 150 -55.76 15.34 27.25
C VAL B 150 -56.20 13.95 27.69
N THR C 3 18.88 -32.50 15.50
CA THR C 3 18.66 -31.47 14.50
C THR C 3 17.88 -32.02 13.30
N ARG C 4 17.44 -33.25 13.42
CA ARG C 4 16.60 -33.89 12.41
C ARG C 4 15.35 -34.52 12.98
N THR C 5 15.40 -34.98 14.23
CA THR C 5 14.22 -35.58 14.85
C THR C 5 13.21 -34.51 15.24
N LEU C 6 13.69 -33.37 15.73
CA LEU C 6 12.80 -32.29 16.15
C LEU C 6 12.40 -31.38 15.00
N GLU C 7 13.10 -31.44 13.86
CA GLU C 7 12.66 -30.69 12.70
C GLU C 7 11.34 -31.22 12.17
N ILE C 8 11.25 -32.53 11.98
CA ILE C 8 9.97 -33.10 11.57
C ILE C 8 8.93 -32.94 12.66
N GLY C 9 9.37 -32.89 13.93
CA GLY C 9 8.45 -32.61 15.02
C GLY C 9 7.83 -31.24 14.95
N VAL C 10 8.62 -30.20 14.72
CA VAL C 10 8.05 -28.86 14.55
C VAL C 10 7.22 -28.79 13.28
N GLY C 11 7.62 -29.54 12.24
CA GLY C 11 6.81 -29.62 11.05
C GLY C 11 5.42 -30.17 11.29
N LEU C 12 5.33 -31.27 12.05
CA LEU C 12 4.02 -31.85 12.35
C LEU C 12 3.25 -30.96 13.33
N PHE C 13 3.93 -30.32 14.27
CA PHE C 13 3.28 -29.33 15.12
C PHE C 13 2.63 -28.23 14.29
N LEU C 14 3.36 -27.68 13.31
CA LEU C 14 2.83 -26.61 12.49
C LEU C 14 1.71 -27.09 11.58
N LEU C 15 1.84 -28.30 11.02
CA LEU C 15 0.76 -28.85 10.20
C LEU C 15 -0.51 -29.04 11.02
N ALA C 16 -0.39 -29.55 12.24
CA ALA C 16 -1.55 -29.70 13.12
C ALA C 16 -2.12 -28.37 13.55
N GLY C 17 -1.29 -27.35 13.73
CA GLY C 17 -1.77 -26.03 14.08
C GLY C 17 -2.52 -25.40 12.92
N LEU C 18 -2.03 -25.62 11.70
CA LEU C 18 -2.72 -25.10 10.52
C LEU C 18 -4.05 -25.81 10.30
N LEU C 19 -4.08 -27.14 10.46
CA LEU C 19 -5.34 -27.86 10.38
C LEU C 19 -6.29 -27.46 11.49
N ALA C 20 -5.74 -27.21 12.69
CA ALA C 20 -6.56 -26.70 13.78
C ALA C 20 -7.18 -25.36 13.45
N LEU C 21 -6.40 -24.44 12.89
CA LEU C 21 -6.95 -23.17 12.44
C LEU C 21 -8.04 -23.35 11.40
N LEU C 22 -7.79 -24.22 10.41
CA LEU C 22 -8.79 -24.46 9.38
C LEU C 22 -10.10 -24.98 9.97
N LEU C 23 -10.02 -25.97 10.86
CA LEU C 23 -11.23 -26.53 11.44
C LEU C 23 -11.93 -25.57 12.39
N LEU C 24 -11.19 -24.81 13.18
CA LEU C 24 -11.81 -23.83 14.07
C LEU C 24 -12.38 -22.63 13.32
N ALA C 25 -11.95 -22.42 12.07
CA ALA C 25 -12.62 -21.48 11.19
C ALA C 25 -13.86 -22.06 10.53
N LEU C 26 -13.78 -23.28 10.02
CA LEU C 26 -14.89 -23.89 9.33
C LEU C 26 -16.15 -23.98 10.19
N ARG C 27 -16.01 -24.25 11.48
CA ARG C 27 -17.15 -24.48 12.36
C ARG C 27 -18.00 -23.23 12.59
N VAL C 28 -17.64 -22.10 11.98
CA VAL C 28 -18.49 -20.92 12.08
C VAL C 28 -19.76 -21.09 11.27
N SER C 29 -19.65 -21.47 10.00
CA SER C 29 -20.83 -21.82 9.23
C SER C 29 -21.42 -23.12 9.78
N GLY C 30 -22.68 -23.38 9.44
CA GLY C 30 -23.35 -24.48 10.09
C GLY C 30 -23.45 -24.20 11.57
N LEU C 31 -24.34 -23.28 11.94
CA LEU C 31 -24.37 -22.51 13.21
C LEU C 31 -23.85 -23.40 14.35
N SER C 32 -22.92 -22.89 15.17
CA SER C 32 -22.05 -23.77 15.95
C SER C 32 -22.70 -24.36 17.19
N VAL C 33 -24.02 -24.41 17.28
CA VAL C 33 -24.66 -25.16 18.36
C VAL C 33 -24.80 -26.59 17.87
N GLY C 34 -23.72 -27.37 18.04
CA GLY C 34 -23.65 -28.72 17.53
C GLY C 34 -24.09 -28.87 16.09
N ASN C 35 -25.12 -29.68 15.86
CA ASN C 35 -25.76 -29.79 14.56
C ASN C 35 -27.22 -29.38 14.58
N ALA C 36 -27.77 -29.13 15.76
CA ALA C 36 -29.15 -28.68 15.91
C ALA C 36 -29.26 -27.85 17.18
N GLY C 37 -30.41 -27.20 17.35
CA GLY C 37 -30.64 -26.35 18.49
C GLY C 37 -31.80 -26.80 19.35
N ASP C 38 -32.11 -26.04 20.42
CA ASP C 38 -33.22 -26.35 21.31
C ASP C 38 -34.08 -25.08 21.42
N THR C 39 -34.95 -24.89 20.43
CA THR C 39 -35.90 -23.78 20.38
C THR C 39 -37.15 -24.30 19.69
N TYR C 40 -38.26 -24.35 20.42
CA TYR C 40 -39.51 -24.86 19.84
C TYR C 40 -40.30 -23.74 19.19
N LYS C 41 -41.03 -24.09 18.14
CA LYS C 41 -41.69 -23.11 17.27
C LYS C 41 -43.00 -22.64 17.86
N VAL C 42 -43.58 -21.63 17.21
CA VAL C 42 -44.96 -21.23 17.46
C VAL C 42 -45.42 -20.39 16.28
N TYR C 43 -46.73 -20.35 16.06
CA TYR C 43 -47.34 -19.65 14.94
C TYR C 43 -48.15 -18.46 15.43
N ALA C 44 -48.41 -17.52 14.53
CA ALA C 44 -49.27 -16.38 14.82
C ALA C 44 -49.84 -15.84 13.52
N TYR C 45 -51.12 -15.44 13.55
CA TYR C 45 -51.81 -14.90 12.38
C TYR C 45 -52.06 -13.42 12.61
N PHE C 46 -51.46 -12.58 11.76
CA PHE C 46 -51.64 -11.14 11.80
C PHE C 46 -52.32 -10.67 10.52
N ASP C 47 -52.80 -9.42 10.56
CA ASP C 47 -53.40 -8.78 9.39
C ASP C 47 -52.41 -7.94 8.61
N ASN C 48 -51.29 -7.56 9.20
CA ASN C 48 -50.28 -6.73 8.54
C ASN C 48 -48.99 -6.86 9.31
N ILE C 49 -47.91 -7.22 8.62
CA ILE C 49 -46.62 -7.45 9.26
C ILE C 49 -45.55 -6.57 8.63
N ALA C 50 -45.94 -5.36 8.22
CA ALA C 50 -45.13 -4.45 7.40
C ALA C 50 -43.65 -4.40 7.79
N GLY C 51 -43.35 -4.41 9.09
CA GLY C 51 -41.97 -4.32 9.52
C GLY C 51 -41.51 -5.52 10.32
N VAL C 52 -41.99 -6.70 9.95
CA VAL C 52 -41.71 -7.93 10.69
C VAL C 52 -40.91 -8.87 9.80
N THR C 53 -40.01 -8.30 9.00
CA THR C 53 -39.15 -9.09 8.13
C THR C 53 -38.43 -10.18 8.92
N VAL C 54 -37.92 -11.17 8.17
CA VAL C 54 -37.44 -12.40 8.79
C VAL C 54 -36.34 -12.12 9.80
N ARG C 55 -36.23 -13.00 10.79
CA ARG C 55 -35.18 -12.97 11.78
C ARG C 55 -35.22 -11.69 12.62
N GLY C 56 -36.44 -11.36 13.04
CA GLY C 56 -36.64 -10.29 13.99
C GLY C 56 -36.63 -10.84 15.40
N LYS C 57 -36.90 -9.95 16.35
CA LYS C 57 -36.97 -10.34 17.76
C LYS C 57 -38.43 -10.49 18.18
N VAL C 58 -38.75 -11.62 18.81
CA VAL C 58 -40.01 -11.77 19.52
C VAL C 58 -39.72 -11.50 20.99
N THR C 59 -40.73 -11.09 21.75
CA THR C 59 -40.49 -10.69 23.13
C THR C 59 -41.76 -10.72 23.98
N LEU C 60 -41.52 -10.71 25.28
CA LEU C 60 -42.53 -10.45 26.29
C LEU C 60 -41.94 -9.46 27.30
N ALA C 61 -42.76 -8.51 27.74
CA ALA C 61 -42.37 -7.53 28.75
C ALA C 61 -41.07 -6.82 28.37
N GLY C 62 -40.79 -6.74 27.07
CA GLY C 62 -39.59 -6.11 26.56
C GLY C 62 -38.42 -7.02 26.30
N VAL C 63 -38.27 -8.08 27.09
CA VAL C 63 -37.09 -8.95 26.98
C VAL C 63 -37.29 -9.92 25.83
N THR C 64 -36.23 -10.11 25.04
CA THR C 64 -36.33 -10.97 23.86
C THR C 64 -36.50 -12.42 24.28
N ILE C 65 -37.45 -13.10 23.63
CA ILE C 65 -37.70 -14.52 23.85
C ILE C 65 -37.04 -15.37 22.78
N GLY C 66 -37.14 -14.96 21.51
CA GLY C 66 -36.63 -15.76 20.43
C GLY C 66 -36.71 -15.00 19.12
N LYS C 67 -36.46 -15.73 18.05
CA LYS C 67 -36.41 -15.17 16.71
C LYS C 67 -37.73 -15.36 15.99
N VAL C 68 -37.96 -14.54 14.98
CA VAL C 68 -38.97 -14.78 13.97
C VAL C 68 -38.31 -15.57 12.84
N THR C 69 -38.77 -16.80 12.64
CA THR C 69 -38.12 -17.67 11.64
C THR C 69 -38.60 -17.30 10.23
N ALA C 70 -39.91 -17.30 10.02
CA ALA C 70 -40.43 -17.07 8.68
C ALA C 70 -41.78 -16.37 8.73
N VAL C 71 -42.11 -15.74 7.62
CA VAL C 71 -43.41 -15.11 7.41
C VAL C 71 -43.95 -15.57 6.07
N ASP C 72 -45.26 -15.67 5.94
CA ASP C 72 -45.87 -16.17 4.72
C ASP C 72 -47.27 -15.63 4.53
N LEU C 73 -47.62 -15.36 3.28
CA LEU C 73 -48.98 -14.98 2.91
C LEU C 73 -49.79 -16.26 2.70
N ASP C 74 -50.56 -16.66 3.72
CA ASP C 74 -51.38 -17.86 3.60
C ASP C 74 -52.44 -17.63 2.54
N ARG C 75 -52.42 -18.46 1.49
CA ARG C 75 -53.16 -18.19 0.26
C ARG C 75 -54.67 -18.23 0.45
N ASP C 76 -55.17 -18.62 1.63
CA ASP C 76 -56.61 -18.69 1.84
C ASP C 76 -57.16 -17.39 2.42
N SER C 77 -56.62 -16.93 3.56
CA SER C 77 -57.16 -15.78 4.26
C SER C 77 -56.50 -14.46 3.88
N TYR C 78 -55.44 -14.50 3.07
CA TYR C 78 -54.71 -13.30 2.65
C TYR C 78 -54.13 -12.55 3.85
N THR C 79 -53.92 -13.25 4.95
CA THR C 79 -53.32 -12.69 6.16
C THR C 79 -51.83 -13.06 6.17
N GLY C 80 -51.16 -12.77 7.29
CA GLY C 80 -49.77 -13.12 7.46
C GLY C 80 -49.62 -14.16 8.56
N ARG C 81 -48.96 -15.27 8.21
CA ARG C 81 -48.60 -16.29 9.17
C ARG C 81 -47.13 -16.12 9.48
N VAL C 82 -46.83 -15.77 10.73
CA VAL C 82 -45.45 -15.68 11.19
C VAL C 82 -45.18 -16.88 12.09
N THR C 83 -44.07 -17.55 11.81
CA THR C 83 -43.61 -18.66 12.62
C THR C 83 -42.28 -18.29 13.24
N MET C 84 -42.18 -18.50 14.55
CA MET C 84 -41.09 -17.94 15.34
C MET C 84 -40.65 -18.95 16.39
N GLU C 85 -39.35 -19.05 16.60
CA GLU C 85 -38.78 -19.93 17.61
C GLU C 85 -38.85 -19.24 18.97
N ILE C 86 -38.99 -20.04 20.02
CA ILE C 86 -39.05 -19.58 21.40
C ILE C 86 -37.97 -20.28 22.19
N ASN C 87 -37.21 -19.52 22.96
CA ASN C 87 -36.23 -20.12 23.86
C ASN C 87 -36.93 -21.12 24.78
N GLN C 88 -36.37 -22.33 24.85
CA GLN C 88 -37.07 -23.44 25.48
C GLN C 88 -37.37 -23.18 26.96
N ASN C 89 -36.49 -22.45 27.65
CA ASN C 89 -36.78 -22.09 29.03
C ASN C 89 -38.11 -21.34 29.13
N VAL C 90 -38.39 -20.50 28.14
CA VAL C 90 -39.67 -19.78 28.05
C VAL C 90 -40.71 -20.79 27.59
N ASN C 91 -41.46 -21.35 28.53
CA ASN C 91 -42.42 -22.41 28.21
C ASN C 91 -43.73 -22.27 28.99
N ASN C 92 -44.07 -21.06 29.45
CA ASN C 92 -45.20 -20.90 30.36
C ASN C 92 -46.20 -19.85 29.89
N LEU C 93 -46.09 -19.39 28.64
CA LEU C 93 -47.05 -18.42 28.12
C LEU C 93 -48.38 -19.13 27.85
N PRO C 94 -49.48 -18.70 28.44
CA PRO C 94 -50.77 -19.35 28.20
C PRO C 94 -51.22 -19.15 26.76
N VAL C 95 -52.18 -20.00 26.36
CA VAL C 95 -52.64 -20.01 24.97
C VAL C 95 -53.31 -18.69 24.61
N ASP C 96 -54.10 -18.14 25.53
CA ASP C 96 -54.84 -16.90 25.28
C ASP C 96 -53.94 -15.67 25.22
N SER C 97 -52.63 -15.84 25.28
CA SER C 97 -51.72 -14.70 25.23
C SER C 97 -51.82 -14.02 23.86
N THR C 98 -51.73 -12.70 23.87
CA THR C 98 -51.80 -11.92 22.64
C THR C 98 -50.39 -11.61 22.15
N ALA C 99 -50.25 -11.34 20.86
CA ALA C 99 -48.96 -11.03 20.25
C ALA C 99 -49.15 -9.88 19.28
N SER C 100 -48.61 -8.71 19.62
CA SER C 100 -48.81 -7.51 18.83
C SER C 100 -47.48 -7.02 18.28
N ILE C 101 -47.50 -6.49 17.07
CA ILE C 101 -46.29 -5.93 16.46
C ILE C 101 -46.03 -4.56 17.06
N LEU C 102 -45.00 -4.46 17.88
CA LEU C 102 -44.58 -3.19 18.42
C LEU C 102 -43.44 -2.64 17.58
N THR C 103 -42.83 -1.54 18.02
CA THR C 103 -41.73 -0.92 17.30
C THR C 103 -40.58 -0.67 18.26
N ALA C 104 -39.36 -0.96 17.81
CA ALA C 104 -38.18 -0.79 18.64
C ALA C 104 -37.97 0.69 18.91
N GLY C 105 -38.25 1.11 20.15
CA GLY C 105 -38.13 2.51 20.50
C GLY C 105 -39.09 3.39 19.72
N LEU C 106 -38.55 4.21 18.82
CA LEU C 106 -39.36 5.09 18.00
C LEU C 106 -39.22 4.85 16.50
N LEU C 107 -38.01 4.49 16.06
CA LEU C 107 -37.76 4.30 14.60
C LEU C 107 -37.03 2.97 14.33
N GLY C 108 -36.97 2.07 15.31
CA GLY C 108 -36.36 0.78 15.13
C GLY C 108 -37.23 -0.18 14.35
N GLU C 109 -36.62 -1.30 13.98
CA GLU C 109 -37.32 -2.39 13.24
C GLU C 109 -38.41 -2.96 14.15
N LYS C 110 -39.59 -3.19 13.59
CA LYS C 110 -40.72 -3.69 14.36
C LYS C 110 -40.45 -5.10 14.86
N TYR C 111 -40.47 -5.25 16.19
CA TYR C 111 -40.45 -6.54 16.83
C TYR C 111 -41.88 -6.94 17.16
N ILE C 112 -42.07 -8.19 17.55
CA ILE C 112 -43.38 -8.64 18.01
C ILE C 112 -43.28 -8.93 19.50
N GLY C 113 -44.24 -8.41 20.25
CA GLY C 113 -44.26 -8.57 21.68
C GLY C 113 -45.49 -9.33 22.14
N ILE C 114 -45.29 -10.32 22.99
CA ILE C 114 -46.39 -11.14 23.49
C ILE C 114 -46.74 -10.67 24.89
N SER C 115 -48.03 -10.41 25.11
CA SER C 115 -48.58 -10.12 26.43
C SER C 115 -49.32 -11.36 26.90
N VAL C 116 -49.27 -11.60 28.22
CA VAL C 116 -49.80 -12.80 28.85
C VAL C 116 -51.26 -13.02 28.45
N GLY C 117 -51.99 -11.94 28.25
CA GLY C 117 -53.39 -12.04 27.90
C GLY C 117 -54.22 -12.63 29.02
N GLY C 118 -54.76 -13.83 28.80
CA GLY C 118 -55.50 -14.53 29.82
C GLY C 118 -54.63 -15.53 30.56
N ASP C 119 -55.30 -16.46 31.24
CA ASP C 119 -54.60 -17.48 32.03
C ASP C 119 -55.28 -18.84 31.90
N GLU C 120 -54.71 -19.72 31.10
CA GLU C 120 -55.28 -21.05 30.87
C GLU C 120 -54.16 -21.97 30.41
N ASP C 121 -54.52 -23.11 29.82
CA ASP C 121 -53.59 -24.06 29.23
C ASP C 121 -52.46 -23.34 28.50
N VAL C 122 -51.22 -23.74 28.76
CA VAL C 122 -50.07 -22.92 28.38
C VAL C 122 -49.86 -22.90 26.88
N LEU C 123 -49.47 -24.02 26.31
CA LEU C 123 -48.99 -24.03 24.93
C LEU C 123 -48.62 -25.46 24.57
N LYS C 124 -48.38 -25.69 23.28
CA LYS C 124 -47.74 -26.90 22.80
C LYS C 124 -46.35 -26.65 22.25
N ASP C 125 -45.93 -25.39 22.13
CA ASP C 125 -44.61 -25.01 21.61
C ASP C 125 -44.42 -25.60 20.21
N GLY C 126 -45.23 -25.06 19.29
CA GLY C 126 -45.37 -25.56 17.95
C GLY C 126 -46.80 -25.39 17.51
N SER C 127 -47.62 -24.85 18.40
CA SER C 127 -49.02 -24.56 18.16
C SER C 127 -49.16 -23.17 17.56
N THR C 128 -50.40 -22.66 17.53
CA THR C 128 -50.72 -21.38 16.92
C THR C 128 -51.33 -20.44 17.96
N ILE C 129 -51.11 -19.14 17.77
CA ILE C 129 -51.71 -18.10 18.59
C ILE C 129 -53.00 -17.64 17.92
N HIS C 130 -53.94 -17.20 18.75
CA HIS C 130 -55.30 -16.92 18.29
C HIS C 130 -55.59 -15.44 18.10
N ASP C 131 -55.41 -14.62 19.14
CA ASP C 131 -55.80 -13.22 19.08
C ASP C 131 -54.55 -12.35 19.07
N THR C 132 -54.69 -11.16 18.47
CA THR C 132 -53.55 -10.27 18.27
C THR C 132 -54.05 -8.90 17.85
N GLN C 133 -53.12 -7.95 17.85
CA GLN C 133 -53.32 -6.64 17.24
C GLN C 133 -52.26 -6.47 16.16
N SER C 134 -52.69 -6.30 14.92
CA SER C 134 -51.78 -6.25 13.79
C SER C 134 -50.91 -5.01 13.85
N ALA C 135 -49.92 -4.96 12.97
CA ALA C 135 -48.98 -3.84 12.94
C ALA C 135 -49.68 -2.57 12.46
N LEU C 136 -49.14 -1.42 12.84
CA LEU C 136 -49.69 -0.16 12.41
C LEU C 136 -49.03 0.29 11.11
N VAL C 137 -49.82 0.99 10.28
CA VAL C 137 -49.32 1.59 9.06
C VAL C 137 -49.59 3.08 9.12
N LEU C 138 -48.58 3.87 8.76
CA LEU C 138 -48.67 5.31 8.91
C LEU C 138 -49.81 5.90 8.08
N GLU C 139 -50.13 5.29 6.93
CA GLU C 139 -51.18 5.82 6.08
C GLU C 139 -52.55 5.69 6.73
N ASP C 140 -52.91 4.49 7.20
CA ASP C 140 -54.14 4.32 7.93
C ASP C 140 -54.15 5.17 9.20
N LEU C 141 -53.01 5.29 9.87
CA LEU C 141 -52.92 6.11 11.07
C LEU C 141 -53.31 7.56 10.78
N ILE C 142 -52.69 8.17 9.75
CA ILE C 142 -53.02 9.56 9.45
C ILE C 142 -54.41 9.70 8.85
N GLY C 143 -54.89 8.69 8.13
CA GLY C 143 -56.26 8.74 7.64
C GLY C 143 -57.28 8.76 8.76
N LYS C 144 -57.04 7.97 9.81
CA LYS C 144 -57.91 7.99 10.98
C LYS C 144 -57.73 9.26 11.80
N PHE C 145 -56.50 9.76 11.92
CA PHE C 145 -56.26 10.94 12.71
C PHE C 145 -56.77 12.20 12.01
N LEU C 146 -56.33 12.44 10.78
CA LEU C 146 -56.65 13.69 10.10
C LEU C 146 -58.03 13.63 9.45
N LEU C 147 -58.24 12.71 8.51
CA LEU C 147 -59.46 12.70 7.72
C LEU C 147 -60.67 12.34 8.56
N ASN C 148 -60.50 11.43 9.52
CA ASN C 148 -61.65 10.95 10.28
C ASN C 148 -61.90 11.81 11.52
N SER C 149 -60.92 11.90 12.42
CA SER C 149 -61.14 12.57 13.70
C SER C 149 -61.05 14.08 13.55
N VAL C 150 -59.89 14.58 13.14
CA VAL C 150 -59.67 16.02 13.03
C VAL C 150 -60.11 16.53 11.67
N THR D 3 5.61 -28.65 -14.22
CA THR D 3 5.14 -29.95 -13.75
C THR D 3 3.63 -29.95 -13.61
N ARG D 4 3.09 -31.06 -13.09
CA ARG D 4 1.68 -31.16 -12.79
C ARG D 4 1.35 -30.75 -11.36
N THR D 5 2.34 -30.67 -10.48
CA THR D 5 2.12 -30.12 -9.15
C THR D 5 1.70 -28.66 -9.18
N LEU D 6 2.04 -27.94 -10.25
CA LEU D 6 1.57 -26.57 -10.44
C LEU D 6 0.30 -26.47 -11.27
N GLU D 7 0.23 -27.19 -12.39
CA GLU D 7 -0.96 -27.12 -13.24
C GLU D 7 -2.21 -27.49 -12.48
N ILE D 8 -2.08 -28.32 -11.44
CA ILE D 8 -3.20 -28.54 -10.53
C ILE D 8 -3.34 -27.42 -9.53
N GLY D 9 -2.23 -26.93 -8.96
CA GLY D 9 -2.31 -25.80 -8.05
C GLY D 9 -2.88 -24.55 -8.72
N VAL D 10 -2.33 -24.20 -9.89
CA VAL D 10 -2.86 -23.07 -10.66
C VAL D 10 -4.34 -23.20 -10.94
N GLY D 11 -4.78 -24.34 -11.47
CA GLY D 11 -6.18 -24.56 -11.76
C GLY D 11 -7.05 -24.57 -10.52
N LEU D 12 -6.54 -25.15 -9.44
CA LEU D 12 -7.28 -25.15 -8.18
C LEU D 12 -7.67 -23.75 -7.77
N PHE D 13 -6.76 -22.79 -7.89
CA PHE D 13 -7.05 -21.46 -7.38
C PHE D 13 -7.69 -20.58 -8.45
N LEU D 14 -7.48 -20.91 -9.71
CA LEU D 14 -8.32 -20.34 -10.75
C LEU D 14 -9.78 -20.73 -10.57
N LEU D 15 -10.04 -21.90 -9.99
CA LEU D 15 -11.39 -22.31 -9.62
C LEU D 15 -11.83 -21.66 -8.32
N ALA D 16 -10.92 -21.54 -7.36
CA ALA D 16 -11.27 -20.92 -6.08
C ALA D 16 -11.70 -19.46 -6.27
N GLY D 17 -10.99 -18.73 -7.12
CA GLY D 17 -11.35 -17.35 -7.36
C GLY D 17 -12.69 -17.21 -8.07
N LEU D 18 -12.96 -18.11 -9.03
CA LEU D 18 -14.25 -18.07 -9.71
C LEU D 18 -15.38 -18.46 -8.77
N LEU D 19 -15.11 -19.39 -7.85
CA LEU D 19 -16.10 -19.73 -6.84
C LEU D 19 -16.34 -18.56 -5.90
N ALA D 20 -15.29 -17.78 -5.61
CA ALA D 20 -15.48 -16.58 -4.80
C ALA D 20 -16.30 -15.54 -5.55
N LEU D 21 -16.07 -15.42 -6.86
CA LEU D 21 -16.90 -14.54 -7.67
C LEU D 21 -18.36 -14.98 -7.66
N LEU D 22 -18.59 -16.29 -7.77
CA LEU D 22 -19.96 -16.79 -7.74
C LEU D 22 -20.59 -16.61 -6.37
N LEU D 23 -19.79 -16.71 -5.30
CA LEU D 23 -20.30 -16.45 -3.96
C LEU D 23 -20.70 -14.99 -3.82
N LEU D 24 -19.89 -14.09 -4.37
CA LEU D 24 -20.25 -12.68 -4.33
C LEU D 24 -21.51 -12.40 -5.13
N ALA D 25 -21.66 -13.08 -6.28
CA ALA D 25 -22.80 -12.80 -7.14
C ALA D 25 -24.07 -13.50 -6.65
N LEU D 26 -23.92 -14.54 -5.82
CA LEU D 26 -25.06 -15.34 -5.40
C LEU D 26 -25.33 -15.27 -3.91
N ARG D 27 -24.34 -15.59 -3.07
CA ARG D 27 -24.61 -15.66 -1.65
C ARG D 27 -24.31 -14.34 -0.94
N VAL D 28 -23.82 -13.35 -1.70
CA VAL D 28 -23.62 -12.01 -1.16
C VAL D 28 -24.59 -11.00 -1.74
N SER D 29 -25.15 -11.27 -2.91
CA SER D 29 -26.14 -10.38 -3.51
C SER D 29 -27.48 -11.05 -3.82
N GLY D 30 -27.53 -12.37 -3.99
CA GLY D 30 -28.78 -13.08 -4.17
C GLY D 30 -29.56 -12.71 -5.40
N LEU D 31 -29.00 -12.97 -6.59
CA LEU D 31 -29.72 -12.65 -7.82
C LEU D 31 -30.70 -13.74 -8.22
N SER D 32 -30.17 -14.93 -8.57
CA SER D 32 -31.04 -16.03 -8.99
C SER D 32 -30.37 -17.38 -8.84
N VAL D 33 -30.66 -18.08 -7.74
CA VAL D 33 -30.28 -19.48 -7.56
C VAL D 33 -31.44 -20.31 -7.02
N GLY D 34 -32.60 -19.71 -6.85
CA GLY D 34 -33.68 -20.24 -6.03
C GLY D 34 -34.35 -19.08 -5.34
N ASN D 35 -33.84 -17.89 -5.61
CA ASN D 35 -34.43 -16.63 -5.18
C ASN D 35 -35.60 -16.28 -6.08
N ALA D 36 -36.04 -15.02 -6.03
CA ALA D 36 -37.10 -14.52 -6.90
C ALA D 36 -36.96 -15.03 -8.31
N GLY D 37 -37.99 -15.70 -8.80
CA GLY D 37 -37.92 -16.41 -10.07
C GLY D 37 -39.10 -16.07 -10.93
N ASP D 38 -39.88 -17.09 -11.29
CA ASP D 38 -41.07 -16.90 -12.12
C ASP D 38 -42.03 -15.94 -11.42
N THR D 39 -42.16 -14.74 -11.96
CA THR D 39 -43.04 -13.71 -11.43
C THR D 39 -43.74 -13.03 -12.58
N TYR D 40 -44.99 -12.62 -12.38
CA TYR D 40 -45.80 -12.09 -13.46
C TYR D 40 -46.18 -10.64 -13.19
N LYS D 41 -46.17 -9.83 -14.25
CA LYS D 41 -46.26 -8.38 -14.15
C LYS D 41 -47.70 -7.92 -13.92
N VAL D 42 -47.83 -6.79 -13.22
CA VAL D 42 -49.11 -6.14 -13.00
C VAL D 42 -48.90 -4.63 -13.11
N TYR D 43 -49.85 -3.97 -13.77
CA TYR D 43 -49.88 -2.52 -13.92
C TYR D 43 -50.68 -1.89 -12.77
N ALA D 44 -50.40 -0.61 -12.53
CA ALA D 44 -51.13 0.13 -11.50
C ALA D 44 -51.08 1.62 -11.82
N TYR D 45 -52.23 2.28 -11.77
CA TYR D 45 -52.32 3.72 -11.98
C TYR D 45 -52.46 4.42 -10.63
N PHE D 46 -51.49 5.27 -10.30
CA PHE D 46 -51.50 6.09 -9.09
C PHE D 46 -51.55 7.56 -9.48
N ASP D 47 -51.95 8.39 -8.52
CA ASP D 47 -51.97 9.84 -8.72
C ASP D 47 -50.68 10.52 -8.27
N ASN D 48 -49.86 9.86 -7.45
CA ASN D 48 -48.57 10.40 -7.04
C ASN D 48 -47.75 9.26 -6.47
N ILE D 49 -46.52 9.10 -6.96
CA ILE D 49 -45.65 8.01 -6.56
C ILE D 49 -44.35 8.54 -5.99
N ALA D 50 -44.42 9.71 -5.35
CA ALA D 50 -43.28 10.54 -4.95
C ALA D 50 -42.05 9.75 -4.50
N GLY D 51 -42.25 8.74 -3.66
CA GLY D 51 -41.12 8.00 -3.12
C GLY D 51 -40.99 6.58 -3.65
N VAL D 52 -41.84 6.20 -4.59
CA VAL D 52 -41.84 4.85 -5.15
C VAL D 52 -40.66 4.76 -6.11
N THR D 53 -39.59 4.08 -5.69
CA THR D 53 -38.41 3.90 -6.50
C THR D 53 -38.40 2.53 -7.16
N VAL D 54 -37.47 2.34 -8.09
CA VAL D 54 -37.28 1.04 -8.72
C VAL D 54 -36.75 0.05 -7.69
N ARG D 55 -37.03 -1.23 -7.92
CA ARG D 55 -36.61 -2.32 -7.04
C ARG D 55 -37.11 -2.09 -5.62
N GLY D 56 -38.40 -1.72 -5.53
CA GLY D 56 -39.07 -1.59 -4.26
C GLY D 56 -39.68 -2.92 -3.83
N LYS D 57 -40.73 -2.82 -3.03
CA LYS D 57 -41.46 -3.98 -2.56
C LYS D 57 -42.95 -3.74 -2.66
N VAL D 58 -43.63 -4.59 -3.42
CA VAL D 58 -45.10 -4.64 -3.41
C VAL D 58 -45.48 -5.80 -2.50
N THR D 59 -46.45 -5.56 -1.61
CA THR D 59 -46.74 -6.47 -0.53
C THR D 59 -48.24 -6.69 -0.36
N LEU D 60 -48.57 -7.51 0.64
CA LEU D 60 -49.94 -7.77 1.05
C LEU D 60 -49.88 -8.25 2.50
N ALA D 61 -50.66 -7.61 3.37
CA ALA D 61 -50.69 -7.95 4.80
C ALA D 61 -49.29 -7.89 5.41
N GLY D 62 -48.46 -6.98 4.90
CA GLY D 62 -47.13 -6.79 5.44
C GLY D 62 -46.06 -7.62 4.75
N VAL D 63 -46.37 -8.88 4.46
CA VAL D 63 -45.40 -9.77 3.83
C VAL D 63 -45.27 -9.41 2.36
N THR D 64 -44.04 -9.45 1.85
CA THR D 64 -43.78 -9.03 0.48
C THR D 64 -44.44 -9.97 -0.52
N ILE D 65 -44.92 -9.39 -1.61
CA ILE D 65 -45.42 -10.14 -2.74
C ILE D 65 -44.44 -10.16 -3.92
N GLY D 66 -43.76 -9.05 -4.16
CA GLY D 66 -42.76 -9.00 -5.21
C GLY D 66 -42.10 -7.65 -5.21
N LYS D 67 -41.50 -7.30 -6.34
CA LYS D 67 -40.84 -6.00 -6.48
C LYS D 67 -41.56 -5.19 -7.56
N VAL D 68 -41.32 -3.90 -7.55
CA VAL D 68 -41.80 -3.00 -8.60
C VAL D 68 -40.69 -2.89 -9.64
N THR D 69 -41.11 -2.83 -10.90
CA THR D 69 -40.16 -2.88 -12.02
C THR D 69 -39.95 -1.52 -12.68
N ALA D 70 -41.01 -0.78 -12.98
CA ALA D 70 -40.83 0.44 -13.75
C ALA D 70 -41.91 1.46 -13.41
N VAL D 71 -41.51 2.73 -13.33
CA VAL D 71 -42.42 3.84 -13.14
C VAL D 71 -42.47 4.65 -14.43
N ASP D 72 -43.63 5.22 -14.73
CA ASP D 72 -43.82 5.93 -15.98
C ASP D 72 -44.88 7.01 -15.82
N LEU D 73 -44.75 8.08 -16.59
CA LEU D 73 -45.76 9.14 -16.67
C LEU D 73 -46.53 8.96 -17.97
N ASP D 74 -47.77 8.48 -17.87
CA ASP D 74 -48.58 8.29 -19.06
C ASP D 74 -48.89 9.63 -19.71
N ARG D 75 -48.78 9.66 -21.04
CA ARG D 75 -48.87 10.91 -21.79
C ARG D 75 -50.29 11.47 -21.83
N ASP D 76 -51.30 10.70 -21.44
CA ASP D 76 -52.69 11.15 -21.57
C ASP D 76 -53.21 11.80 -20.28
N SER D 77 -53.21 11.05 -19.18
CA SER D 77 -53.80 11.51 -17.94
C SER D 77 -52.78 12.05 -16.95
N TYR D 78 -51.49 12.03 -17.28
CA TYR D 78 -50.44 12.58 -16.43
C TYR D 78 -50.42 11.92 -15.05
N THR D 79 -50.67 10.62 -15.01
CA THR D 79 -50.65 9.86 -13.78
C THR D 79 -49.43 8.93 -13.77
N GLY D 80 -49.17 8.34 -12.62
CA GLY D 80 -48.04 7.44 -12.49
C GLY D 80 -48.41 5.99 -12.70
N ARG D 81 -47.97 5.42 -13.81
CA ARG D 81 -48.19 4.01 -14.10
C ARG D 81 -46.97 3.24 -13.61
N VAL D 82 -47.18 2.33 -12.68
CA VAL D 82 -46.12 1.46 -12.19
C VAL D 82 -46.38 0.05 -12.66
N THR D 83 -45.31 -0.63 -13.05
CA THR D 83 -45.32 -2.04 -13.40
C THR D 83 -44.50 -2.77 -12.35
N MET D 84 -45.11 -3.80 -11.75
CA MET D 84 -44.50 -4.49 -10.62
C MET D 84 -44.64 -5.99 -10.80
N GLU D 85 -43.67 -6.72 -10.26
CA GLU D 85 -43.69 -8.18 -10.32
C GLU D 85 -44.41 -8.77 -9.13
N ILE D 86 -45.19 -9.81 -9.39
CA ILE D 86 -45.93 -10.52 -8.35
C ILE D 86 -45.52 -11.99 -8.41
N ASN D 87 -45.18 -12.56 -7.26
CA ASN D 87 -44.74 -13.95 -7.19
C ASN D 87 -45.80 -14.87 -7.78
N GLN D 88 -45.35 -16.00 -8.32
CA GLN D 88 -46.26 -16.94 -8.96
C GLN D 88 -47.14 -17.65 -7.95
N ASN D 89 -46.59 -18.00 -6.78
CA ASN D 89 -47.38 -18.70 -5.77
C ASN D 89 -48.55 -17.86 -5.31
N VAL D 90 -48.41 -16.53 -5.35
CA VAL D 90 -49.50 -15.63 -4.98
C VAL D 90 -50.18 -15.18 -6.28
N ASN D 91 -51.30 -15.81 -6.60
CA ASN D 91 -52.05 -15.53 -7.81
C ASN D 91 -53.55 -15.53 -7.55
N ASN D 92 -53.97 -15.10 -6.37
CA ASN D 92 -55.38 -15.07 -6.00
C ASN D 92 -55.83 -13.68 -5.56
N LEU D 93 -55.23 -12.64 -6.10
CA LEU D 93 -55.61 -11.28 -5.73
C LEU D 93 -56.82 -10.84 -6.54
N PRO D 94 -57.93 -10.49 -5.90
CA PRO D 94 -59.12 -10.07 -6.66
C PRO D 94 -58.87 -8.77 -7.42
N VAL D 95 -59.70 -8.56 -8.44
CA VAL D 95 -59.53 -7.38 -9.30
C VAL D 95 -59.87 -6.10 -8.54
N ASP D 96 -60.95 -6.13 -7.75
CA ASP D 96 -61.42 -4.96 -7.03
C ASP D 96 -60.49 -4.53 -5.91
N SER D 97 -59.46 -5.33 -5.59
CA SER D 97 -58.59 -5.01 -4.47
C SER D 97 -57.89 -3.69 -4.70
N THR D 98 -57.56 -3.02 -3.59
CA THR D 98 -56.98 -1.68 -3.63
C THR D 98 -55.45 -1.77 -3.56
N ALA D 99 -54.79 -0.74 -4.10
CA ALA D 99 -53.34 -0.65 -4.09
C ALA D 99 -52.93 0.72 -3.59
N SER D 100 -52.49 0.79 -2.34
CA SER D 100 -52.04 2.05 -1.74
C SER D 100 -50.51 2.08 -1.73
N ILE D 101 -49.97 3.26 -1.44
CA ILE D 101 -48.54 3.44 -1.28
C ILE D 101 -48.28 3.77 0.19
N LEU D 102 -47.73 2.81 0.92
CA LEU D 102 -47.52 2.94 2.36
C LEU D 102 -46.04 3.20 2.62
N THR D 103 -45.76 4.11 3.56
CA THR D 103 -44.39 4.39 3.94
C THR D 103 -43.91 3.37 4.96
N ALA D 104 -42.81 2.70 4.67
CA ALA D 104 -42.31 1.64 5.54
C ALA D 104 -41.95 2.20 6.90
N GLY D 105 -42.51 1.61 7.95
CA GLY D 105 -42.29 2.10 9.30
C GLY D 105 -42.73 3.53 9.47
N LEU D 106 -41.77 4.42 9.71
CA LEU D 106 -42.04 5.84 9.83
C LEU D 106 -41.18 6.72 8.94
N LEU D 107 -40.02 6.20 8.51
CA LEU D 107 -39.09 6.98 7.66
C LEU D 107 -38.48 6.08 6.59
N GLY D 108 -39.07 4.90 6.36
CA GLY D 108 -38.56 3.97 5.38
C GLY D 108 -39.00 4.31 3.97
N GLU D 109 -38.58 3.45 3.05
CA GLU D 109 -38.93 3.64 1.64
C GLU D 109 -40.41 3.40 1.41
N LYS D 110 -40.96 4.07 0.41
CA LYS D 110 -42.37 3.94 0.10
C LYS D 110 -42.61 2.64 -0.66
N TYR D 111 -43.29 1.69 -0.02
CA TYR D 111 -43.61 0.41 -0.63
C TYR D 111 -45.09 0.38 -1.01
N ILE D 112 -45.38 -0.31 -2.09
CA ILE D 112 -46.77 -0.48 -2.53
C ILE D 112 -47.39 -1.62 -1.73
N GLY D 113 -48.55 -1.35 -1.15
CA GLY D 113 -49.26 -2.35 -0.39
C GLY D 113 -50.65 -2.57 -0.96
N ILE D 114 -51.00 -3.84 -1.14
CA ILE D 114 -52.28 -4.22 -1.72
C ILE D 114 -53.20 -4.70 -0.62
N SER D 115 -54.38 -4.11 -0.55
CA SER D 115 -55.41 -4.53 0.38
C SER D 115 -56.47 -5.33 -0.38
N VAL D 116 -56.75 -6.55 0.08
CA VAL D 116 -57.68 -7.40 -0.63
C VAL D 116 -59.08 -6.84 -0.55
N GLY D 117 -59.70 -6.63 -1.70
CA GLY D 117 -61.08 -6.18 -1.76
C GLY D 117 -62.04 -7.34 -1.59
N GLY D 118 -61.82 -8.41 -2.36
CA GLY D 118 -62.65 -9.59 -2.27
C GLY D 118 -63.60 -9.73 -3.44
N ASP D 119 -63.23 -10.57 -4.41
CA ASP D 119 -64.05 -10.80 -5.60
C ASP D 119 -63.68 -12.14 -6.20
N GLU D 120 -64.64 -12.75 -6.91
CA GLU D 120 -64.44 -14.08 -7.46
C GLU D 120 -63.39 -14.06 -8.57
N ASP D 121 -63.43 -13.06 -9.44
CA ASP D 121 -62.42 -12.91 -10.47
C ASP D 121 -61.11 -12.46 -9.85
N VAL D 122 -60.00 -13.02 -10.34
CA VAL D 122 -58.73 -12.75 -9.70
C VAL D 122 -57.92 -11.73 -10.48
N LEU D 123 -57.41 -12.13 -11.65
CA LEU D 123 -56.40 -11.36 -12.36
C LEU D 123 -56.12 -12.07 -13.69
N LYS D 124 -55.32 -11.41 -14.52
CA LYS D 124 -54.66 -12.06 -15.64
C LYS D 124 -53.15 -12.09 -15.50
N ASP D 125 -52.60 -11.45 -14.46
CA ASP D 125 -51.15 -11.37 -14.23
C ASP D 125 -50.45 -10.83 -15.49
N GLY D 126 -50.76 -9.56 -15.75
CA GLY D 126 -50.47 -8.91 -17.02
C GLY D 126 -51.56 -7.92 -17.29
N SER D 127 -52.59 -7.95 -16.44
CA SER D 127 -53.65 -6.96 -16.46
C SER D 127 -53.27 -5.79 -15.56
N THR D 128 -54.20 -4.87 -15.33
CA THR D 128 -53.96 -3.70 -14.48
C THR D 128 -54.91 -3.71 -13.30
N ILE D 129 -54.63 -2.83 -12.34
CA ILE D 129 -55.50 -2.62 -11.20
C ILE D 129 -56.36 -1.40 -11.47
N HIS D 130 -57.51 -1.34 -10.80
CA HIS D 130 -58.53 -0.33 -11.10
C HIS D 130 -58.40 0.91 -10.24
N ASP D 131 -58.53 0.77 -8.92
CA ASP D 131 -58.52 1.88 -8.00
C ASP D 131 -57.27 1.83 -7.13
N THR D 132 -57.06 2.90 -6.37
CA THR D 132 -55.85 3.02 -5.56
C THR D 132 -56.05 4.14 -4.54
N GLN D 133 -55.03 4.31 -3.69
CA GLN D 133 -54.87 5.51 -2.87
C GLN D 133 -53.44 5.98 -3.04
N SER D 134 -53.28 7.21 -3.53
CA SER D 134 -51.96 7.70 -3.91
C SER D 134 -51.07 7.87 -2.68
N ALA D 135 -49.77 7.98 -2.95
CA ALA D 135 -48.81 8.25 -1.90
C ALA D 135 -49.05 9.64 -1.31
N LEU D 136 -48.92 9.74 0.00
CA LEU D 136 -49.13 11.01 0.67
C LEU D 136 -47.90 11.89 0.55
N VAL D 137 -48.12 13.20 0.50
CA VAL D 137 -47.04 14.17 0.54
C VAL D 137 -47.28 15.09 1.72
N LEU D 138 -46.19 15.43 2.40
CA LEU D 138 -46.29 16.15 3.66
C LEU D 138 -46.87 17.56 3.47
N GLU D 139 -46.57 18.19 2.33
CA GLU D 139 -47.05 19.55 2.11
C GLU D 139 -48.57 19.62 2.08
N ASP D 140 -49.21 18.82 1.23
CA ASP D 140 -50.66 18.75 1.22
C ASP D 140 -51.22 18.25 2.53
N LEU D 141 -50.53 17.31 3.19
CA LEU D 141 -50.97 16.81 4.48
C LEU D 141 -51.12 17.97 5.48
N ILE D 142 -50.04 18.71 5.70
CA ILE D 142 -50.11 19.82 6.65
C ILE D 142 -50.96 20.96 6.14
N GLY D 143 -51.14 21.09 4.82
CA GLY D 143 -52.08 22.08 4.31
C GLY D 143 -53.51 21.77 4.71
N LYS D 144 -53.91 20.50 4.58
CA LYS D 144 -55.22 20.08 5.05
C LYS D 144 -55.32 20.14 6.57
N PHE D 145 -54.22 19.89 7.27
CA PHE D 145 -54.25 19.86 8.73
C PHE D 145 -54.38 21.27 9.31
N LEU D 146 -53.39 22.11 9.05
CA LEU D 146 -53.37 23.46 9.62
C LEU D 146 -54.34 24.39 8.92
N LEU D 147 -54.13 24.61 7.62
CA LEU D 147 -54.88 25.63 6.90
C LEU D 147 -56.36 25.30 6.81
N ASN D 148 -56.68 24.09 6.37
CA ASN D 148 -58.08 23.75 6.09
C ASN D 148 -58.82 23.29 7.33
N SER D 149 -58.30 22.28 8.04
CA SER D 149 -59.06 21.68 9.14
C SER D 149 -59.22 22.66 10.29
N VAL D 150 -58.11 23.09 10.90
CA VAL D 150 -58.17 23.98 12.05
C VAL D 150 -57.60 25.34 11.70
N GLN E 2 15.49 9.61 -33.26
CA GLN E 2 14.23 10.29 -32.96
C GLN E 2 13.21 9.30 -32.40
N THR E 3 13.70 8.21 -31.81
CA THR E 3 12.81 7.27 -31.13
C THR E 3 12.15 7.93 -29.93
N ARG E 4 12.95 8.67 -29.15
CA ARG E 4 12.42 9.44 -28.03
C ARG E 4 11.26 10.33 -28.46
N THR E 5 11.32 10.89 -29.67
CA THR E 5 10.22 11.71 -30.15
C THR E 5 8.93 10.94 -30.25
N LEU E 6 8.94 9.77 -30.88
CA LEU E 6 7.75 8.93 -30.97
C LEU E 6 7.28 8.44 -29.61
N GLU E 7 8.22 8.12 -28.71
CA GLU E 7 7.84 7.71 -27.37
C GLU E 7 7.13 8.82 -26.63
N ILE E 8 7.63 10.05 -26.74
CA ILE E 8 6.97 11.19 -26.11
C ILE E 8 5.62 11.45 -26.77
N GLY E 9 5.53 11.27 -28.09
CA GLY E 9 4.25 11.42 -28.76
C GLY E 9 3.20 10.47 -28.24
N VAL E 10 3.54 9.19 -28.10
CA VAL E 10 2.61 8.21 -27.54
C VAL E 10 2.32 8.47 -26.07
N GLY E 11 3.32 8.91 -25.29
CA GLY E 11 3.05 9.28 -23.91
C GLY E 11 2.05 10.42 -23.80
N LEU E 12 2.16 11.40 -24.70
CA LEU E 12 1.20 12.49 -24.70
C LEU E 12 -0.17 12.02 -25.17
N PHE E 13 -0.21 11.11 -26.15
CA PHE E 13 -1.49 10.53 -26.56
C PHE E 13 -2.17 9.82 -25.41
N LEU E 14 -1.41 9.14 -24.56
CA LEU E 14 -2.02 8.42 -23.44
C LEU E 14 -2.40 9.38 -22.32
N LEU E 15 -1.54 10.39 -22.10
CA LEU E 15 -1.81 11.42 -21.07
C LEU E 15 -3.14 12.11 -21.45
N ALA E 16 -3.34 12.37 -22.75
CA ALA E 16 -4.57 13.00 -23.19
C ALA E 16 -5.78 12.19 -22.76
N GLY E 17 -5.80 10.89 -23.09
CA GLY E 17 -6.90 10.04 -22.67
C GLY E 17 -7.05 9.97 -21.17
N LEU E 18 -5.92 10.00 -20.45
CA LEU E 18 -5.94 9.97 -18.97
C LEU E 18 -6.62 11.25 -18.47
N LEU E 19 -6.35 12.37 -19.14
CA LEU E 19 -6.98 13.69 -18.79
C LEU E 19 -8.49 13.58 -18.99
N ALA E 20 -8.90 12.91 -20.07
CA ALA E 20 -10.34 12.72 -20.40
C ALA E 20 -10.89 11.51 -19.63
N LEU E 21 -10.00 10.78 -18.94
CA LEU E 21 -10.40 9.59 -18.15
C LEU E 21 -10.91 10.05 -16.78
N LEU E 22 -10.58 11.29 -16.40
CA LEU E 22 -11.03 11.85 -15.09
C LEU E 22 -12.57 11.88 -15.08
N LEU E 23 -13.18 12.29 -16.19
CA LEU E 23 -14.66 12.34 -16.34
C LEU E 23 -15.28 13.12 -15.17
N LEU E 24 -14.73 14.29 -14.84
CA LEU E 24 -15.30 15.14 -13.77
C LEU E 24 -16.51 15.87 -14.34
N ALA E 25 -17.71 15.33 -14.11
CA ALA E 25 -18.97 15.90 -14.64
C ALA E 25 -18.84 16.09 -16.16
N LEU E 26 -18.59 15.00 -16.89
CA LEU E 26 -18.43 15.04 -18.38
C LEU E 26 -19.82 15.25 -19.00
N ARG E 27 -20.64 14.19 -19.06
CA ARG E 27 -22.01 14.31 -19.62
C ARG E 27 -22.88 14.98 -18.55
N VAL E 28 -23.95 15.68 -18.94
CA VAL E 28 -24.72 16.35 -17.89
C VAL E 28 -26.22 16.12 -18.08
N SER E 29 -26.82 15.44 -17.11
CA SER E 29 -28.21 15.00 -17.16
C SER E 29 -28.62 14.46 -15.80
N GLY E 30 -29.78 13.82 -15.73
CA GLY E 30 -30.21 13.14 -14.52
C GLY E 30 -30.34 11.65 -14.73
N LEU E 31 -29.91 11.17 -15.90
CA LEU E 31 -30.05 9.77 -16.26
C LEU E 31 -29.06 9.43 -17.37
N SER E 32 -29.09 8.18 -17.86
CA SER E 32 -28.20 7.72 -18.90
C SER E 32 -28.51 8.40 -20.22
N VAL E 33 -27.61 8.23 -21.19
CA VAL E 33 -27.77 8.86 -22.50
C VAL E 33 -28.73 8.09 -23.41
N GLY E 34 -29.25 6.96 -22.92
CA GLY E 34 -30.27 6.23 -23.70
C GLY E 34 -31.45 7.16 -23.91
N ASN E 35 -31.89 7.80 -22.83
CA ASN E 35 -32.97 8.83 -22.84
C ASN E 35 -32.47 10.05 -23.62
N ALA E 36 -31.18 10.35 -23.45
CA ALA E 36 -30.37 11.44 -24.07
C ALA E 36 -30.57 12.78 -23.36
N GLY E 37 -29.93 13.84 -23.89
CA GLY E 37 -29.99 15.20 -23.32
C GLY E 37 -31.10 16.01 -23.95
N ASP E 38 -31.94 15.37 -24.77
CA ASP E 38 -33.08 16.04 -25.46
C ASP E 38 -34.04 16.63 -24.42
N THR E 39 -33.65 17.72 -23.76
CA THR E 39 -34.47 18.40 -22.79
C THR E 39 -34.36 19.91 -23.01
N TYR E 40 -35.45 20.62 -22.71
CA TYR E 40 -35.53 22.06 -22.90
C TYR E 40 -35.96 22.71 -21.59
N LYS E 41 -35.45 23.91 -21.34
CA LYS E 41 -35.58 24.55 -20.05
C LYS E 41 -37.00 25.02 -19.76
N VAL E 42 -37.21 25.49 -18.53
CA VAL E 42 -38.41 26.22 -18.14
C VAL E 42 -38.06 26.95 -16.85
N TYR E 43 -38.78 28.04 -16.59
CA TYR E 43 -38.58 28.85 -15.40
C TYR E 43 -39.79 28.74 -14.49
N ALA E 44 -39.58 29.08 -13.21
CA ALA E 44 -40.67 29.09 -12.24
C ALA E 44 -40.37 30.15 -11.19
N TYR E 45 -41.37 31.01 -10.94
CA TYR E 45 -41.25 32.08 -9.94
C TYR E 45 -41.83 31.58 -8.62
N PHE E 46 -40.97 31.42 -7.61
CA PHE E 46 -41.38 31.02 -6.28
C PHE E 46 -41.08 32.16 -5.30
N ASP E 47 -41.68 32.07 -4.12
CA ASP E 47 -41.42 33.02 -3.04
C ASP E 47 -40.43 32.50 -2.00
N ASN E 48 -40.24 31.19 -1.92
CA ASN E 48 -39.32 30.62 -0.94
C ASN E 48 -38.88 29.25 -1.43
N ILE E 49 -37.58 29.08 -1.66
CA ILE E 49 -37.04 27.86 -2.25
C ILE E 49 -35.98 27.25 -1.35
N ALA E 50 -36.18 27.37 -0.03
CA ALA E 50 -35.18 27.05 0.99
C ALA E 50 -34.42 25.75 0.76
N GLY E 51 -35.04 24.76 0.12
CA GLY E 51 -34.39 23.48 -0.04
C GLY E 51 -34.36 22.91 -1.45
N VAL E 52 -34.17 23.78 -2.45
CA VAL E 52 -34.28 23.38 -3.84
C VAL E 52 -32.89 23.42 -4.48
N THR E 53 -31.88 23.05 -3.68
CA THR E 53 -30.48 23.06 -4.14
C THR E 53 -30.32 22.41 -5.50
N VAL E 54 -29.26 22.82 -6.20
CA VAL E 54 -29.04 22.40 -7.57
C VAL E 54 -28.92 20.88 -7.68
N ARG E 55 -29.14 20.36 -8.89
CA ARG E 55 -29.06 18.94 -9.18
C ARG E 55 -30.11 18.15 -8.40
N GLY E 56 -31.23 18.79 -8.12
CA GLY E 56 -32.39 18.15 -7.54
C GLY E 56 -33.23 17.45 -8.59
N LYS E 57 -34.52 17.32 -8.30
CA LYS E 57 -35.45 16.66 -9.20
C LYS E 57 -36.75 17.44 -9.31
N VAL E 58 -37.31 17.44 -10.52
CA VAL E 58 -38.66 17.93 -10.75
C VAL E 58 -39.50 16.76 -11.26
N THR E 59 -40.75 16.73 -10.84
CA THR E 59 -41.58 15.57 -11.12
C THR E 59 -43.04 15.99 -11.34
N LEU E 60 -43.82 15.01 -11.80
CA LEU E 60 -45.27 15.11 -11.89
C LEU E 60 -45.84 13.78 -11.44
N ALA E 61 -46.78 13.82 -10.51
CA ALA E 61 -47.42 12.60 -9.99
C ALA E 61 -46.39 11.62 -9.43
N GLY E 62 -45.28 12.15 -8.91
CA GLY E 62 -44.29 11.32 -8.27
C GLY E 62 -43.14 10.92 -9.14
N VAL E 63 -43.42 10.57 -10.39
CA VAL E 63 -42.36 10.14 -11.31
C VAL E 63 -41.60 11.36 -11.80
N THR E 64 -40.28 11.29 -11.74
CA THR E 64 -39.44 12.43 -12.09
C THR E 64 -39.59 12.80 -13.55
N ILE E 65 -39.56 14.11 -13.80
CA ILE E 65 -39.60 14.65 -15.15
C ILE E 65 -38.23 15.15 -15.60
N GLY E 66 -37.51 15.83 -14.72
CA GLY E 66 -36.17 16.28 -15.03
C GLY E 66 -35.44 16.65 -13.77
N LYS E 67 -34.42 17.47 -13.92
CA LYS E 67 -33.65 17.98 -12.80
C LYS E 67 -33.56 19.50 -12.88
N VAL E 68 -33.55 20.14 -11.72
CA VAL E 68 -33.39 21.59 -11.66
C VAL E 68 -31.98 21.95 -12.10
N THR E 69 -31.87 22.96 -12.96
CA THR E 69 -30.59 23.40 -13.48
C THR E 69 -29.97 24.53 -12.67
N ALA E 70 -30.77 25.53 -12.28
CA ALA E 70 -30.19 26.63 -11.51
C ALA E 70 -31.28 27.34 -10.72
N VAL E 71 -30.85 28.03 -9.66
CA VAL E 71 -31.70 28.88 -8.86
C VAL E 71 -31.14 30.29 -8.89
N ASP E 72 -32.03 31.28 -9.02
CA ASP E 72 -31.60 32.67 -9.17
C ASP E 72 -32.47 33.57 -8.33
N LEU E 73 -31.92 34.72 -7.95
CA LEU E 73 -32.64 35.75 -7.22
C LEU E 73 -32.84 36.94 -8.15
N ASP E 74 -34.07 37.13 -8.64
CA ASP E 74 -34.35 38.25 -9.52
C ASP E 74 -34.36 39.54 -8.72
N ARG E 75 -33.46 40.46 -9.08
CA ARG E 75 -33.23 41.67 -8.30
C ARG E 75 -34.39 42.65 -8.33
N ASP E 76 -35.39 42.43 -9.18
CA ASP E 76 -36.49 43.37 -9.32
C ASP E 76 -37.61 43.09 -8.33
N SER E 77 -38.18 41.89 -8.38
CA SER E 77 -39.31 41.54 -7.52
C SER E 77 -38.90 40.76 -6.28
N TYR E 78 -37.60 40.51 -6.09
CA TYR E 78 -37.07 39.90 -4.88
C TYR E 78 -37.61 38.49 -4.64
N THR E 79 -37.93 37.77 -5.70
CA THR E 79 -38.41 36.39 -5.58
C THR E 79 -37.34 35.43 -6.09
N GLY E 80 -37.66 34.15 -6.09
CA GLY E 80 -36.78 33.12 -6.60
C GLY E 80 -37.23 32.70 -7.99
N ARG E 81 -36.27 32.48 -8.87
CA ARG E 81 -36.52 31.97 -10.21
C ARG E 81 -35.72 30.68 -10.36
N VAL E 82 -36.43 29.56 -10.40
CA VAL E 82 -35.79 28.26 -10.58
C VAL E 82 -35.94 27.84 -12.04
N THR E 83 -34.81 27.57 -12.68
CA THR E 83 -34.79 27.09 -14.06
C THR E 83 -34.44 25.60 -14.04
N MET E 84 -35.25 24.80 -14.73
CA MET E 84 -35.16 23.35 -14.68
C MET E 84 -35.35 22.79 -16.08
N GLU E 85 -35.02 21.51 -16.24
CA GLU E 85 -35.13 20.82 -17.52
C GLU E 85 -36.24 19.78 -17.49
N ILE E 86 -36.78 19.50 -18.67
CA ILE E 86 -37.91 18.58 -18.83
C ILE E 86 -37.61 17.64 -19.98
N ASN E 87 -37.77 16.34 -19.73
CA ASN E 87 -37.54 15.34 -20.77
C ASN E 87 -38.47 15.59 -21.95
N GLN E 88 -37.97 15.32 -23.15
CA GLN E 88 -38.69 15.69 -24.35
C GLN E 88 -39.93 14.83 -24.57
N ASN E 89 -39.89 13.56 -24.16
CA ASN E 89 -41.07 12.71 -24.32
C ASN E 89 -42.25 13.27 -23.54
N VAL E 90 -42.00 13.92 -22.41
CA VAL E 90 -43.04 14.62 -21.67
C VAL E 90 -43.12 16.05 -22.22
N ASN E 91 -44.11 16.30 -23.07
CA ASN E 91 -44.28 17.59 -23.73
C ASN E 91 -45.74 18.00 -23.71
N ASN E 92 -46.44 17.72 -22.61
CA ASN E 92 -47.89 17.92 -22.57
C ASN E 92 -48.33 18.64 -21.31
N LEU E 93 -47.43 19.38 -20.68
CA LEU E 93 -47.76 20.12 -19.46
C LEU E 93 -48.36 21.47 -19.83
N PRO E 94 -49.66 21.68 -19.63
CA PRO E 94 -50.28 22.95 -20.03
C PRO E 94 -49.71 24.14 -19.26
N VAL E 95 -50.07 25.33 -19.71
CA VAL E 95 -49.56 26.54 -19.09
C VAL E 95 -50.19 26.77 -17.72
N ASP E 96 -51.51 26.54 -17.62
CA ASP E 96 -52.22 26.79 -16.37
C ASP E 96 -51.81 25.84 -15.25
N SER E 97 -51.08 24.77 -15.56
CA SER E 97 -50.57 23.89 -14.52
C SER E 97 -49.62 24.64 -13.59
N THR E 98 -49.47 24.15 -12.37
CA THR E 98 -48.69 24.82 -11.35
C THR E 98 -47.54 23.95 -10.89
N ALA E 99 -46.52 24.58 -10.33
CA ALA E 99 -45.41 23.88 -9.70
C ALA E 99 -45.39 24.21 -8.21
N SER E 100 -44.88 23.28 -7.41
CA SER E 100 -44.85 23.45 -5.97
C SER E 100 -43.77 22.58 -5.36
N ILE E 101 -43.05 23.14 -4.41
CA ILE E 101 -41.96 22.41 -3.76
C ILE E 101 -42.54 21.44 -2.76
N LEU E 102 -42.26 20.16 -2.97
CA LEU E 102 -42.65 19.11 -2.04
C LEU E 102 -41.39 18.59 -1.35
N THR E 103 -41.55 17.56 -0.54
CA THR E 103 -40.43 16.93 0.13
C THR E 103 -40.57 15.42 0.03
N ALA E 104 -39.48 14.75 -0.33
CA ALA E 104 -39.49 13.30 -0.43
C ALA E 104 -39.65 12.71 0.97
N GLY E 105 -40.84 12.23 1.28
CA GLY E 105 -41.10 11.69 2.61
C GLY E 105 -41.11 12.76 3.68
N LEU E 106 -40.24 12.60 4.67
CA LEU E 106 -40.21 13.50 5.82
C LEU E 106 -38.90 14.27 5.96
N LEU E 107 -37.77 13.62 5.66
CA LEU E 107 -36.45 14.29 5.80
C LEU E 107 -35.65 14.16 4.49
N GLY E 108 -36.35 14.04 3.36
CA GLY E 108 -35.71 13.92 2.07
C GLY E 108 -35.42 15.28 1.46
N GLU E 109 -34.68 15.26 0.35
CA GLU E 109 -34.42 16.49 -0.37
C GLU E 109 -35.71 17.06 -0.94
N LYS E 110 -35.85 18.38 -0.82
CA LYS E 110 -37.06 19.07 -1.26
C LYS E 110 -37.07 19.17 -2.77
N TYR E 111 -37.74 18.22 -3.42
CA TYR E 111 -37.95 18.25 -4.85
C TYR E 111 -39.10 19.19 -5.17
N ILE E 112 -39.40 19.33 -6.46
CA ILE E 112 -40.50 20.16 -6.91
C ILE E 112 -41.44 19.30 -7.76
N GLY E 113 -42.68 19.19 -7.31
CA GLY E 113 -43.71 18.52 -8.08
C GLY E 113 -44.50 19.52 -8.90
N ILE E 114 -45.24 19.01 -9.87
CA ILE E 114 -46.07 19.83 -10.74
C ILE E 114 -47.46 19.22 -10.81
N SER E 115 -48.47 20.04 -10.58
CA SER E 115 -49.87 19.65 -10.68
C SER E 115 -50.45 20.16 -11.99
N VAL E 116 -50.96 19.25 -12.80
CA VAL E 116 -51.56 19.59 -14.09
C VAL E 116 -52.96 20.13 -13.87
N GLY E 117 -53.23 21.31 -14.41
CA GLY E 117 -54.58 21.85 -14.39
C GLY E 117 -55.34 21.48 -15.64
N GLY E 118 -55.66 22.47 -16.47
CA GLY E 118 -56.23 22.17 -17.78
C GLY E 118 -56.21 23.36 -18.72
N ASP E 119 -55.67 23.15 -19.91
CA ASP E 119 -55.61 24.18 -20.95
C ASP E 119 -55.07 23.54 -22.21
N GLU E 120 -55.49 24.04 -23.38
CA GLU E 120 -55.08 23.44 -24.64
C GLU E 120 -53.60 23.63 -24.90
N ASP E 121 -53.15 24.89 -24.93
CA ASP E 121 -51.74 25.17 -25.19
C ASP E 121 -50.89 24.64 -24.06
N VAL E 122 -49.74 24.06 -24.41
CA VAL E 122 -48.94 23.31 -23.43
C VAL E 122 -47.78 24.17 -22.93
N LEU E 123 -46.84 24.49 -23.82
CA LEU E 123 -45.61 25.17 -23.43
C LEU E 123 -44.96 25.72 -24.69
N LYS E 124 -43.78 26.30 -24.49
CA LYS E 124 -42.78 26.41 -25.55
C LYS E 124 -41.45 25.83 -25.11
N ASP E 125 -41.39 25.22 -23.92
CA ASP E 125 -40.21 24.54 -23.40
C ASP E 125 -39.01 25.50 -23.37
N GLY E 126 -39.13 26.47 -22.47
CA GLY E 126 -38.25 27.62 -22.43
C GLY E 126 -39.00 28.84 -21.97
N SER E 127 -40.29 28.66 -21.70
CA SER E 127 -41.14 29.71 -21.15
C SER E 127 -41.03 29.72 -19.64
N THR E 128 -41.93 30.43 -18.97
CA THR E 128 -41.95 30.54 -17.52
C THR E 128 -43.36 30.25 -17.00
N ILE E 129 -43.42 29.61 -15.83
CA ILE E 129 -44.70 29.32 -15.20
C ILE E 129 -45.27 30.61 -14.61
N HIS E 130 -46.54 30.57 -14.23
CA HIS E 130 -47.27 31.75 -13.79
C HIS E 130 -47.64 31.73 -12.32
N ASP E 131 -47.99 30.58 -11.76
CA ASP E 131 -48.40 30.49 -10.37
C ASP E 131 -47.67 29.33 -9.70
N THR E 132 -47.78 29.26 -8.38
CA THR E 132 -47.11 28.21 -7.61
C THR E 132 -47.61 28.21 -6.18
N GLN E 133 -47.09 27.26 -5.41
CA GLN E 133 -47.14 27.27 -3.95
C GLN E 133 -45.73 27.02 -3.45
N SER E 134 -45.18 28.01 -2.74
CA SER E 134 -43.76 28.00 -2.40
C SER E 134 -43.45 26.93 -1.37
N ALA E 135 -42.18 26.86 -0.97
CA ALA E 135 -41.71 25.88 0.00
C ALA E 135 -41.86 26.46 1.38
N LEU E 136 -42.58 25.75 2.24
CA LEU E 136 -42.80 26.19 3.61
C LEU E 136 -41.61 25.83 4.48
N VAL E 137 -41.17 26.78 5.31
CA VAL E 137 -40.14 26.50 6.30
C VAL E 137 -40.82 26.07 7.59
N LEU E 138 -40.06 25.44 8.49
CA LEU E 138 -40.64 24.99 9.74
C LEU E 138 -41.10 26.15 10.60
N GLU E 139 -40.37 27.27 10.57
CA GLU E 139 -40.66 28.37 11.48
C GLU E 139 -41.97 29.07 11.18
N ASP E 140 -42.22 29.41 9.92
CA ASP E 140 -43.53 29.97 9.56
C ASP E 140 -44.65 28.99 9.86
N LEU E 141 -44.42 27.70 9.64
CA LEU E 141 -45.43 26.69 9.96
C LEU E 141 -45.78 26.70 11.45
N ILE E 142 -44.77 26.64 12.32
CA ILE E 142 -45.06 26.58 13.75
C ILE E 142 -45.58 27.91 14.27
N GLY E 143 -45.19 29.03 13.64
CA GLY E 143 -45.78 30.30 14.00
C GLY E 143 -47.26 30.35 13.66
N LYS E 144 -47.62 29.91 12.46
CA LYS E 144 -49.02 29.80 12.08
C LYS E 144 -49.78 28.81 12.95
N PHE E 145 -49.09 27.79 13.44
CA PHE E 145 -49.74 26.74 14.21
C PHE E 145 -49.99 27.16 15.65
N LEU E 146 -48.91 27.43 16.40
CA LEU E 146 -49.01 27.63 17.84
C LEU E 146 -49.69 28.93 18.18
N LEU E 147 -49.16 30.06 17.70
CA LEU E 147 -49.64 31.36 18.14
C LEU E 147 -51.05 31.64 17.64
N ASN E 148 -51.34 31.28 16.39
CA ASN E 148 -52.61 31.68 15.79
C ASN E 148 -53.75 30.75 16.20
N SER E 149 -53.64 29.47 15.86
CA SER E 149 -54.78 28.57 16.02
C SER E 149 -54.95 28.11 17.47
N VAL E 150 -53.88 27.61 18.07
CA VAL E 150 -53.93 27.13 19.45
C VAL E 150 -53.25 28.13 20.39
N THR F 3 17.75 22.19 -29.55
CA THR F 3 16.79 22.95 -28.76
C THR F 3 16.49 22.23 -27.44
N ARG F 4 17.44 21.40 -26.99
CA ARG F 4 17.27 20.75 -25.70
C ARG F 4 17.45 21.72 -24.55
N THR F 5 18.43 22.62 -24.64
CA THR F 5 18.50 23.74 -23.72
C THR F 5 17.27 24.63 -23.82
N LEU F 6 16.58 24.62 -24.97
CA LEU F 6 15.32 25.32 -25.12
C LEU F 6 14.17 24.61 -24.42
N GLU F 7 14.31 23.32 -24.12
CA GLU F 7 13.26 22.53 -23.48
C GLU F 7 13.32 22.62 -21.97
N ILE F 8 13.93 23.68 -21.44
CA ILE F 8 13.78 24.00 -20.03
C ILE F 8 12.35 24.46 -19.74
N GLY F 9 11.65 24.91 -20.77
CA GLY F 9 10.28 25.37 -20.59
C GLY F 9 9.33 24.27 -20.14
N VAL F 10 9.80 23.02 -20.20
CA VAL F 10 9.01 21.85 -19.73
C VAL F 10 8.86 22.02 -18.22
N GLY F 11 9.99 22.20 -17.53
CA GLY F 11 9.98 22.45 -16.09
C GLY F 11 9.24 23.72 -15.72
N LEU F 12 9.23 24.71 -16.61
CA LEU F 12 8.47 25.93 -16.36
C LEU F 12 6.98 25.66 -16.42
N PHE F 13 6.52 24.93 -17.44
CA PHE F 13 5.13 24.49 -17.50
C PHE F 13 4.75 23.71 -16.24
N LEU F 14 5.63 22.80 -15.83
CA LEU F 14 5.40 21.95 -14.63
C LEU F 14 5.21 22.85 -13.40
N LEU F 15 6.21 23.69 -13.10
CA LEU F 15 6.13 24.57 -11.95
C LEU F 15 4.89 25.44 -12.00
N ALA F 16 4.58 26.00 -13.17
CA ALA F 16 3.30 26.68 -13.35
C ALA F 16 2.12 25.72 -13.29
N GLY F 17 2.33 24.45 -13.62
CA GLY F 17 1.28 23.46 -13.49
C GLY F 17 1.16 22.97 -12.06
N LEU F 18 2.18 23.24 -11.26
CA LEU F 18 2.19 22.89 -9.84
C LEU F 18 1.86 24.06 -8.93
N LEU F 19 2.53 25.20 -9.13
CA LEU F 19 2.24 26.37 -8.29
C LEU F 19 0.81 26.84 -8.44
N ALA F 20 0.26 26.82 -9.66
CA ALA F 20 -1.15 27.13 -9.85
C ALA F 20 -2.06 26.08 -9.22
N LEU F 21 -1.60 24.82 -9.15
CA LEU F 21 -2.38 23.79 -8.48
C LEU F 21 -2.45 24.05 -6.98
N LEU F 22 -1.36 24.52 -6.38
CA LEU F 22 -1.44 24.96 -4.98
C LEU F 22 -2.40 26.13 -4.84
N LEU F 23 -2.34 27.10 -5.75
CA LEU F 23 -3.27 28.22 -5.72
C LEU F 23 -4.71 27.78 -5.94
N LEU F 24 -4.94 26.61 -6.53
CA LEU F 24 -6.27 26.02 -6.54
C LEU F 24 -6.59 25.31 -5.24
N ALA F 25 -5.59 24.74 -4.58
CA ALA F 25 -5.79 24.09 -3.29
C ALA F 25 -6.07 25.07 -2.17
N LEU F 26 -5.33 26.17 -2.09
CA LEU F 26 -5.58 27.18 -1.07
C LEU F 26 -6.75 28.08 -1.41
N ARG F 27 -7.24 28.04 -2.64
CA ARG F 27 -8.34 28.91 -3.06
C ARG F 27 -9.69 28.37 -2.62
N VAL F 28 -9.77 27.49 -1.62
CA VAL F 28 -11.07 26.91 -1.35
C VAL F 28 -11.87 27.93 -0.56
N SER F 29 -12.38 28.91 -1.29
CA SER F 29 -13.57 29.68 -0.97
C SER F 29 -14.39 29.70 -2.25
N GLY F 30 -13.70 29.79 -3.39
CA GLY F 30 -14.34 29.93 -4.67
C GLY F 30 -14.77 31.35 -4.97
N LEU F 31 -13.83 32.27 -5.13
CA LEU F 31 -14.17 33.68 -5.35
C LEU F 31 -14.59 33.88 -6.79
N SER F 32 -15.52 33.03 -7.22
CA SER F 32 -16.45 33.32 -8.31
C SER F 32 -17.79 33.44 -7.59
N VAL F 33 -18.64 34.38 -8.01
CA VAL F 33 -19.67 34.98 -7.16
C VAL F 33 -20.42 33.95 -6.33
N GLY F 34 -20.39 32.69 -6.75
CA GLY F 34 -21.00 31.62 -5.96
C GLY F 34 -20.62 31.61 -4.49
N ASN F 35 -19.48 32.19 -4.13
CA ASN F 35 -19.18 32.30 -2.70
C ASN F 35 -19.13 33.76 -2.22
N ALA F 36 -18.16 34.54 -2.70
CA ALA F 36 -18.20 35.96 -2.38
C ALA F 36 -17.91 36.85 -3.59
N GLY F 37 -16.88 36.52 -4.36
CA GLY F 37 -16.47 37.37 -5.46
C GLY F 37 -15.88 38.67 -4.94
N ASP F 38 -16.77 39.48 -4.39
CA ASP F 38 -16.45 40.68 -3.60
C ASP F 38 -17.74 41.02 -2.86
N THR F 39 -17.70 40.95 -1.55
CA THR F 39 -18.89 41.10 -0.72
C THR F 39 -18.75 42.29 0.24
N TYR F 40 -19.86 42.63 0.87
CA TYR F 40 -19.89 43.69 1.86
C TYR F 40 -20.69 43.20 3.07
N LYS F 41 -20.12 43.37 4.26
CA LYS F 41 -20.68 42.84 5.49
C LYS F 41 -21.93 43.61 5.89
N VAL F 42 -22.76 42.94 6.71
CA VAL F 42 -23.81 43.60 7.48
C VAL F 42 -23.95 42.84 8.80
N TYR F 43 -24.43 43.56 9.81
CA TYR F 43 -24.65 42.98 11.14
C TYR F 43 -26.14 42.66 11.32
N ALA F 44 -26.40 41.87 12.35
CA ALA F 44 -27.77 41.46 12.68
C ALA F 44 -27.87 41.27 14.18
N TYR F 45 -28.89 41.88 14.79
CA TYR F 45 -29.07 41.84 16.23
C TYR F 45 -30.23 40.90 16.56
N PHE F 46 -29.90 39.69 17.01
CA PHE F 46 -30.88 38.70 17.42
C PHE F 46 -30.87 38.56 18.94
N ASP F 47 -31.90 37.88 19.44
CA ASP F 47 -31.96 37.53 20.85
C ASP F 47 -31.54 36.10 21.13
N ASN F 48 -31.52 35.25 20.11
CA ASN F 48 -31.07 33.86 20.26
C ASN F 48 -30.57 33.39 18.92
N ILE F 49 -29.33 32.91 18.87
CA ILE F 49 -28.69 32.47 17.64
C ILE F 49 -28.25 31.02 17.78
N ALA F 50 -29.05 30.23 18.49
CA ALA F 50 -28.73 28.87 18.91
C ALA F 50 -27.97 28.04 17.90
N GLY F 51 -28.32 28.14 16.62
CA GLY F 51 -27.73 27.27 15.62
C GLY F 51 -27.16 27.98 14.41
N VAL F 52 -26.52 29.12 14.62
CA VAL F 52 -26.07 29.98 13.52
C VAL F 52 -24.55 30.00 13.49
N THR F 53 -23.94 28.85 13.80
CA THR F 53 -22.49 28.70 13.91
C THR F 53 -21.73 29.22 12.70
N VAL F 54 -20.41 29.36 12.86
CA VAL F 54 -19.56 30.07 11.90
C VAL F 54 -19.73 29.51 10.50
N ARG F 55 -19.47 30.35 9.50
CA ARG F 55 -19.62 30.01 8.09
C ARG F 55 -21.05 29.56 7.80
N GLY F 56 -21.99 30.45 8.11
CA GLY F 56 -23.40 30.18 7.97
C GLY F 56 -23.92 30.44 6.56
N LYS F 57 -25.24 30.37 6.44
CA LYS F 57 -25.94 30.67 5.20
C LYS F 57 -26.96 31.77 5.44
N VAL F 58 -26.92 32.79 4.59
CA VAL F 58 -27.89 33.87 4.59
C VAL F 58 -28.57 33.86 3.22
N THR F 59 -29.87 34.07 3.22
CA THR F 59 -30.62 33.95 1.98
C THR F 59 -31.88 34.82 1.99
N LEU F 60 -32.29 35.20 0.79
CA LEU F 60 -33.56 35.86 0.55
C LEU F 60 -34.38 34.99 -0.40
N ALA F 61 -35.64 34.73 -0.02
CA ALA F 61 -36.57 33.95 -0.84
C ALA F 61 -36.02 32.56 -1.14
N GLY F 62 -35.26 32.01 -0.21
CA GLY F 62 -34.74 30.66 -0.32
C GLY F 62 -33.37 30.50 -0.94
N VAL F 63 -33.13 31.14 -2.08
CA VAL F 63 -31.83 31.05 -2.75
C VAL F 63 -30.77 31.72 -1.90
N THR F 64 -29.64 31.04 -1.70
CA THR F 64 -28.60 31.51 -0.80
C THR F 64 -28.08 32.87 -1.26
N ILE F 65 -27.99 33.82 -0.33
CA ILE F 65 -27.48 35.14 -0.66
C ILE F 65 -26.01 35.27 -0.34
N GLY F 66 -25.61 34.84 0.86
CA GLY F 66 -24.22 34.99 1.28
C GLY F 66 -23.92 34.04 2.42
N LYS F 67 -22.74 34.24 3.01
CA LYS F 67 -22.24 33.39 4.07
C LYS F 67 -22.09 34.21 5.35
N VAL F 68 -22.63 33.68 6.45
CA VAL F 68 -22.36 34.26 7.75
C VAL F 68 -20.88 34.11 8.07
N THR F 69 -20.28 35.16 8.62
CA THR F 69 -18.86 35.13 8.97
C THR F 69 -18.61 34.92 10.44
N ALA F 70 -19.29 35.65 11.32
CA ALA F 70 -18.99 35.52 12.73
C ALA F 70 -20.23 35.79 13.57
N VAL F 71 -20.17 35.35 14.82
CA VAL F 71 -21.21 35.60 15.81
C VAL F 71 -20.54 36.15 17.07
N ASP F 72 -21.25 37.04 17.76
CA ASP F 72 -20.67 37.73 18.90
C ASP F 72 -21.72 37.95 19.97
N LEU F 73 -21.28 37.89 21.23
CA LEU F 73 -22.11 38.29 22.36
C LEU F 73 -21.75 39.72 22.74
N ASP F 74 -22.53 40.69 22.26
CA ASP F 74 -22.27 42.07 22.62
C ASP F 74 -22.50 42.24 24.11
N ARG F 75 -21.41 42.38 24.87
CA ARG F 75 -21.43 42.33 26.32
C ARG F 75 -22.43 43.29 26.95
N ASP F 76 -22.87 44.31 26.21
CA ASP F 76 -23.80 45.30 26.75
C ASP F 76 -25.24 44.78 26.79
N SER F 77 -25.79 44.43 25.63
CA SER F 77 -27.19 44.03 25.54
C SER F 77 -27.41 42.55 25.78
N TYR F 78 -26.34 41.76 25.95
CA TYR F 78 -26.43 40.31 26.14
C TYR F 78 -27.15 39.64 24.98
N THR F 79 -27.11 40.25 23.80
CA THR F 79 -27.79 39.75 22.62
C THR F 79 -26.76 39.11 21.68
N GLY F 80 -27.22 38.68 20.50
CA GLY F 80 -26.35 38.11 19.50
C GLY F 80 -26.17 39.09 18.35
N ARG F 81 -24.92 39.31 17.98
CA ARG F 81 -24.56 40.15 16.85
C ARG F 81 -23.90 39.27 15.81
N VAL F 82 -24.58 39.06 14.70
CA VAL F 82 -24.10 38.23 13.62
C VAL F 82 -23.52 39.12 12.54
N THR F 83 -22.36 38.74 12.03
CA THR F 83 -21.68 39.45 10.95
C THR F 83 -21.72 38.53 9.73
N MET F 84 -22.40 38.98 8.67
CA MET F 84 -22.63 38.16 7.50
C MET F 84 -22.24 38.92 6.24
N GLU F 85 -22.03 38.18 5.16
CA GLU F 85 -21.66 38.74 3.87
C GLU F 85 -22.78 38.52 2.87
N ILE F 86 -22.76 39.32 1.81
CA ILE F 86 -23.80 39.27 0.78
C ILE F 86 -23.15 39.41 -0.58
N ASN F 87 -23.60 38.59 -1.53
CA ASN F 87 -23.12 38.67 -2.90
C ASN F 87 -23.39 40.05 -3.47
N GLN F 88 -22.42 40.57 -4.24
CA GLN F 88 -22.49 41.96 -4.66
C GLN F 88 -23.65 42.22 -5.61
N ASN F 89 -24.04 41.20 -6.40
CA ASN F 89 -25.20 41.38 -7.27
C ASN F 89 -26.48 41.56 -6.45
N VAL F 90 -26.45 41.13 -5.19
CA VAL F 90 -27.57 41.35 -4.27
C VAL F 90 -27.28 42.64 -3.53
N ASN F 91 -27.88 43.73 -3.98
CA ASN F 91 -27.59 45.05 -3.43
C ASN F 91 -28.84 45.91 -3.28
N ASN F 92 -30.03 45.32 -3.40
CA ASN F 92 -31.28 46.07 -3.43
C ASN F 92 -32.17 45.76 -2.23
N LEU F 93 -31.58 45.21 -1.17
CA LEU F 93 -32.36 44.81 0.00
C LEU F 93 -32.71 46.03 0.85
N PRO F 94 -33.99 46.26 1.14
CA PRO F 94 -34.37 47.40 1.97
C PRO F 94 -34.05 47.19 3.43
N VAL F 95 -33.83 48.30 4.15
CA VAL F 95 -33.39 48.21 5.54
C VAL F 95 -34.48 47.64 6.42
N ASP F 96 -35.74 47.96 6.13
CA ASP F 96 -36.85 47.50 6.95
C ASP F 96 -37.12 46.00 6.81
N SER F 97 -36.44 45.35 5.87
CA SER F 97 -36.51 43.90 5.77
C SER F 97 -36.07 43.25 7.07
N THR F 98 -36.76 42.19 7.44
CA THR F 98 -36.45 41.48 8.69
C THR F 98 -35.76 40.17 8.40
N ALA F 99 -34.64 39.93 9.08
CA ALA F 99 -33.94 38.67 9.01
C ALA F 99 -34.38 37.78 10.17
N SER F 100 -34.29 36.47 9.98
CA SER F 100 -34.73 35.56 11.01
C SER F 100 -34.02 34.23 10.84
N ILE F 101 -33.75 33.57 11.96
CA ILE F 101 -33.03 32.30 11.96
C ILE F 101 -33.99 31.22 11.49
N LEU F 102 -33.84 30.79 10.25
CA LEU F 102 -34.67 29.73 9.71
C LEU F 102 -33.95 28.39 9.85
N THR F 103 -34.56 27.32 9.36
CA THR F 103 -33.97 26.00 9.41
C THR F 103 -34.20 25.30 8.09
N ALA F 104 -33.12 24.77 7.51
CA ALA F 104 -33.22 24.07 6.23
C ALA F 104 -34.01 22.79 6.43
N GLY F 105 -35.26 22.79 5.97
CA GLY F 105 -36.12 21.63 6.14
C GLY F 105 -36.59 21.45 7.57
N LEU F 106 -36.20 20.35 8.20
CA LEU F 106 -36.67 20.04 9.54
C LEU F 106 -35.51 19.80 10.49
N LEU F 107 -34.44 19.20 9.99
CA LEU F 107 -33.26 18.89 10.85
C LEU F 107 -31.98 19.51 10.26
N GLY F 108 -32.13 20.48 9.35
CA GLY F 108 -31.00 21.13 8.75
C GLY F 108 -30.37 22.16 9.68
N GLU F 109 -29.18 22.60 9.29
CA GLU F 109 -28.50 23.61 10.10
C GLU F 109 -29.17 24.96 9.91
N LYS F 110 -29.29 25.69 11.02
CA LYS F 110 -30.09 26.91 11.06
C LYS F 110 -29.42 28.01 10.25
N TYR F 111 -29.92 28.25 9.05
CA TYR F 111 -29.53 29.40 8.25
C TYR F 111 -30.40 30.59 8.65
N ILE F 112 -30.18 31.73 8.01
CA ILE F 112 -31.02 32.88 8.25
C ILE F 112 -31.60 33.36 6.93
N GLY F 113 -32.86 33.76 6.97
CA GLY F 113 -33.58 34.22 5.81
C GLY F 113 -34.13 35.62 6.02
N ILE F 114 -34.13 36.42 4.97
CA ILE F 114 -34.52 37.81 5.03
C ILE F 114 -35.81 37.99 4.25
N SER F 115 -36.76 38.72 4.83
CA SER F 115 -38.01 39.07 4.17
C SER F 115 -38.02 40.57 3.94
N VAL F 116 -38.15 40.98 2.68
CA VAL F 116 -38.13 42.39 2.31
C VAL F 116 -39.45 43.04 2.73
N GLY F 117 -39.32 44.23 3.32
CA GLY F 117 -40.50 45.02 3.76
C GLY F 117 -40.71 46.21 2.84
N GLY F 118 -39.62 46.78 2.32
CA GLY F 118 -39.67 47.93 1.40
C GLY F 118 -39.36 49.24 2.12
N ASP F 119 -38.25 49.88 1.74
CA ASP F 119 -37.83 51.18 2.33
C ASP F 119 -37.19 52.05 1.24
N GLU F 120 -37.31 53.37 1.36
CA GLU F 120 -36.72 54.30 0.35
C GLU F 120 -35.19 54.13 0.38
N ASP F 121 -34.61 54.02 1.58
CA ASP F 121 -33.15 53.81 1.74
C ASP F 121 -32.86 52.32 1.67
N VAL F 122 -32.15 51.89 0.62
CA VAL F 122 -31.87 50.46 0.45
C VAL F 122 -30.91 49.96 1.51
N LEU F 123 -29.68 50.45 1.50
CA LEU F 123 -28.60 49.88 2.32
C LEU F 123 -27.34 50.70 2.08
N LYS F 124 -26.38 50.57 2.99
CA LYS F 124 -25.01 50.91 2.71
C LYS F 124 -24.11 49.68 2.66
N ASP F 125 -24.64 48.49 2.96
CA ASP F 125 -23.89 47.25 2.91
C ASP F 125 -22.67 47.31 3.83
N GLY F 126 -22.97 47.30 5.13
CA GLY F 126 -22.02 47.65 6.16
C GLY F 126 -22.67 48.28 7.37
N SER F 127 -23.99 48.43 7.34
CA SER F 127 -24.76 48.87 8.49
C SER F 127 -25.28 47.66 9.26
N THR F 128 -26.18 47.90 10.20
CA THR F 128 -26.82 46.87 11.01
C THR F 128 -28.30 46.78 10.63
N ILE F 129 -28.96 45.73 11.09
CA ILE F 129 -30.39 45.52 10.87
C ILE F 129 -31.13 45.97 12.10
N HIS F 130 -32.42 46.28 11.95
CA HIS F 130 -33.18 46.85 13.06
C HIS F 130 -34.03 45.79 13.76
N ASP F 131 -34.91 45.12 13.03
CA ASP F 131 -35.88 44.20 13.61
C ASP F 131 -35.58 42.78 13.13
N THR F 132 -36.10 41.81 13.86
CA THR F 132 -35.88 40.41 13.54
C THR F 132 -36.83 39.54 14.37
N GLN F 133 -36.76 38.25 14.11
CA GLN F 133 -37.37 37.22 14.96
C GLN F 133 -36.29 36.22 15.32
N SER F 134 -36.15 35.95 16.62
CA SER F 134 -35.06 35.13 17.12
C SER F 134 -35.19 33.68 16.65
N ALA F 135 -34.21 32.87 17.01
CA ALA F 135 -34.22 31.46 16.65
C ALA F 135 -35.13 30.69 17.60
N LEU F 136 -35.82 29.70 17.04
CA LEU F 136 -36.68 28.86 17.85
C LEU F 136 -35.86 27.87 18.66
N VAL F 137 -36.37 27.52 19.83
CA VAL F 137 -35.73 26.55 20.70
C VAL F 137 -36.80 25.59 21.21
N LEU F 138 -36.48 24.29 21.15
CA LEU F 138 -37.46 23.26 21.45
C LEU F 138 -37.99 23.38 22.87
N GLU F 139 -37.15 23.80 23.82
CA GLU F 139 -37.56 23.84 25.22
C GLU F 139 -38.65 24.88 25.45
N ASP F 140 -38.41 26.13 25.07
CA ASP F 140 -39.46 27.14 25.18
C ASP F 140 -40.66 26.82 24.31
N LEU F 141 -40.44 26.21 23.14
CA LEU F 141 -41.55 25.84 22.28
C LEU F 141 -42.48 24.85 22.97
N ILE F 142 -41.93 23.82 23.60
CA ILE F 142 -42.78 22.85 24.27
C ILE F 142 -43.32 23.37 25.59
N GLY F 143 -42.59 24.26 26.27
CA GLY F 143 -43.13 24.89 27.46
C GLY F 143 -44.34 25.74 27.17
N LYS F 144 -44.29 26.52 26.08
CA LYS F 144 -45.43 27.28 25.63
C LYS F 144 -46.55 26.39 25.10
N PHE F 145 -46.18 25.29 24.43
CA PHE F 145 -47.16 24.39 23.86
C PHE F 145 -47.92 23.62 24.95
N LEU F 146 -47.18 22.91 25.81
CA LEU F 146 -47.82 22.03 26.77
C LEU F 146 -48.39 22.82 27.95
N LEU F 147 -47.53 23.53 28.68
CA LEU F 147 -47.96 24.17 29.92
C LEU F 147 -48.97 25.28 29.66
N ASN F 148 -48.65 26.21 28.76
CA ASN F 148 -49.47 27.40 28.58
C ASN F 148 -50.65 27.14 27.66
N SER F 149 -50.39 26.54 26.50
CA SER F 149 -51.44 26.41 25.49
C SER F 149 -52.41 25.27 25.83
N VAL F 150 -51.90 24.05 25.93
CA VAL F 150 -52.75 22.90 26.18
C VAL F 150 -52.44 22.28 27.55
N SER G 5 23.00 25.30 -9.87
CA SER G 5 22.38 26.58 -10.17
C SER G 5 20.89 26.43 -10.46
N PRO G 6 20.12 27.49 -10.25
CA PRO G 6 18.68 27.44 -10.56
C PRO G 6 18.41 27.09 -12.02
N LEU G 7 19.15 27.70 -12.94
CA LEU G 7 18.99 27.36 -14.36
C LEU G 7 19.34 25.91 -14.63
N GLU G 8 20.20 25.30 -13.81
CA GLU G 8 20.50 23.88 -13.87
C GLU G 8 19.40 23.03 -13.27
N ARG G 9 18.85 23.44 -12.13
CA ARG G 9 17.79 22.68 -11.49
C ARG G 9 16.53 22.64 -12.33
N ILE G 10 16.17 23.77 -12.95
CA ILE G 10 14.98 23.80 -13.79
C ILE G 10 15.18 22.99 -15.07
N ARG G 11 16.38 23.01 -15.64
CA ARG G 11 16.66 22.17 -16.80
C ARG G 11 16.55 20.70 -16.43
N LEU G 12 17.11 20.32 -15.28
CA LEU G 12 16.99 18.94 -14.81
C LEU G 12 15.54 18.54 -14.54
N PHE G 13 14.76 19.49 -14.03
CA PHE G 13 13.32 19.23 -13.75
C PHE G 13 12.59 18.99 -15.08
N GLY G 14 12.78 19.90 -16.06
CA GLY G 14 12.14 19.73 -17.34
C GLY G 14 12.57 18.47 -18.06
N ARG G 15 13.85 18.10 -17.93
CA ARG G 15 14.32 16.85 -18.51
C ARG G 15 13.60 15.66 -17.89
N ALA G 16 13.49 15.68 -16.55
CA ALA G 16 12.80 14.61 -15.81
C ALA G 16 11.32 14.59 -16.24
N GLY G 17 10.75 15.78 -16.47
CA GLY G 17 9.34 15.89 -16.89
C GLY G 17 9.14 15.21 -18.24
N LEU G 18 9.84 15.67 -19.27
CA LEU G 18 9.74 15.08 -20.60
C LEU G 18 10.13 13.61 -20.61
N ASP G 19 11.06 13.21 -19.74
CA ASP G 19 11.48 11.81 -19.70
C ASP G 19 10.38 10.93 -19.14
N VAL G 20 9.60 11.48 -18.20
CA VAL G 20 8.48 10.72 -17.57
C VAL G 20 7.44 10.46 -18.66
N VAL G 21 7.27 11.39 -19.60
CA VAL G 21 6.31 11.21 -20.72
C VAL G 21 6.91 10.17 -21.69
N ALA G 22 8.20 10.36 -22.04
CA ALA G 22 8.88 9.41 -22.90
C ALA G 22 8.72 7.99 -22.40
N ALA G 23 8.90 7.79 -21.10
CA ALA G 23 8.74 6.47 -20.51
C ALA G 23 7.30 6.00 -20.53
N LEU G 24 6.34 6.89 -20.34
CA LEU G 24 4.93 6.55 -20.39
C LEU G 24 4.49 6.16 -21.78
N GLY G 25 5.15 6.65 -22.82
CA GLY G 25 4.85 6.22 -24.17
C GLY G 25 5.60 4.96 -24.54
N ARG G 26 6.85 4.85 -24.08
CA ARG G 26 7.62 3.63 -24.29
C ARG G 26 6.94 2.43 -23.63
N SER G 27 6.36 2.63 -22.45
CA SER G 27 5.61 1.59 -21.78
C SER G 27 4.38 1.17 -22.56
N THR G 28 3.69 2.11 -23.21
CA THR G 28 2.57 1.76 -24.07
C THR G 28 2.99 0.97 -25.29
N LEU G 29 4.06 1.39 -25.97
CA LEU G 29 4.60 0.60 -27.07
C LEU G 29 5.02 -0.79 -26.60
N PHE G 30 5.61 -0.87 -25.41
CA PHE G 30 6.03 -2.15 -24.85
C PHE G 30 4.84 -3.06 -24.59
N LEU G 31 3.78 -2.51 -23.98
CA LEU G 31 2.57 -3.28 -23.76
C LEU G 31 1.94 -3.72 -25.07
N GLY G 32 1.98 -2.88 -26.09
CA GLY G 32 1.48 -3.27 -27.39
C GLY G 32 2.25 -4.44 -27.99
N HIS G 33 3.57 -4.28 -28.10
CA HIS G 33 4.40 -5.36 -28.63
C HIS G 33 4.30 -6.63 -27.79
N ALA G 34 3.96 -6.52 -26.52
CA ALA G 34 3.85 -7.70 -25.67
C ALA G 34 2.52 -8.41 -25.83
N LEU G 35 1.42 -7.65 -25.89
CA LEU G 35 0.10 -8.27 -25.85
C LEU G 35 -0.39 -8.74 -27.21
N LEU G 36 -0.09 -8.00 -28.29
CA LEU G 36 -0.65 -8.35 -29.58
C LEU G 36 0.37 -8.20 -30.71
N GLY G 37 1.65 -8.42 -30.43
CA GLY G 37 2.66 -8.26 -31.45
C GLY G 37 2.70 -9.38 -32.47
N ARG G 38 3.10 -10.58 -32.04
CA ARG G 38 3.26 -11.72 -32.94
C ARG G 38 3.02 -12.98 -32.14
N ARG G 39 3.45 -14.13 -32.68
CA ARG G 39 3.41 -15.41 -31.97
C ARG G 39 4.79 -16.04 -32.15
N THR G 40 5.65 -15.87 -31.15
CA THR G 40 7.00 -16.42 -31.22
C THR G 40 6.97 -17.93 -30.95
N PRO G 41 8.01 -18.66 -31.38
CA PRO G 41 7.94 -20.12 -31.31
C PRO G 41 7.91 -20.67 -29.89
N GLY G 42 8.56 -20.01 -28.94
CA GLY G 42 8.65 -20.56 -27.60
C GLY G 42 7.43 -20.39 -26.73
N THR G 43 6.37 -19.78 -27.24
CA THR G 43 5.20 -19.49 -26.41
C THR G 43 4.34 -20.72 -26.19
N GLY G 44 3.29 -20.54 -25.41
CA GLY G 44 2.38 -21.62 -25.09
C GLY G 44 1.53 -21.22 -23.90
N LEU G 45 0.73 -22.18 -23.43
CA LEU G 45 -0.04 -21.97 -22.23
C LEU G 45 0.71 -22.41 -20.97
N HIS G 46 1.75 -23.24 -21.12
CA HIS G 46 2.57 -23.61 -19.99
C HIS G 46 3.25 -22.41 -19.36
N LEU G 47 3.68 -21.44 -20.17
CA LEU G 47 4.22 -20.21 -19.62
C LEU G 47 3.18 -19.48 -18.79
N LEU G 48 1.97 -19.34 -19.32
CA LEU G 48 0.91 -18.65 -18.60
C LEU G 48 0.59 -19.37 -17.30
N VAL G 49 0.67 -20.69 -17.29
CA VAL G 49 0.39 -21.42 -16.05
C VAL G 49 1.52 -21.22 -15.05
N LYS G 50 2.76 -21.35 -15.53
CA LYS G 50 3.96 -21.19 -14.66
C LYS G 50 3.95 -19.77 -14.07
N GLN G 51 3.50 -18.79 -14.84
CA GLN G 51 3.46 -17.37 -14.39
C GLN G 51 2.20 -17.13 -13.55
N LEU G 52 1.15 -17.92 -13.79
CA LEU G 52 -0.13 -17.77 -13.04
C LEU G 52 0.08 -18.26 -11.60
N TYR G 53 0.97 -19.21 -11.39
CA TYR G 53 1.24 -19.77 -10.04
C TYR G 53 2.24 -18.88 -9.29
N SER G 54 3.08 -18.15 -10.03
CA SER G 54 4.10 -17.27 -9.40
C SER G 54 3.53 -15.87 -9.16
N VAL G 55 2.53 -15.46 -9.95
CA VAL G 55 1.93 -14.10 -9.79
C VAL G 55 0.69 -14.17 -8.90
N GLY G 56 -0.10 -15.25 -9.00
CA GLY G 56 -1.30 -15.36 -8.20
C GLY G 56 -1.21 -16.37 -7.07
N VAL G 57 -0.83 -17.62 -7.38
CA VAL G 57 -0.87 -18.66 -6.37
C VAL G 57 0.13 -18.39 -5.26
N LEU G 58 1.31 -17.89 -5.60
CA LEU G 58 2.25 -17.49 -4.57
C LEU G 58 1.76 -16.28 -3.79
N SER G 59 0.98 -15.40 -4.42
CA SER G 59 0.44 -14.22 -3.76
C SER G 59 -0.89 -14.52 -3.08
N LEU G 60 -1.15 -15.79 -2.79
CA LEU G 60 -2.44 -16.19 -2.23
C LEU G 60 -2.48 -16.12 -0.72
N ALA G 61 -1.42 -16.54 -0.02
CA ALA G 61 -1.39 -16.45 1.43
C ALA G 61 -1.39 -15.01 1.92
N ILE G 62 -0.66 -14.13 1.25
CA ILE G 62 -0.59 -12.73 1.68
C ILE G 62 -1.97 -12.10 1.63
N ILE G 63 -2.65 -12.19 0.49
CA ILE G 63 -3.92 -11.49 0.34
C ILE G 63 -5.05 -12.20 1.10
N VAL G 64 -4.95 -13.51 1.30
CA VAL G 64 -5.97 -14.19 2.09
C VAL G 64 -5.86 -13.82 3.56
N VAL G 65 -4.65 -13.88 4.11
CA VAL G 65 -4.46 -13.50 5.51
C VAL G 65 -4.82 -12.02 5.70
N SER G 66 -4.42 -11.18 4.76
CA SER G 66 -4.77 -9.77 4.81
C SER G 66 -6.26 -9.52 4.69
N GLY G 67 -6.97 -10.28 3.85
CA GLY G 67 -8.41 -10.11 3.75
C GLY G 67 -9.12 -10.53 5.02
N LEU G 68 -8.69 -11.64 5.61
CA LEU G 68 -9.24 -12.04 6.91
C LEU G 68 -9.03 -10.94 7.94
N PHE G 69 -7.80 -10.43 8.01
CA PHE G 69 -7.46 -9.37 8.99
C PHE G 69 -8.30 -8.12 8.74
N ILE G 70 -8.35 -7.65 7.49
CA ILE G 70 -9.09 -6.43 7.19
C ILE G 70 -10.58 -6.61 7.38
N GLY G 71 -11.10 -7.83 7.22
CA GLY G 71 -12.51 -8.06 7.46
C GLY G 71 -12.83 -8.02 8.94
N MET G 72 -12.02 -8.72 9.75
CA MET G 72 -12.27 -8.67 11.20
C MET G 72 -11.95 -7.27 11.72
N VAL G 73 -11.23 -6.45 10.94
CA VAL G 73 -11.02 -5.07 11.38
C VAL G 73 -12.24 -4.22 11.04
N LEU G 74 -12.70 -4.32 9.79
CA LEU G 74 -13.86 -3.49 9.35
C LEU G 74 -15.10 -3.82 10.19
N ALA G 75 -15.32 -5.10 10.51
CA ALA G 75 -16.46 -5.45 11.34
C ALA G 75 -16.23 -5.00 12.78
N LEU G 76 -15.08 -5.34 13.36
CA LEU G 76 -14.75 -4.94 14.72
C LEU G 76 -14.77 -3.43 14.91
N GLN G 77 -14.71 -2.68 13.81
CA GLN G 77 -14.69 -1.20 13.86
C GLN G 77 -16.10 -0.64 13.66
N GLY G 78 -16.74 -0.96 12.53
CA GLY G 78 -18.07 -0.48 12.23
C GLY G 78 -19.12 -0.84 13.26
N TYR G 79 -19.02 -2.04 13.86
CA TYR G 79 -19.87 -2.37 14.99
C TYR G 79 -19.75 -1.32 16.09
N ASN G 80 -18.55 -0.86 16.39
CA ASN G 80 -18.36 0.13 17.44
C ASN G 80 -18.98 1.47 17.06
N ILE G 81 -18.97 1.75 15.75
CA ILE G 81 -19.52 3.03 15.20
C ILE G 81 -21.02 2.86 15.01
N LEU G 82 -21.46 1.63 14.74
CA LEU G 82 -22.90 1.32 14.51
C LEU G 82 -23.61 1.09 15.84
N ILE G 83 -22.87 0.77 16.91
CA ILE G 83 -23.51 0.55 18.20
C ILE G 83 -24.10 1.83 18.76
N SER G 84 -23.66 2.98 18.26
CA SER G 84 -24.19 4.26 18.73
C SER G 84 -25.37 4.75 17.91
N TYR G 85 -25.53 4.22 16.69
CA TYR G 85 -26.61 4.68 15.78
C TYR G 85 -27.76 3.67 15.67
N GLY G 86 -27.73 2.60 16.46
CA GLY G 86 -28.80 1.62 16.45
C GLY G 86 -28.81 0.68 15.27
N SER G 87 -28.16 1.05 14.16
CA SER G 87 -28.10 0.14 13.00
C SER G 87 -27.15 -0.99 13.36
N GLU G 88 -27.53 -1.84 14.32
CA GLU G 88 -26.65 -2.89 14.80
C GLU G 88 -26.58 -4.04 13.81
N GLN G 89 -27.75 -4.48 13.33
CA GLN G 89 -27.82 -5.64 12.39
C GLN G 89 -27.42 -5.18 10.98
N ALA G 90 -26.84 -3.98 10.87
CA ALA G 90 -26.42 -3.43 9.56
C ALA G 90 -24.89 -3.47 9.46
N VAL G 91 -24.22 -4.27 10.30
CA VAL G 91 -22.77 -4.33 10.23
C VAL G 91 -22.32 -5.30 9.16
N GLY G 92 -23.22 -6.23 8.78
CA GLY G 92 -22.93 -7.24 7.75
C GLY G 92 -22.77 -6.58 6.39
N GLN G 93 -23.72 -5.71 6.04
CA GLN G 93 -23.67 -5.00 4.75
C GLN G 93 -22.45 -4.08 4.77
N MET G 94 -22.04 -3.61 5.95
CA MET G 94 -20.84 -2.73 6.02
C MET G 94 -19.61 -3.54 5.61
N VAL G 95 -19.32 -4.67 6.27
CA VAL G 95 -18.16 -5.45 5.85
C VAL G 95 -18.30 -5.99 4.43
N ALA G 96 -19.43 -5.75 3.78
CA ALA G 96 -19.64 -6.16 2.40
C ALA G 96 -19.89 -4.98 1.48
N LEU G 97 -19.75 -3.76 2.00
CA LEU G 97 -19.82 -2.54 1.14
C LEU G 97 -18.46 -1.87 1.25
N THR G 98 -17.97 -1.73 2.49
CA THR G 98 -16.64 -1.11 2.73
C THR G 98 -15.55 -2.16 2.50
N LEU G 99 -15.87 -3.23 1.76
CA LEU G 99 -14.90 -4.28 1.47
C LEU G 99 -15.18 -4.91 0.12
N LEU G 100 -16.14 -4.39 -0.63
CA LEU G 100 -16.56 -4.99 -1.90
C LEU G 100 -16.72 -4.00 -3.03
N ARG G 101 -16.77 -2.69 -2.75
CA ARG G 101 -16.82 -1.69 -3.80
C ARG G 101 -15.61 -0.78 -3.84
N GLU G 102 -14.95 -0.54 -2.70
CA GLU G 102 -13.82 0.42 -2.75
C GLU G 102 -12.59 -0.08 -1.99
N LEU G 103 -12.76 -0.64 -0.79
CA LEU G 103 -11.58 -1.05 -0.04
C LEU G 103 -11.10 -2.44 -0.39
N GLY G 104 -11.98 -3.34 -0.81
CA GLY G 104 -11.56 -4.66 -1.20
C GLY G 104 -10.57 -4.62 -2.34
N PRO G 105 -11.03 -4.16 -3.51
CA PRO G 105 -10.11 -4.03 -4.64
C PRO G 105 -8.95 -3.09 -4.39
N VAL G 106 -9.11 -2.03 -3.60
CA VAL G 106 -8.02 -1.09 -3.37
C VAL G 106 -6.91 -1.75 -2.55
N VAL G 107 -7.28 -2.39 -1.44
CA VAL G 107 -6.27 -3.05 -0.63
C VAL G 107 -5.68 -4.23 -1.38
N THR G 108 -6.46 -4.88 -2.25
CA THR G 108 -5.90 -5.95 -3.05
C THR G 108 -4.90 -5.41 -4.07
N GLY G 109 -5.16 -4.22 -4.61
CA GLY G 109 -4.19 -3.58 -5.48
C GLY G 109 -2.96 -3.09 -4.76
N LEU G 110 -3.09 -2.75 -3.49
CA LEU G 110 -1.95 -2.36 -2.67
C LEU G 110 -1.09 -3.54 -2.26
N LEU G 111 -1.69 -4.70 -2.00
CA LEU G 111 -0.92 -5.89 -1.67
C LEU G 111 -0.42 -6.62 -2.90
N PHE G 112 -1.08 -6.45 -4.03
CA PHE G 112 -0.64 -7.07 -5.27
C PHE G 112 0.38 -6.22 -6.00
N ALA G 113 0.37 -4.91 -5.77
CA ALA G 113 1.48 -4.08 -6.19
C ALA G 113 2.70 -4.29 -5.33
N GLY G 114 2.51 -4.71 -4.08
CA GLY G 114 3.61 -4.91 -3.17
C GLY G 114 4.25 -6.28 -3.31
N ARG G 115 3.45 -7.34 -3.30
CA ARG G 115 4.01 -8.68 -3.44
C ARG G 115 4.30 -8.99 -4.90
N ALA G 116 3.26 -9.06 -5.73
CA ALA G 116 3.42 -9.47 -7.11
C ALA G 116 3.65 -8.31 -8.06
N GLY G 117 3.87 -7.11 -7.52
CA GLY G 117 4.26 -5.98 -8.33
C GLY G 117 5.72 -5.68 -8.10
N SER G 118 6.23 -6.12 -6.95
CA SER G 118 7.66 -5.91 -6.57
C SER G 118 8.43 -7.22 -6.78
N ALA G 119 7.72 -8.35 -6.75
CA ALA G 119 8.33 -9.68 -6.97
C ALA G 119 8.27 -10.01 -8.47
N LEU G 120 7.61 -9.17 -9.25
CA LEU G 120 7.48 -9.34 -10.72
C LEU G 120 8.40 -8.33 -11.41
N THR G 121 8.85 -7.31 -10.67
CA THR G 121 9.77 -6.28 -11.23
C THR G 121 11.20 -6.66 -10.87
N ALA G 122 11.39 -7.38 -9.77
CA ALA G 122 12.73 -7.82 -9.31
C ALA G 122 13.03 -9.19 -9.91
N GLU G 123 12.06 -9.78 -10.62
CA GLU G 123 12.24 -11.11 -11.26
C GLU G 123 12.38 -10.89 -12.77
N ILE G 124 11.67 -9.89 -13.30
CA ILE G 124 11.74 -9.54 -14.75
C ILE G 124 12.79 -8.45 -14.94
N GLY G 125 13.30 -7.89 -13.84
CA GLY G 125 14.34 -6.85 -13.88
C GLY G 125 15.70 -7.44 -13.61
N ASN G 126 15.73 -8.58 -12.90
CA ASN G 126 17.01 -9.28 -12.59
C ASN G 126 17.36 -10.16 -13.79
N MET G 127 16.38 -10.43 -14.66
CA MET G 127 16.59 -11.24 -15.89
C MET G 127 17.29 -10.33 -16.91
N LYS G 128 17.03 -9.03 -16.81
CA LYS G 128 17.63 -8.02 -17.73
C LYS G 128 19.07 -7.72 -17.28
N ALA G 129 19.34 -7.77 -15.98
CA ALA G 129 20.69 -7.48 -15.51
C ALA G 129 21.63 -8.64 -15.78
N THR G 130 21.16 -9.87 -15.61
CA THR G 130 21.98 -11.05 -15.86
C THR G 130 21.95 -11.46 -17.33
N GLU G 131 21.46 -10.59 -18.21
CA GLU G 131 21.37 -10.83 -19.65
C GLU G 131 20.49 -12.01 -19.99
N GLN G 132 19.63 -12.43 -19.07
CA GLN G 132 18.65 -13.47 -19.34
C GLN G 132 17.67 -13.06 -20.43
N LEU G 133 17.40 -11.76 -20.57
CA LEU G 133 16.51 -11.30 -21.62
C LEU G 133 17.26 -11.12 -22.93
N SER G 134 18.44 -10.51 -22.89
CA SER G 134 19.23 -10.33 -24.10
C SER G 134 19.61 -11.66 -24.72
N SER G 135 19.83 -12.69 -23.90
CA SER G 135 20.11 -14.02 -24.42
C SER G 135 18.88 -14.69 -24.99
N LEU G 136 17.73 -14.04 -24.97
CA LEU G 136 16.54 -14.59 -25.61
C LEU G 136 16.37 -14.08 -27.03
N GLU G 137 16.56 -12.77 -27.24
CA GLU G 137 16.49 -12.24 -28.61
C GLU G 137 17.55 -12.86 -29.49
N MET G 138 18.74 -13.13 -28.94
CA MET G 138 19.79 -13.77 -29.72
C MET G 138 19.53 -15.24 -29.95
N ILE G 139 18.69 -15.87 -29.12
CA ILE G 139 18.17 -17.18 -29.48
C ILE G 139 17.14 -17.04 -30.60
N GLY G 140 16.33 -16.01 -30.54
CA GLY G 140 15.29 -15.78 -31.51
C GLY G 140 13.90 -15.66 -30.93
N VAL G 141 13.74 -15.78 -29.62
CA VAL G 141 12.44 -15.66 -28.96
C VAL G 141 12.30 -14.22 -28.49
N ASP G 142 11.25 -13.56 -28.92
CA ASP G 142 11.00 -12.20 -28.49
C ASP G 142 10.70 -12.20 -26.99
N PRO G 143 11.57 -11.64 -26.15
CA PRO G 143 11.33 -11.68 -24.71
C PRO G 143 10.07 -10.95 -24.30
N LEU G 144 9.63 -9.95 -25.07
CA LEU G 144 8.36 -9.28 -24.78
C LEU G 144 7.19 -10.25 -24.88
N LYS G 145 7.30 -11.27 -25.73
CA LYS G 145 6.23 -12.25 -25.89
C LYS G 145 6.43 -13.51 -25.07
N TYR G 146 7.67 -13.86 -24.74
CA TYR G 146 7.93 -15.07 -23.98
C TYR G 146 8.04 -14.80 -22.48
N ILE G 147 8.61 -13.65 -22.12
CA ILE G 147 8.78 -13.32 -20.67
C ILE G 147 7.68 -12.35 -20.21
N VAL G 148 7.65 -11.17 -20.81
CA VAL G 148 6.67 -10.09 -20.45
C VAL G 148 5.23 -10.50 -20.76
N ALA G 149 4.97 -11.17 -21.89
CA ALA G 149 3.59 -11.47 -22.30
C ALA G 149 2.85 -12.37 -21.28
N PRO G 150 3.43 -13.48 -20.78
CA PRO G 150 2.74 -14.31 -19.78
C PRO G 150 2.50 -13.58 -18.46
N ARG G 151 3.50 -12.80 -18.01
CA ARG G 151 3.38 -12.04 -16.74
C ARG G 151 2.24 -11.03 -16.85
N LEU G 152 2.05 -10.46 -18.05
CA LEU G 152 0.95 -9.48 -18.27
C LEU G 152 -0.39 -10.19 -18.20
N TRP G 153 -0.46 -11.42 -18.71
CA TRP G 153 -1.67 -12.21 -18.70
C TRP G 153 -1.94 -12.87 -17.37
N ALA G 154 -0.90 -13.16 -16.59
CA ALA G 154 -1.09 -13.71 -15.25
C ALA G 154 -1.33 -12.63 -14.21
N GLY G 155 -1.16 -11.37 -14.57
CA GLY G 155 -1.57 -10.29 -13.69
C GLY G 155 -3.01 -9.89 -13.98
N PHE G 156 -3.36 -9.82 -15.27
CA PHE G 156 -4.72 -9.46 -15.64
C PHE G 156 -5.74 -10.44 -15.08
N ILE G 157 -5.43 -11.74 -15.09
CA ILE G 157 -6.41 -12.77 -14.76
C ILE G 157 -6.17 -13.35 -13.38
N SER G 158 -5.34 -12.71 -12.56
CA SER G 158 -5.14 -13.16 -11.19
C SER G 158 -5.50 -12.11 -10.15
N MET G 159 -5.23 -10.84 -10.43
CA MET G 159 -5.57 -9.81 -9.45
C MET G 159 -7.07 -9.64 -9.26
N PRO G 160 -7.92 -9.71 -10.29
CA PRO G 160 -9.36 -9.75 -10.01
C PRO G 160 -9.78 -10.98 -9.23
N LEU G 161 -9.21 -12.14 -9.54
CA LEU G 161 -9.50 -13.34 -8.77
C LEU G 161 -9.03 -13.20 -7.33
N LEU G 162 -7.84 -12.63 -7.12
CA LEU G 162 -7.36 -12.38 -5.77
C LEU G 162 -8.23 -11.37 -5.05
N ALA G 163 -8.75 -10.37 -5.75
CA ALA G 163 -9.65 -9.41 -5.13
C ALA G 163 -10.98 -10.04 -4.74
N ALA G 164 -11.52 -10.93 -5.57
CA ALA G 164 -12.72 -11.66 -5.20
C ALA G 164 -12.49 -12.53 -3.98
N ILE G 165 -11.37 -13.26 -3.95
CA ILE G 165 -11.04 -14.06 -2.78
C ILE G 165 -10.86 -13.17 -1.56
N PHE G 166 -10.24 -12.00 -1.75
CA PHE G 166 -10.04 -11.05 -0.67
C PHE G 166 -11.38 -10.60 -0.09
N SER G 167 -12.32 -10.23 -0.96
CA SER G 167 -13.62 -9.79 -0.50
C SER G 167 -14.37 -10.91 0.20
N VAL G 168 -14.29 -12.13 -0.33
CA VAL G 168 -14.99 -13.25 0.27
C VAL G 168 -14.44 -13.53 1.67
N VAL G 169 -13.12 -13.65 1.80
CA VAL G 169 -12.52 -13.92 3.10
C VAL G 169 -12.76 -12.76 4.06
N GLY G 170 -12.78 -11.52 3.55
CA GLY G 170 -13.03 -10.40 4.43
C GLY G 170 -14.45 -10.39 4.96
N ILE G 171 -15.41 -10.67 4.09
CA ILE G 171 -16.80 -10.77 4.52
C ILE G 171 -16.96 -11.88 5.55
N TRP G 172 -16.37 -13.04 5.27
CA TRP G 172 -16.53 -14.18 6.18
C TRP G 172 -15.85 -13.91 7.51
N GLY G 173 -14.69 -13.25 7.49
CA GLY G 173 -14.03 -12.92 8.73
C GLY G 173 -14.77 -11.87 9.52
N GLY G 174 -15.33 -10.88 8.84
CA GLY G 174 -16.22 -9.94 9.50
C GLY G 174 -17.42 -10.61 10.14
N ALA G 175 -17.98 -11.63 9.49
CA ALA G 175 -19.01 -12.43 10.13
C ALA G 175 -18.46 -13.11 11.37
N MET G 176 -17.31 -13.77 11.25
CA MET G 176 -16.75 -14.56 12.33
C MET G 176 -16.35 -13.72 13.54
N VAL G 177 -16.25 -12.40 13.41
CA VAL G 177 -15.97 -11.53 14.54
C VAL G 177 -17.22 -10.80 15.00
N ALA G 178 -18.12 -10.45 14.08
CA ALA G 178 -19.39 -9.90 14.49
C ALA G 178 -20.22 -10.96 15.22
N VAL G 179 -20.42 -12.11 14.59
CA VAL G 179 -21.28 -13.14 15.16
C VAL G 179 -20.62 -13.79 16.36
N ASP G 180 -19.47 -14.42 16.16
CA ASP G 180 -18.89 -15.27 17.20
C ASP G 180 -18.21 -14.47 18.30
N TRP G 181 -17.74 -13.26 18.01
CA TRP G 181 -17.05 -12.45 19.00
C TRP G 181 -17.92 -11.33 19.54
N LEU G 182 -18.55 -10.56 18.66
CA LEU G 182 -19.30 -9.40 19.10
C LEU G 182 -20.77 -9.73 19.37
N GLY G 183 -21.19 -10.93 18.99
CA GLY G 183 -22.48 -11.44 19.39
C GLY G 183 -23.69 -10.83 18.72
N VAL G 184 -23.51 -10.18 17.56
CA VAL G 184 -24.66 -9.73 16.81
C VAL G 184 -25.41 -10.93 16.25
N TYR G 185 -26.71 -10.72 16.00
CA TYR G 185 -27.58 -11.81 15.61
C TYR G 185 -27.12 -12.41 14.29
N GLU G 186 -26.93 -13.73 14.27
CA GLU G 186 -26.25 -14.41 13.17
C GLU G 186 -26.93 -14.16 11.83
N GLY G 187 -28.19 -14.59 11.69
CA GLY G 187 -28.83 -14.56 10.39
C GLY G 187 -28.97 -13.16 9.82
N SER G 188 -29.19 -12.17 10.69
CA SER G 188 -29.32 -10.79 10.25
C SER G 188 -28.10 -10.31 9.47
N PHE G 189 -26.91 -10.80 9.83
CA PHE G 189 -25.71 -10.42 9.12
C PHE G 189 -25.87 -10.65 7.63
N TRP G 190 -26.03 -11.91 7.23
CA TRP G 190 -26.16 -12.21 5.80
C TRP G 190 -27.47 -11.69 5.22
N ALA G 191 -28.55 -11.63 6.02
CA ALA G 191 -29.81 -11.16 5.48
C ALA G 191 -29.75 -9.68 5.10
N ASN G 192 -29.47 -8.85 6.11
CA ASN G 192 -29.31 -7.39 5.88
C ASN G 192 -28.23 -7.19 4.82
N MET G 193 -27.25 -8.10 4.77
CA MET G 193 -26.22 -7.99 3.75
C MET G 193 -26.79 -8.10 2.35
N GLN G 194 -27.47 -9.21 2.05
CA GLN G 194 -27.82 -9.51 0.66
C GLN G 194 -29.04 -8.74 0.18
N ASN G 195 -29.82 -8.12 1.08
CA ASN G 195 -30.94 -7.37 0.51
C ASN G 195 -30.52 -6.02 -0.04
N SER G 196 -29.33 -5.53 0.34
CA SER G 196 -28.94 -4.17 0.01
C SER G 196 -27.54 -4.11 -0.61
N VAL G 197 -27.18 -5.11 -1.39
CA VAL G 197 -25.88 -5.11 -2.06
C VAL G 197 -25.99 -4.53 -3.46
N GLN G 198 -27.06 -4.86 -4.18
CA GLN G 198 -27.27 -4.34 -5.52
C GLN G 198 -26.11 -4.71 -6.43
N PHE G 199 -26.01 -6.01 -6.73
CA PHE G 199 -24.91 -6.64 -7.47
C PHE G 199 -24.31 -5.75 -8.54
N THR G 200 -25.13 -5.18 -9.41
CA THR G 200 -24.63 -4.38 -10.52
C THR G 200 -23.89 -3.13 -10.07
N GLU G 201 -24.08 -2.67 -8.84
CA GLU G 201 -23.30 -1.56 -8.28
C GLU G 201 -22.41 -1.93 -7.11
N ASP G 202 -22.40 -3.18 -6.66
CA ASP G 202 -21.40 -3.53 -5.67
C ASP G 202 -20.45 -4.59 -6.21
N VAL G 203 -20.97 -5.75 -6.60
CA VAL G 203 -20.10 -6.85 -6.98
C VAL G 203 -19.42 -6.56 -8.32
N LEU G 204 -20.22 -6.33 -9.36
CA LEU G 204 -19.64 -6.00 -10.66
C LEU G 204 -18.89 -4.68 -10.61
N ASN G 205 -19.34 -3.73 -9.79
CA ASN G 205 -18.60 -2.49 -9.63
C ASN G 205 -17.19 -2.73 -9.11
N GLY G 206 -17.07 -3.39 -7.96
CA GLY G 206 -15.76 -3.71 -7.43
C GLY G 206 -14.95 -4.60 -8.34
N VAL G 207 -15.59 -5.46 -9.11
CA VAL G 207 -14.85 -6.37 -9.98
C VAL G 207 -14.27 -5.61 -11.17
N ILE G 208 -15.01 -4.66 -11.73
CA ILE G 208 -14.45 -3.83 -12.79
C ILE G 208 -13.38 -2.91 -12.22
N LYS G 209 -13.59 -2.40 -11.01
CA LYS G 209 -12.58 -1.57 -10.37
C LYS G 209 -11.31 -2.37 -10.08
N SER G 210 -11.44 -3.67 -9.86
CA SER G 210 -10.28 -4.51 -9.64
C SER G 210 -9.62 -4.92 -10.93
N ILE G 211 -10.38 -5.15 -12.00
CA ILE G 211 -9.78 -5.44 -13.29
C ILE G 211 -8.96 -4.25 -13.79
N VAL G 212 -9.52 -3.05 -13.61
CA VAL G 212 -8.89 -1.78 -14.08
C VAL G 212 -7.54 -1.56 -13.40
N PHE G 213 -7.53 -1.33 -12.08
CA PHE G 213 -6.26 -1.09 -11.35
C PHE G 213 -5.37 -2.34 -11.40
N ALA G 214 -5.97 -3.53 -11.33
CA ALA G 214 -5.18 -4.79 -11.38
C ALA G 214 -4.41 -4.86 -12.71
N PHE G 215 -5.05 -4.49 -13.82
CA PHE G 215 -4.35 -4.51 -15.14
C PHE G 215 -3.20 -3.51 -15.09
N VAL G 216 -3.46 -2.31 -14.54
CA VAL G 216 -2.43 -1.23 -14.42
C VAL G 216 -1.32 -1.70 -13.48
N VAL G 217 -1.69 -2.39 -12.40
CA VAL G 217 -0.72 -2.87 -11.38
C VAL G 217 0.28 -3.84 -12.01
N THR G 218 -0.13 -4.64 -13.01
CA THR G 218 0.81 -5.58 -13.59
C THR G 218 1.36 -5.10 -14.92
N TRP G 219 1.04 -3.87 -15.33
CA TRP G 219 1.65 -3.25 -16.50
C TRP G 219 2.78 -2.32 -16.12
N ILE G 220 2.61 -1.56 -15.04
CA ILE G 220 3.67 -0.73 -14.53
C ILE G 220 4.54 -1.50 -13.52
N ALA G 221 4.27 -2.78 -13.35
CA ALA G 221 5.16 -3.67 -12.60
C ALA G 221 6.00 -4.55 -13.50
N VAL G 222 5.53 -4.87 -14.70
CA VAL G 222 6.31 -5.63 -15.66
C VAL G 222 7.08 -4.74 -16.61
N TYR G 223 6.76 -3.45 -16.67
CA TYR G 223 7.54 -2.53 -17.49
C TYR G 223 8.72 -1.96 -16.71
N GLN G 224 8.49 -1.53 -15.47
CA GLN G 224 9.58 -1.00 -14.67
C GLN G 224 10.73 -1.99 -14.53
N GLY G 225 10.43 -3.28 -14.54
CA GLY G 225 11.48 -4.28 -14.52
C GLY G 225 12.16 -4.39 -15.87
N TYR G 226 11.36 -4.42 -16.94
CA TYR G 226 11.93 -4.51 -18.28
C TYR G 226 12.77 -3.29 -18.64
N ASP G 227 12.43 -2.12 -18.11
CA ASP G 227 13.18 -0.91 -18.42
C ASP G 227 13.97 -0.39 -17.21
N CYS G 228 14.46 -1.29 -16.37
CA CYS G 228 15.38 -0.87 -15.33
C CYS G 228 16.79 -0.79 -15.89
N GLU G 229 17.69 -0.22 -15.12
CA GLU G 229 19.06 -0.31 -15.64
C GLU G 229 19.71 -1.58 -15.11
N PRO G 230 20.44 -2.30 -15.95
CA PRO G 230 20.91 -3.64 -15.56
C PRO G 230 21.99 -3.61 -14.50
N THR G 231 21.61 -3.39 -13.24
CA THR G 231 22.55 -3.47 -12.14
C THR G 231 21.77 -3.81 -10.87
N SER G 232 22.51 -4.32 -9.88
CA SER G 232 21.88 -4.75 -8.63
C SER G 232 21.16 -3.61 -7.93
N GLU G 233 21.51 -2.37 -8.24
CA GLU G 233 20.83 -1.22 -7.67
C GLU G 233 19.76 -0.65 -8.59
N GLY G 234 19.92 -0.77 -9.90
CA GLY G 234 18.87 -0.37 -10.80
C GLY G 234 17.63 -1.21 -10.60
N ILE G 235 17.83 -2.51 -10.37
CA ILE G 235 16.70 -3.39 -10.09
C ILE G 235 16.04 -3.01 -8.78
N SER G 236 16.85 -2.67 -7.77
CA SER G 236 16.29 -2.35 -6.47
C SER G 236 15.62 -0.99 -6.46
N ARG G 237 15.96 -0.13 -7.41
CA ARG G 237 15.25 1.13 -7.55
C ARG G 237 13.99 0.96 -8.37
N ALA G 238 14.02 0.08 -9.37
CA ALA G 238 12.82 -0.22 -10.14
C ALA G 238 11.77 -0.96 -9.33
N THR G 239 12.18 -1.88 -8.46
CA THR G 239 11.21 -2.59 -7.63
C THR G 239 10.62 -1.72 -6.54
N THR G 240 11.11 -0.49 -6.39
CA THR G 240 10.51 0.50 -5.51
C THR G 240 9.66 1.49 -6.29
N ARG G 241 10.13 1.82 -7.49
CA ARG G 241 9.34 2.70 -8.38
C ARG G 241 8.04 1.98 -8.73
N THR G 242 8.09 0.66 -8.91
CA THR G 242 6.89 -0.08 -9.28
C THR G 242 5.94 -0.31 -8.12
N VAL G 243 6.35 -0.02 -6.90
CA VAL G 243 5.44 -0.11 -5.77
C VAL G 243 4.82 1.27 -5.60
N VAL G 244 5.65 2.30 -5.71
CA VAL G 244 5.15 3.67 -5.62
C VAL G 244 4.13 3.94 -6.71
N TYR G 245 4.53 3.70 -7.96
CA TYR G 245 3.66 3.98 -9.13
C TYR G 245 2.39 3.11 -9.12
N ALA G 246 2.50 1.85 -8.67
CA ALA G 246 1.35 0.96 -8.67
C ALA G 246 0.49 1.13 -7.43
N SER G 247 0.96 1.86 -6.42
CA SER G 247 0.09 2.34 -5.37
C SER G 247 -0.63 3.62 -5.75
N LEU G 248 0.06 4.52 -6.44
CA LEU G 248 -0.62 5.71 -6.96
C LEU G 248 -1.66 5.35 -8.01
N ALA G 249 -1.31 4.47 -8.94
CA ALA G 249 -2.23 4.03 -9.97
C ALA G 249 -3.28 3.06 -9.45
N VAL G 250 -3.24 2.72 -8.16
CA VAL G 250 -4.34 2.00 -7.54
C VAL G 250 -5.24 3.04 -6.90
N LEU G 251 -4.66 3.90 -6.06
CA LEU G 251 -5.47 4.87 -5.34
C LEU G 251 -6.14 5.86 -6.27
N GLY G 252 -5.36 6.65 -7.02
CA GLY G 252 -5.90 7.65 -7.91
C GLY G 252 -6.82 7.10 -8.97
N LEU G 253 -6.46 5.95 -9.53
CA LEU G 253 -7.35 5.29 -10.47
C LEU G 253 -8.61 4.79 -9.81
N ASP G 254 -8.57 4.46 -8.51
CA ASP G 254 -9.79 4.12 -7.80
C ASP G 254 -10.66 5.35 -7.60
N PHE G 255 -10.04 6.52 -7.39
CA PHE G 255 -10.82 7.75 -7.36
C PHE G 255 -11.50 8.00 -8.69
N ILE G 256 -10.73 7.84 -9.78
CA ILE G 256 -11.27 8.06 -11.16
C ILE G 256 -12.37 7.04 -11.47
N LEU G 257 -12.27 5.82 -10.91
CA LEU G 257 -13.25 4.77 -11.17
C LEU G 257 -14.44 4.85 -10.25
N THR G 258 -14.31 5.45 -9.07
CA THR G 258 -15.44 5.63 -8.17
C THR G 258 -16.20 6.91 -8.42
N ALA G 259 -15.56 7.86 -9.13
CA ALA G 259 -16.23 9.13 -9.50
C ALA G 259 -17.23 8.82 -10.61
N LEU G 260 -17.04 7.69 -11.30
CA LEU G 260 -17.93 7.23 -12.39
C LEU G 260 -19.06 6.39 -11.79
N MET G 261 -18.78 5.60 -10.75
CA MET G 261 -19.83 4.81 -10.14
C MET G 261 -19.64 4.88 -8.63
N PHE G 262 -20.51 5.63 -7.97
CA PHE G 262 -20.39 5.85 -6.54
C PHE G 262 -20.78 4.59 -5.75
N SER H 5 9.82 -36.47 -2.24
CA SER H 5 9.04 -37.41 -1.44
C SER H 5 8.29 -36.69 -0.32
N PRO H 6 7.18 -37.26 0.14
CA PRO H 6 6.44 -36.65 1.26
C PRO H 6 7.29 -36.47 2.50
N LEU H 7 8.08 -37.48 2.86
CA LEU H 7 8.98 -37.35 4.00
C LEU H 7 10.02 -36.26 3.79
N GLU H 8 10.35 -35.95 2.53
CA GLU H 8 11.21 -34.83 2.19
C GLU H 8 10.48 -33.49 2.27
N ARG H 9 9.25 -33.43 1.78
CA ARG H 9 8.48 -32.19 1.83
C ARG H 9 8.17 -31.77 3.25
N ILE H 10 7.82 -32.73 4.12
CA ILE H 10 7.52 -32.38 5.50
C ILE H 10 8.77 -31.97 6.26
N ARG H 11 9.92 -32.60 5.96
CA ARG H 11 11.17 -32.16 6.57
C ARG H 11 11.52 -30.74 6.13
N LEU H 12 11.35 -30.46 4.84
CA LEU H 12 11.59 -29.10 4.35
C LEU H 12 10.64 -28.08 4.97
N PHE H 13 9.37 -28.45 5.16
CA PHE H 13 8.42 -27.57 5.82
C PHE H 13 8.75 -27.32 7.29
N GLY H 14 9.13 -28.36 8.04
CA GLY H 14 9.56 -28.15 9.40
C GLY H 14 10.83 -27.35 9.51
N ARG H 15 11.75 -27.53 8.57
CA ARG H 15 12.97 -26.73 8.55
C ARG H 15 12.63 -25.25 8.33
N ALA H 16 11.73 -24.97 7.38
CA ALA H 16 11.29 -23.59 7.19
C ALA H 16 10.57 -23.04 8.42
N GLY H 17 9.77 -23.87 9.08
CA GLY H 17 9.06 -23.44 10.27
C GLY H 17 9.97 -23.06 11.41
N LEU H 18 10.96 -23.89 11.71
CA LEU H 18 11.96 -23.54 12.72
C LEU H 18 12.86 -22.41 12.26
N ASP H 19 13.15 -22.36 10.96
CA ASP H 19 14.02 -21.29 10.40
C ASP H 19 13.33 -19.94 10.60
N VAL H 20 12.00 -19.91 10.42
CA VAL H 20 11.21 -18.65 10.60
C VAL H 20 11.42 -18.14 12.03
N VAL H 21 11.27 -19.01 13.02
CA VAL H 21 11.45 -18.59 14.41
C VAL H 21 12.90 -18.21 14.68
N ALA H 22 13.86 -18.93 14.08
CA ALA H 22 15.26 -18.53 14.20
C ALA H 22 15.47 -17.12 13.70
N ALA H 23 14.83 -16.80 12.56
CA ALA H 23 14.94 -15.45 11.98
C ALA H 23 14.19 -14.45 12.85
N LEU H 24 13.06 -14.87 13.43
CA LEU H 24 12.24 -13.98 14.30
C LEU H 24 13.03 -13.60 15.55
N GLY H 25 13.92 -14.47 16.01
CA GLY H 25 14.73 -14.20 17.18
C GLY H 25 16.01 -13.44 16.83
N ARG H 26 16.59 -13.80 15.68
CA ARG H 26 17.76 -13.09 15.20
C ARG H 26 17.43 -11.64 14.93
N SER H 27 16.22 -11.39 14.44
CA SER H 27 15.74 -10.01 14.17
C SER H 27 15.68 -9.24 15.49
N THR H 28 15.16 -9.88 16.55
CA THR H 28 15.09 -9.25 17.85
C THR H 28 16.45 -8.92 18.43
N LEU H 29 17.39 -9.87 18.35
CA LEU H 29 18.76 -9.57 18.76
C LEU H 29 19.36 -8.44 17.94
N PHE H 30 19.06 -8.42 16.63
CA PHE H 30 19.57 -7.37 15.76
C PHE H 30 19.01 -6.01 16.16
N LEU H 31 17.70 -5.95 16.40
CA LEU H 31 17.09 -4.70 16.86
C LEU H 31 17.66 -4.26 18.21
N GLY H 32 17.94 -5.21 19.10
CA GLY H 32 18.57 -4.86 20.36
C GLY H 32 19.94 -4.26 20.17
N HIS H 33 20.83 -4.98 19.48
CA HIS H 33 22.17 -4.46 19.22
C HIS H 33 22.15 -3.15 18.45
N ALA H 34 21.10 -2.89 17.69
CA ALA H 34 21.02 -1.66 16.91
C ALA H 34 20.53 -0.48 17.76
N LEU H 35 19.52 -0.69 18.59
CA LEU H 35 18.88 0.43 19.27
C LEU H 35 19.59 0.82 20.57
N LEU H 36 20.12 -0.14 21.32
CA LEU H 36 20.69 0.19 22.62
C LEU H 36 21.99 -0.57 22.89
N GLY H 37 22.76 -0.87 21.86
CA GLY H 37 23.99 -1.61 22.05
C GLY H 37 25.12 -0.81 22.66
N ARG H 38 25.64 0.15 21.91
CA ARG H 38 26.79 0.94 22.34
C ARG H 38 26.69 2.31 21.67
N ARG H 39 27.80 3.05 21.67
CA ARG H 39 27.91 4.32 20.94
C ARG H 39 29.21 4.28 20.14
N THR H 40 29.10 3.92 18.87
CA THR H 40 30.28 3.82 18.01
C THR H 40 30.74 5.21 17.61
N PRO H 41 32.01 5.35 17.20
CA PRO H 41 32.56 6.69 16.96
C PRO H 41 31.92 7.43 15.80
N GLY H 42 31.48 6.74 14.76
CA GLY H 42 30.98 7.41 13.58
C GLY H 42 29.55 7.92 13.67
N THR H 43 28.89 7.76 14.82
CA THR H 43 27.49 8.13 14.94
C THR H 43 27.32 9.63 15.10
N GLY H 44 26.07 10.05 15.18
CA GLY H 44 25.72 11.45 15.33
C GLY H 44 24.27 11.65 14.98
N LEU H 45 23.88 12.93 14.96
CA LEU H 45 22.54 13.27 14.53
C LEU H 45 22.47 13.56 13.04
N HIS H 46 23.61 13.83 12.40
CA HIS H 46 23.63 14.00 10.95
C HIS H 46 23.17 12.75 10.22
N LEU H 47 23.54 11.56 10.73
CA LEU H 47 23.02 10.32 10.16
C LEU H 47 21.51 10.27 10.25
N LEU H 48 20.97 10.57 11.44
CA LEU H 48 19.53 10.52 11.62
C LEU H 48 18.83 11.52 10.70
N VAL H 49 19.45 12.67 10.45
CA VAL H 49 18.83 13.64 9.55
C VAL H 49 18.88 13.14 8.12
N LYS H 50 20.04 12.64 7.69
CA LYS H 50 20.16 12.09 6.33
C LYS H 50 19.13 10.99 6.09
N GLN H 51 18.92 10.15 7.11
CA GLN H 51 17.95 9.03 7.00
C GLN H 51 16.53 9.62 6.97
N LEU H 52 16.23 10.52 7.92
CA LEU H 52 14.91 11.12 7.95
C LEU H 52 14.56 11.76 6.61
N TYR H 53 15.57 12.20 5.87
CA TYR H 53 15.29 12.70 4.53
C TYR H 53 14.88 11.57 3.59
N SER H 54 15.72 10.54 3.47
CA SER H 54 15.45 9.48 2.51
C SER H 54 14.26 8.62 2.88
N VAL H 55 13.99 8.43 4.17
CA VAL H 55 12.88 7.61 4.62
C VAL H 55 11.57 8.38 4.68
N GLY H 56 11.55 9.55 5.29
CA GLY H 56 10.31 10.31 5.39
C GLY H 56 10.11 11.36 4.31
N VAL H 57 11.10 12.24 4.14
CA VAL H 57 10.91 13.36 3.22
C VAL H 57 10.79 12.88 1.79
N LEU H 58 11.56 11.88 1.40
CA LEU H 58 11.39 11.29 0.08
C LEU H 58 10.06 10.56 -0.04
N SER H 59 9.55 10.00 1.05
CA SER H 59 8.27 9.30 1.04
C SER H 59 7.10 10.24 1.29
N LEU H 60 7.30 11.53 1.04
CA LEU H 60 6.29 12.53 1.33
C LEU H 60 5.31 12.73 0.20
N ALA H 61 5.78 12.78 -1.05
CA ALA H 61 4.87 12.93 -2.18
C ALA H 61 3.94 11.74 -2.36
N ILE H 62 4.46 10.52 -2.17
CA ILE H 62 3.63 9.33 -2.33
C ILE H 62 2.47 9.36 -1.35
N ILE H 63 2.75 9.52 -0.05
CA ILE H 63 1.69 9.43 0.94
C ILE H 63 0.79 10.66 0.93
N VAL H 64 1.31 11.82 0.53
CA VAL H 64 0.44 12.99 0.44
C VAL H 64 -0.54 12.85 -0.71
N VAL H 65 -0.05 12.49 -1.89
CA VAL H 65 -0.93 12.30 -3.04
C VAL H 65 -1.92 11.18 -2.75
N SER H 66 -1.46 10.10 -2.13
CA SER H 66 -2.33 9.01 -1.76
C SER H 66 -3.36 9.41 -0.71
N GLY H 67 -3.00 10.24 0.26
CA GLY H 67 -3.96 10.68 1.24
C GLY H 67 -5.02 11.58 0.64
N LEU H 68 -4.61 12.48 -0.25
CA LEU H 68 -5.58 13.28 -0.97
C LEU H 68 -6.55 12.39 -1.74
N PHE H 69 -6.03 11.39 -2.46
CA PHE H 69 -6.88 10.54 -3.27
C PHE H 69 -7.80 9.68 -2.40
N ILE H 70 -7.27 9.10 -1.33
CA ILE H 70 -8.10 8.28 -0.47
C ILE H 70 -9.13 9.11 0.28
N GLY H 71 -8.84 10.39 0.55
CA GLY H 71 -9.84 11.24 1.18
C GLY H 71 -10.96 11.59 0.24
N MET H 72 -10.62 12.02 -0.98
CA MET H 72 -11.64 12.29 -1.98
C MET H 72 -12.23 11.01 -2.55
N VAL H 73 -11.80 9.85 -2.07
CA VAL H 73 -12.52 8.60 -2.33
C VAL H 73 -13.49 8.31 -1.20
N LEU H 74 -12.98 8.38 0.03
CA LEU H 74 -13.81 8.11 1.24
C LEU H 74 -15.04 9.02 1.21
N ALA H 75 -14.84 10.33 0.98
CA ALA H 75 -15.95 11.26 0.97
C ALA H 75 -16.87 11.00 -0.21
N LEU H 76 -16.31 10.91 -1.42
CA LEU H 76 -17.09 10.64 -2.62
C LEU H 76 -17.87 9.34 -2.54
N GLN H 77 -17.50 8.46 -1.61
CA GLN H 77 -18.19 7.14 -1.45
C GLN H 77 -19.22 7.20 -0.32
N GLY H 78 -18.81 7.59 0.89
CA GLY H 78 -19.73 7.68 2.01
C GLY H 78 -20.88 8.62 1.80
N TYR H 79 -20.67 9.74 1.10
CA TYR H 79 -21.77 10.59 0.68
C TYR H 79 -22.82 9.79 -0.08
N ASN H 80 -22.37 8.91 -0.97
CA ASN H 80 -23.27 8.06 -1.80
C ASN H 80 -24.02 7.08 -0.88
N ILE H 81 -23.32 6.37 -0.01
CA ILE H 81 -24.02 5.40 0.89
C ILE H 81 -24.84 6.12 1.96
N LEU H 82 -24.31 7.20 2.55
CA LEU H 82 -25.10 7.88 3.62
C LEU H 82 -26.31 8.61 3.04
N ILE H 83 -26.27 9.04 1.77
CA ILE H 83 -27.53 9.72 1.30
C ILE H 83 -28.73 8.76 1.37
N SER H 84 -28.50 7.47 1.10
CA SER H 84 -29.58 6.44 1.13
C SER H 84 -30.21 6.39 2.53
N TYR H 85 -29.37 6.31 3.57
CA TYR H 85 -29.86 6.26 4.97
C TYR H 85 -30.58 7.57 5.30
N GLY H 86 -30.04 8.69 4.81
CA GLY H 86 -30.64 10.02 5.04
C GLY H 86 -29.69 10.93 5.79
N SER H 87 -28.64 10.36 6.40
CA SER H 87 -27.62 11.16 7.12
C SER H 87 -26.65 11.74 6.09
N GLU H 88 -26.53 13.07 6.01
CA GLU H 88 -25.67 13.69 4.96
C GLU H 88 -24.66 14.68 5.54
N GLN H 89 -25.03 15.44 6.57
CA GLN H 89 -24.07 16.42 7.08
C GLN H 89 -22.80 15.74 7.55
N ALA H 90 -22.99 14.62 8.24
CA ALA H 90 -21.97 13.82 8.96
C ALA H 90 -20.90 13.18 8.05
N VAL H 91 -21.00 13.33 6.73
CA VAL H 91 -19.96 12.76 5.87
C VAL H 91 -18.59 13.25 6.28
N GLY H 92 -18.50 14.47 6.83
CA GLY H 92 -17.24 14.97 7.31
C GLY H 92 -16.74 14.23 8.54
N GLN H 93 -17.68 13.76 9.36
CA GLN H 93 -17.35 13.00 10.59
C GLN H 93 -17.02 11.56 10.20
N MET H 94 -17.86 10.94 9.38
CA MET H 94 -17.66 9.54 8.93
C MET H 94 -16.36 9.43 8.13
N VAL H 95 -16.11 10.38 7.22
CA VAL H 95 -14.87 10.33 6.39
C VAL H 95 -13.65 10.48 7.31
N ALA H 96 -13.70 11.42 8.25
CA ALA H 96 -12.59 11.64 9.19
C ALA H 96 -12.42 10.45 10.14
N LEU H 97 -13.52 9.90 10.64
CA LEU H 97 -13.43 8.80 11.64
C LEU H 97 -12.74 7.57 11.05
N THR H 98 -13.11 7.17 9.83
CA THR H 98 -12.49 5.97 9.19
C THR H 98 -10.99 6.20 8.96
N LEU H 99 -10.63 7.37 8.43
CA LEU H 99 -9.22 7.70 8.10
C LEU H 99 -8.36 7.90 9.36
N LEU H 100 -8.84 8.69 10.31
CA LEU H 100 -8.07 9.00 11.56
C LEU H 100 -7.97 7.81 12.52
N ARG H 101 -9.05 7.06 12.71
CA ARG H 101 -9.06 5.96 13.71
C ARG H 101 -8.61 4.62 13.13
N GLU H 102 -8.46 4.50 11.80
CA GLU H 102 -8.06 3.16 11.27
C GLU H 102 -7.41 3.26 9.88
N LEU H 103 -8.21 3.36 8.84
CA LEU H 103 -7.70 3.34 7.47
C LEU H 103 -6.57 4.32 7.24
N GLY H 104 -6.51 5.42 7.97
CA GLY H 104 -5.42 6.35 7.83
C GLY H 104 -4.09 5.70 8.11
N PRO H 105 -3.88 5.29 9.36
CA PRO H 105 -2.63 4.58 9.70
C PRO H 105 -2.42 3.30 8.92
N VAL H 106 -3.48 2.56 8.57
CA VAL H 106 -3.28 1.30 7.85
C VAL H 106 -2.77 1.55 6.45
N VAL H 107 -3.41 2.46 5.72
CA VAL H 107 -2.95 2.75 4.37
C VAL H 107 -1.59 3.43 4.42
N THR H 108 -1.30 4.18 5.48
CA THR H 108 0.04 4.76 5.59
C THR H 108 1.08 3.69 5.86
N GLY H 109 0.72 2.65 6.61
CA GLY H 109 1.62 1.53 6.79
C GLY H 109 1.79 0.69 5.54
N LEU H 110 0.77 0.65 4.69
CA LEU H 110 0.88 -0.04 3.41
C LEU H 110 1.71 0.70 2.39
N LEU H 111 1.65 2.04 2.39
CA LEU H 111 2.48 2.82 1.48
C LEU H 111 3.87 3.06 2.02
N PHE H 112 4.06 3.00 3.34
CA PHE H 112 5.36 3.15 3.94
C PHE H 112 6.11 1.83 4.00
N ALA H 113 5.40 0.71 4.01
CA ALA H 113 6.03 -0.58 3.79
C ALA H 113 6.41 -0.75 2.33
N GLY H 114 5.71 -0.09 1.43
CA GLY H 114 5.99 -0.23 0.02
C GLY H 114 7.08 0.69 -0.48
N ARG H 115 7.00 1.97 -0.14
CA ARG H 115 8.04 2.89 -0.57
C ARG H 115 9.26 2.81 0.33
N ALA H 116 9.10 3.18 1.60
CA ALA H 116 10.23 3.24 2.51
C ALA H 116 10.44 1.94 3.27
N GLY H 117 9.74 0.89 2.91
CA GLY H 117 10.01 -0.42 3.46
C GLY H 117 10.70 -1.28 2.42
N SER H 118 10.58 -0.90 1.16
CA SER H 118 11.33 -1.56 0.10
C SER H 118 12.58 -0.79 -0.27
N ALA H 119 12.51 0.54 -0.33
CA ALA H 119 13.69 1.35 -0.57
C ALA H 119 14.59 1.42 0.64
N LEU H 120 14.22 0.71 1.71
CA LEU H 120 15.01 0.63 2.96
C LEU H 120 15.77 -0.71 2.97
N THR H 121 15.08 -1.81 2.72
CA THR H 121 15.72 -3.16 2.65
C THR H 121 16.65 -3.20 1.44
N ALA H 122 16.21 -2.63 0.32
CA ALA H 122 17.03 -2.61 -0.93
C ALA H 122 18.29 -1.77 -0.69
N GLU H 123 18.15 -0.66 0.04
CA GLU H 123 19.30 0.24 0.31
C GLU H 123 20.25 -0.40 1.33
N ILE H 124 19.72 -1.16 2.29
CA ILE H 124 20.59 -1.78 3.29
C ILE H 124 20.93 -3.21 2.95
N GLY H 125 20.39 -3.76 1.86
CA GLY H 125 20.79 -5.08 1.43
C GLY H 125 21.79 -4.99 0.30
N ASN H 126 21.68 -3.94 -0.50
CA ASN H 126 22.74 -3.63 -1.45
C ASN H 126 24.00 -3.21 -0.70
N MET H 127 23.80 -2.60 0.46
CA MET H 127 24.95 -2.21 1.32
C MET H 127 25.63 -3.51 1.81
N LYS H 128 24.89 -4.63 1.81
CA LYS H 128 25.48 -5.89 2.23
C LYS H 128 26.10 -6.63 1.06
N ALA H 129 25.46 -6.55 -0.12
CA ALA H 129 25.95 -7.31 -1.27
C ALA H 129 27.24 -6.72 -1.80
N THR H 130 27.36 -5.40 -1.83
CA THR H 130 28.57 -4.75 -2.30
C THR H 130 29.63 -4.61 -1.21
N GLU H 131 29.44 -5.33 -0.09
CA GLU H 131 30.37 -5.33 1.05
C GLU H 131 30.51 -3.95 1.68
N GLN H 132 29.56 -3.06 1.42
CA GLN H 132 29.52 -1.77 2.08
C GLN H 132 29.35 -1.89 3.59
N LEU H 133 28.69 -2.96 4.05
CA LEU H 133 28.54 -3.17 5.48
C LEU H 133 29.76 -3.86 6.07
N SER H 134 30.25 -4.90 5.40
CA SER H 134 31.44 -5.60 5.88
C SER H 134 32.64 -4.69 5.93
N SER H 135 32.74 -3.72 5.01
CA SER H 135 33.82 -2.76 5.04
C SER H 135 33.64 -1.72 6.15
N LEU H 136 32.58 -1.82 6.94
CA LEU H 136 32.42 -0.93 8.08
C LEU H 136 32.94 -1.55 9.35
N GLU H 137 32.63 -2.82 9.60
CA GLU H 137 33.18 -3.49 10.78
C GLU H 137 34.70 -3.55 10.72
N MET H 138 35.27 -3.73 9.53
CA MET H 138 36.71 -3.75 9.40
C MET H 138 37.32 -2.36 9.52
N ILE H 139 36.54 -1.31 9.30
CA ILE H 139 36.98 0.03 9.70
C ILE H 139 36.91 0.16 11.21
N GLY H 140 35.88 -0.41 11.82
CA GLY H 140 35.68 -0.33 13.25
C GLY H 140 34.35 0.25 13.67
N VAL H 141 33.51 0.65 12.74
CA VAL H 141 32.20 1.20 13.04
C VAL H 141 31.19 0.06 12.97
N ASP H 142 30.46 -0.15 14.05
CA ASP H 142 29.43 -1.18 14.06
C ASP H 142 28.34 -0.79 13.08
N PRO H 143 28.15 -1.53 11.97
CA PRO H 143 27.12 -1.14 11.00
C PRO H 143 25.73 -1.18 11.56
N LEU H 144 25.47 -2.02 12.57
CA LEU H 144 24.17 -2.01 13.22
C LEU H 144 23.86 -0.68 13.88
N LYS H 145 24.89 0.05 14.33
CA LYS H 145 24.71 1.35 14.96
C LYS H 145 24.90 2.51 14.01
N TYR H 146 25.67 2.35 12.95
CA TYR H 146 25.91 3.45 12.01
C TYR H 146 24.95 3.42 10.83
N ILE H 147 24.62 2.20 10.37
CA ILE H 147 23.73 2.05 9.19
C ILE H 147 22.29 1.74 9.64
N VAL H 148 22.11 0.63 10.36
CA VAL H 148 20.76 0.19 10.85
C VAL H 148 20.16 1.14 11.87
N ALA H 149 20.97 1.69 12.79
CA ALA H 149 20.42 2.52 13.90
C ALA H 149 19.69 3.77 13.40
N PRO H 150 20.23 4.59 12.48
CA PRO H 150 19.52 5.77 11.99
C PRO H 150 18.28 5.38 11.16
N ARG H 151 18.42 4.31 10.37
CA ARG H 151 17.30 3.84 9.51
C ARG H 151 16.12 3.46 10.41
N LEU H 152 16.39 2.75 11.51
CA LEU H 152 15.32 2.36 12.45
C LEU H 152 14.73 3.62 13.08
N TRP H 153 15.59 4.55 13.48
CA TRP H 153 15.16 5.82 14.13
C TRP H 153 14.36 6.66 13.13
N ALA H 154 14.79 6.69 11.86
CA ALA H 154 14.09 7.47 10.81
C ALA H 154 12.67 6.90 10.64
N GLY H 155 12.53 5.58 10.69
CA GLY H 155 11.22 4.92 10.53
C GLY H 155 10.30 5.17 11.72
N PHE H 156 10.83 5.07 12.95
CA PHE H 156 10.00 5.26 14.13
C PHE H 156 9.40 6.67 14.18
N ILE H 157 10.18 7.68 13.80
CA ILE H 157 9.78 9.07 13.99
C ILE H 157 9.33 9.71 12.69
N SER H 158 9.12 8.94 11.64
CA SER H 158 8.62 9.49 10.38
C SER H 158 7.29 8.88 9.95
N MET H 159 7.08 7.59 10.19
CA MET H 159 5.82 6.98 9.79
C MET H 159 4.62 7.50 10.59
N PRO H 160 4.73 7.76 11.90
CA PRO H 160 3.61 8.45 12.57
C PRO H 160 3.39 9.85 12.04
N LEU H 161 4.47 10.58 11.76
CA LEU H 161 4.33 11.91 11.16
C LEU H 161 3.70 11.82 9.77
N LEU H 162 4.12 10.84 8.97
CA LEU H 162 3.51 10.64 7.66
C LEU H 162 2.05 10.24 7.78
N ALA H 163 1.70 9.46 8.80
CA ALA H 163 0.31 9.09 9.01
C ALA H 163 -0.54 10.29 9.43
N ALA H 164 -0.01 11.16 10.27
CA ALA H 164 -0.72 12.38 10.61
C ALA H 164 -0.93 13.26 9.39
N ILE H 165 0.12 13.45 8.58
CA ILE H 165 -0.03 14.21 7.34
C ILE H 165 -1.03 13.55 6.42
N PHE H 166 -1.01 12.21 6.36
CA PHE H 166 -1.96 11.47 5.55
C PHE H 166 -3.38 11.75 5.98
N SER H 167 -3.65 11.66 7.29
CA SER H 167 -4.99 11.90 7.79
C SER H 167 -5.43 13.34 7.54
N VAL H 168 -4.51 14.29 7.73
CA VAL H 168 -4.86 15.69 7.52
C VAL H 168 -5.22 15.94 6.06
N VAL H 169 -4.37 15.50 5.13
CA VAL H 169 -4.65 15.72 3.72
C VAL H 169 -5.89 14.94 3.29
N GLY H 170 -6.13 13.77 3.87
CA GLY H 170 -7.32 13.02 3.52
C GLY H 170 -8.59 13.71 3.97
N ILE H 171 -8.58 14.22 5.20
CA ILE H 171 -9.72 14.98 5.70
C ILE H 171 -9.97 16.20 4.83
N TRP H 172 -8.90 16.95 4.52
CA TRP H 172 -9.06 18.17 3.76
C TRP H 172 -9.54 17.87 2.34
N GLY H 173 -9.04 16.78 1.74
CA GLY H 173 -9.50 16.41 0.42
C GLY H 173 -10.94 15.93 0.41
N GLY H 174 -11.33 15.17 1.44
CA GLY H 174 -12.73 14.84 1.60
C GLY H 174 -13.62 16.04 1.74
N ALA H 175 -13.16 17.08 2.44
CA ALA H 175 -13.88 18.34 2.46
C ALA H 175 -13.98 18.92 1.05
N MET H 176 -12.85 19.00 0.35
CA MET H 176 -12.78 19.64 -0.96
C MET H 176 -13.62 18.93 -2.01
N VAL H 177 -14.04 17.69 -1.78
CA VAL H 177 -14.93 16.98 -2.70
C VAL H 177 -16.36 16.94 -2.18
N ALA H 178 -16.55 16.86 -0.87
CA ALA H 178 -17.88 16.99 -0.32
C ALA H 178 -18.42 18.40 -0.53
N VAL H 179 -17.67 19.41 -0.10
CA VAL H 179 -18.14 20.79 -0.16
C VAL H 179 -18.15 21.29 -1.59
N ASP H 180 -16.98 21.32 -2.23
CA ASP H 180 -16.86 22.01 -3.52
C ASP H 180 -17.42 21.20 -4.68
N TRP H 181 -17.45 19.87 -4.56
CA TRP H 181 -17.96 19.02 -5.63
C TRP H 181 -19.35 18.49 -5.35
N LEU H 182 -19.57 17.92 -4.17
CA LEU H 182 -20.84 17.27 -3.88
C LEU H 182 -21.83 18.25 -3.24
N GLY H 183 -21.36 19.43 -2.86
CA GLY H 183 -22.25 20.50 -2.45
C GLY H 183 -22.90 20.36 -1.10
N VAL H 184 -22.36 19.52 -0.23
CA VAL H 184 -22.87 19.47 1.13
C VAL H 184 -22.51 20.76 1.86
N TYR H 185 -23.31 21.10 2.87
CA TYR H 185 -23.18 22.38 3.55
C TYR H 185 -21.80 22.48 4.21
N GLU H 186 -21.09 23.57 3.90
CA GLU H 186 -19.68 23.71 4.25
C GLU H 186 -19.42 23.54 5.74
N GLY H 187 -19.98 24.43 6.56
CA GLY H 187 -19.64 24.45 7.96
C GLY H 187 -20.00 23.19 8.70
N SER H 188 -21.10 22.55 8.31
CA SER H 188 -21.52 21.30 8.93
C SER H 188 -20.45 20.22 8.86
N PHE H 189 -19.66 20.21 7.78
CA PHE H 189 -18.59 19.23 7.64
C PHE H 189 -17.69 19.26 8.88
N TRP H 190 -17.01 20.37 9.10
CA TRP H 190 -16.10 20.47 10.24
C TRP H 190 -16.84 20.46 11.56
N ALA H 191 -18.07 21.00 11.61
CA ALA H 191 -18.80 21.03 12.88
C ALA H 191 -19.16 19.63 13.35
N ASN H 192 -19.94 18.93 12.51
CA ASN H 192 -20.34 17.53 12.80
C ASN H 192 -19.06 16.71 13.00
N MET H 193 -17.98 17.10 12.31
CA MET H 193 -16.72 16.39 12.48
C MET H 193 -16.20 16.50 13.90
N GLN H 194 -15.99 17.72 14.39
CA GLN H 194 -15.25 17.89 15.63
C GLN H 194 -16.11 17.65 16.87
N ASN H 195 -17.44 17.58 16.74
CA ASN H 195 -18.16 17.31 17.99
C ASN H 195 -18.14 15.84 18.34
N SER H 196 -17.86 14.97 17.36
CA SER H 196 -17.94 13.51 17.59
C SER H 196 -16.65 12.78 17.21
N VAL H 197 -15.48 13.38 17.48
CA VAL H 197 -14.22 12.71 17.21
C VAL H 197 -13.69 12.01 18.44
N GLN H 198 -13.83 12.63 19.62
CA GLN H 198 -13.37 12.03 20.86
C GLN H 198 -11.89 11.72 20.80
N PHE H 199 -11.07 12.77 20.78
CA PHE H 199 -9.62 12.74 20.58
C PHE H 199 -8.96 11.51 21.18
N THR H 200 -9.23 11.22 22.45
CA THR H 200 -8.56 10.10 23.11
C THR H 200 -8.89 8.74 22.49
N GLU H 201 -9.97 8.62 21.72
CA GLU H 201 -10.27 7.41 20.98
C GLU H 201 -10.22 7.55 19.47
N ASP H 202 -9.83 8.70 18.93
CA ASP H 202 -9.69 8.73 17.45
C ASP H 202 -8.32 9.27 17.05
N VAL H 203 -7.92 10.42 17.62
CA VAL H 203 -6.62 10.96 17.23
C VAL H 203 -5.50 10.19 17.89
N LEU H 204 -5.50 10.15 19.22
CA LEU H 204 -4.47 9.39 19.92
C LEU H 204 -4.56 7.90 19.62
N ASN H 205 -5.77 7.39 19.39
CA ASN H 205 -5.92 5.99 19.01
C ASN H 205 -5.19 5.70 17.70
N GLY H 206 -5.53 6.43 16.63
CA GLY H 206 -4.83 6.24 15.38
C GLY H 206 -3.36 6.54 15.45
N VAL H 207 -2.95 7.45 16.32
CA VAL H 207 -1.53 7.79 16.41
C VAL H 207 -0.75 6.66 17.08
N ILE H 208 -1.32 6.04 18.11
CA ILE H 208 -0.66 4.89 18.71
C ILE H 208 -0.68 3.71 17.75
N LYS H 209 -1.79 3.55 17.02
CA LYS H 209 -1.87 2.49 16.02
C LYS H 209 -0.85 2.70 14.90
N SER H 210 -0.51 3.95 14.62
CA SER H 210 0.50 4.25 13.61
C SER H 210 1.91 4.11 14.15
N ILE H 211 2.15 4.46 15.41
CA ILE H 211 3.46 4.24 16.00
C ILE H 211 3.78 2.75 16.06
N VAL H 212 2.79 1.97 16.48
CA VAL H 212 2.96 0.48 16.61
C VAL H 212 3.31 -0.07 15.23
N PHE H 213 2.65 0.45 14.19
CA PHE H 213 2.92 0.00 12.80
C PHE H 213 4.35 0.37 12.40
N ALA H 214 4.79 1.59 12.72
CA ALA H 214 6.13 2.09 12.32
C ALA H 214 7.23 1.23 12.94
N PHE H 215 7.09 0.87 14.22
CA PHE H 215 8.12 0.04 14.89
C PHE H 215 8.19 -1.34 14.24
N VAL H 216 7.04 -1.89 13.85
CA VAL H 216 7.00 -3.26 13.26
C VAL H 216 7.26 -3.19 11.74
N VAL H 217 7.15 -2.01 11.13
CA VAL H 217 7.37 -1.94 9.69
C VAL H 217 8.81 -1.58 9.37
N THR H 218 9.33 -0.56 10.04
CA THR H 218 10.74 -0.12 9.82
C THR H 218 11.72 -1.11 10.46
N TRP H 219 11.25 -2.11 11.20
CA TRP H 219 12.24 -3.07 11.77
C TRP H 219 12.29 -4.33 10.89
N ILE H 220 11.15 -4.72 10.31
CA ILE H 220 11.15 -5.91 9.42
C ILE H 220 11.60 -5.43 8.02
N ALA H 221 11.68 -4.11 7.82
CA ALA H 221 12.20 -3.59 6.57
C ALA H 221 13.69 -3.31 6.62
N VAL H 222 14.21 -3.08 7.82
CA VAL H 222 15.66 -2.81 8.01
C VAL H 222 16.37 -4.13 8.32
N TYR H 223 15.64 -5.15 8.76
CA TYR H 223 16.27 -6.47 9.06
C TYR H 223 16.28 -7.33 7.79
N GLN H 224 15.18 -7.31 7.03
CA GLN H 224 15.08 -8.09 5.78
C GLN H 224 16.29 -7.77 4.89
N GLY H 225 16.72 -6.51 4.89
CA GLY H 225 17.84 -6.06 4.09
C GLY H 225 19.14 -6.49 4.70
N TYR H 226 19.28 -6.29 6.02
CA TYR H 226 20.51 -6.67 6.69
C TYR H 226 20.76 -8.18 6.64
N ASP H 227 19.71 -8.99 6.61
CA ASP H 227 19.87 -10.45 6.56
C ASP H 227 19.43 -11.03 5.22
N CYS H 228 19.64 -10.31 4.13
CA CYS H 228 19.43 -10.89 2.82
C CYS H 228 20.68 -11.67 2.41
N GLU H 229 20.56 -12.42 1.34
CA GLU H 229 21.82 -13.01 0.89
C GLU H 229 22.49 -12.06 -0.09
N PRO H 230 23.81 -11.89 0.00
CA PRO H 230 24.45 -10.84 -0.79
C PRO H 230 24.52 -11.13 -2.28
N THR H 231 23.41 -10.96 -2.98
CA THR H 231 23.39 -11.10 -4.43
C THR H 231 22.26 -10.25 -4.99
N SER H 232 22.36 -9.95 -6.28
CA SER H 232 21.37 -9.08 -6.92
C SER H 232 19.97 -9.66 -6.86
N GLU H 233 19.86 -10.98 -6.65
CA GLU H 233 18.56 -11.62 -6.51
C GLU H 233 18.16 -11.81 -5.06
N GLY H 234 19.12 -11.99 -4.16
CA GLY H 234 18.79 -12.06 -2.76
C GLY H 234 18.21 -10.75 -2.28
N ILE H 235 18.76 -9.65 -2.76
CA ILE H 235 18.22 -8.32 -2.42
C ILE H 235 16.82 -8.17 -2.98
N SER H 236 16.60 -8.64 -4.20
CA SER H 236 15.31 -8.47 -4.83
C SER H 236 14.26 -9.39 -4.23
N ARG H 237 14.69 -10.47 -3.57
CA ARG H 237 13.76 -11.30 -2.84
C ARG H 237 13.49 -10.75 -1.44
N ALA H 238 14.50 -10.15 -0.82
CA ALA H 238 14.30 -9.50 0.46
C ALA H 238 13.43 -8.25 0.36
N THR H 239 13.57 -7.47 -0.70
CA THR H 239 12.73 -6.29 -0.85
C THR H 239 11.30 -6.63 -1.21
N THR H 240 11.00 -7.90 -1.44
CA THR H 240 9.63 -8.37 -1.61
C THR H 240 9.12 -9.02 -0.33
N ARG H 241 10.02 -9.71 0.37
CA ARG H 241 9.66 -10.33 1.67
C ARG H 241 9.33 -9.20 2.64
N THR H 242 10.03 -8.06 2.54
CA THR H 242 9.77 -6.95 3.45
C THR H 242 8.54 -6.15 3.10
N VAL H 243 7.94 -6.38 1.95
CA VAL H 243 6.68 -5.72 1.61
C VAL H 243 5.57 -6.64 2.06
N VAL H 244 5.75 -7.94 1.78
CA VAL H 244 4.76 -8.93 2.22
C VAL H 244 4.63 -8.92 3.75
N TYR H 245 5.76 -9.10 4.43
CA TYR H 245 5.72 -9.16 5.91
C TYR H 245 5.19 -7.84 6.48
N ALA H 246 5.64 -6.70 5.95
CA ALA H 246 5.26 -5.42 6.53
C ALA H 246 3.87 -4.98 6.12
N SER H 247 3.25 -5.66 5.16
CA SER H 247 1.83 -5.53 4.95
C SER H 247 1.02 -6.44 5.87
N LEU H 248 1.56 -7.62 6.15
CA LEU H 248 0.92 -8.58 7.09
C LEU H 248 1.15 -8.07 8.52
N ALA H 249 2.23 -7.30 8.74
CA ALA H 249 2.53 -6.75 10.08
C ALA H 249 1.79 -5.43 10.26
N VAL H 250 1.14 -4.94 9.21
CA VAL H 250 0.34 -3.73 9.30
C VAL H 250 -1.09 -4.16 9.51
N LEU H 251 -1.60 -5.01 8.62
CA LEU H 251 -3.00 -5.41 8.70
C LEU H 251 -3.30 -6.17 9.99
N GLY H 252 -2.60 -7.29 10.17
CA GLY H 252 -2.74 -8.15 11.36
C GLY H 252 -2.57 -7.35 12.64
N LEU H 253 -1.48 -6.58 12.76
CA LEU H 253 -1.27 -5.78 14.01
C LEU H 253 -2.35 -4.72 14.12
N ASP H 254 -2.95 -4.27 13.00
CA ASP H 254 -4.04 -3.32 13.14
C ASP H 254 -5.28 -4.00 13.71
N PHE H 255 -5.45 -5.30 13.40
CA PHE H 255 -6.57 -6.09 13.96
C PHE H 255 -6.35 -6.29 15.46
N ILE H 256 -5.10 -6.47 15.88
CA ILE H 256 -4.76 -6.68 17.31
C ILE H 256 -4.79 -5.34 18.04
N LEU H 257 -4.57 -4.23 17.33
CA LEU H 257 -4.56 -2.89 17.96
C LEU H 257 -5.99 -2.35 18.02
N THR H 258 -6.86 -2.79 17.11
CA THR H 258 -8.23 -2.31 17.11
C THR H 258 -9.14 -3.17 17.98
N ALA H 259 -8.77 -4.42 18.26
CA ALA H 259 -9.42 -5.15 19.33
C ALA H 259 -9.19 -4.47 20.67
N LEU H 260 -7.98 -3.95 20.88
CA LEU H 260 -7.68 -3.23 22.11
C LEU H 260 -8.51 -1.96 22.26
N MET H 261 -8.87 -1.31 21.16
CA MET H 261 -9.60 -0.04 21.22
C MET H 261 -10.42 0.05 19.94
N PHE H 262 -11.72 -0.13 20.07
CA PHE H 262 -12.60 -0.13 18.92
C PHE H 262 -12.79 1.29 18.36
N ALA I 6 33.98 -15.94 -47.03
CA ALA I 6 35.35 -15.95 -46.52
C ALA I 6 35.41 -15.40 -45.10
N TYR I 7 34.65 -14.34 -44.85
CA TYR I 7 34.57 -13.71 -43.55
C TYR I 7 33.20 -13.98 -42.94
N ALA I 8 33.19 -14.40 -41.67
CA ALA I 8 31.93 -14.70 -41.00
C ALA I 8 31.13 -13.44 -40.74
N VAL I 9 31.75 -12.44 -40.12
CA VAL I 9 31.08 -11.19 -39.76
C VAL I 9 31.91 -10.04 -40.31
N GLU I 10 31.23 -9.07 -40.92
CA GLU I 10 31.86 -7.85 -41.39
C GLU I 10 30.98 -6.66 -41.04
N LEU I 11 31.61 -5.56 -40.64
CA LEU I 11 30.91 -4.35 -40.21
C LEU I 11 31.26 -3.24 -41.18
N LYS I 12 30.52 -3.16 -42.29
CA LYS I 12 30.78 -2.15 -43.30
C LYS I 12 30.18 -0.82 -42.88
N GLY I 13 31.05 0.14 -42.53
CA GLY I 13 30.62 1.45 -42.11
C GLY I 13 29.63 1.41 -40.96
N LEU I 14 30.05 0.81 -39.85
CA LEU I 14 29.17 0.58 -38.71
C LEU I 14 29.35 1.69 -37.69
N THR I 15 28.23 2.19 -37.17
CA THR I 15 28.23 3.20 -36.12
C THR I 15 26.94 3.06 -35.34
N PHE I 16 26.98 3.43 -34.06
CA PHE I 16 25.85 3.21 -33.18
C PHE I 16 25.60 4.42 -32.28
N LYS I 17 24.34 4.80 -32.14
CA LYS I 17 23.98 5.97 -31.30
C LYS I 17 23.00 5.56 -30.19
N ARG I 18 23.37 5.84 -28.94
CA ARG I 18 22.51 5.50 -27.77
C ARG I 18 22.17 6.80 -27.02
N GLY I 19 21.03 7.41 -27.33
CA GLY I 19 20.61 8.67 -26.68
C GLY I 19 21.50 9.82 -27.09
N SER I 20 21.77 9.96 -28.39
CA SER I 20 22.64 11.04 -28.92
C SER I 20 23.99 11.04 -28.18
N ARG I 21 24.61 9.86 -28.04
CA ARG I 21 25.92 9.73 -27.35
C ARG I 21 26.97 9.23 -28.35
N ALA I 22 26.51 8.70 -29.49
CA ALA I 22 27.39 8.19 -30.56
C ALA I 22 28.41 7.20 -29.97
N ILE I 23 27.93 6.04 -29.49
CA ILE I 23 28.82 5.00 -28.91
C ILE I 23 29.90 4.65 -29.94
N PHE I 24 29.48 4.38 -31.19
CA PHE I 24 30.44 4.04 -32.27
C PHE I 24 30.33 5.07 -33.40
N ASP I 25 31.36 5.16 -34.23
CA ASP I 25 31.40 6.08 -35.38
C ASP I 25 32.27 5.47 -36.47
N ASN I 26 31.62 4.89 -37.48
CA ASN I 26 32.28 4.39 -38.68
C ASN I 26 33.42 3.41 -38.34
N ILE I 27 33.04 2.30 -37.73
CA ILE I 27 33.99 1.23 -37.46
C ILE I 27 33.86 0.18 -38.55
N ASP I 28 34.93 -0.60 -38.72
CA ASP I 28 34.95 -1.63 -39.77
C ASP I 28 35.78 -2.81 -39.24
N VAL I 29 35.08 -3.80 -38.70
CA VAL I 29 35.72 -5.03 -38.26
C VAL I 29 35.39 -6.12 -39.27
N ARG I 30 36.33 -7.04 -39.45
CA ARG I 30 36.17 -8.13 -40.41
C ARG I 30 36.55 -9.42 -39.70
N ILE I 31 35.54 -10.19 -39.30
CA ILE I 31 35.72 -11.39 -38.50
C ILE I 31 36.05 -12.54 -39.44
N PRO I 32 37.22 -13.16 -39.34
CA PRO I 32 37.51 -14.33 -40.17
C PRO I 32 36.91 -15.59 -39.58
N ARG I 33 36.23 -16.34 -40.44
CA ARG I 33 35.56 -17.54 -39.97
C ARG I 33 36.58 -18.64 -39.67
N GLY I 34 36.19 -19.56 -38.80
CA GLY I 34 37.04 -20.66 -38.41
C GLY I 34 38.15 -20.30 -37.44
N LYS I 35 38.33 -19.02 -37.12
CA LYS I 35 39.40 -18.58 -36.25
C LYS I 35 38.83 -17.93 -35.00
N VAL I 36 39.51 -18.13 -33.87
CA VAL I 36 39.13 -17.47 -32.63
C VAL I 36 39.60 -16.02 -32.70
N THR I 37 38.70 -15.12 -33.04
CA THR I 37 39.00 -13.70 -33.01
C THR I 37 38.57 -13.09 -31.69
N GLY I 38 39.36 -12.15 -31.20
CA GLY I 38 39.06 -11.54 -29.92
C GLY I 38 39.04 -10.03 -29.94
N ILE I 39 37.89 -9.43 -29.64
CA ILE I 39 37.78 -7.95 -29.66
C ILE I 39 37.82 -7.38 -28.22
N MET I 40 38.99 -7.39 -27.59
CA MET I 40 39.14 -6.87 -26.21
C MET I 40 39.25 -5.34 -26.26
N GLY I 41 39.01 -4.66 -25.14
CA GLY I 41 39.08 -3.19 -25.08
C GLY I 41 39.12 -2.69 -23.65
N SER I 43 36.48 -1.01 -21.02
CA SER I 43 35.16 -0.85 -20.37
C SER I 43 34.31 0.13 -21.17
N GLY I 44 34.84 1.34 -21.42
CA GLY I 44 34.13 2.37 -22.19
C GLY I 44 33.87 1.93 -23.62
N CYS I 45 34.85 1.25 -24.22
CA CYS I 45 34.77 0.74 -25.62
C CYS I 45 33.40 0.09 -25.86
N GLY I 46 32.69 -0.23 -24.79
CA GLY I 46 31.35 -0.85 -24.87
C GLY I 46 31.35 -2.02 -25.82
N LYS I 47 32.33 -2.92 -25.66
CA LYS I 47 32.50 -4.13 -26.51
C LYS I 47 31.25 -5.03 -26.39
N THR I 48 30.68 -5.12 -25.19
CA THR I 48 29.45 -5.95 -24.95
C THR I 48 28.31 -5.41 -25.83
N THR I 49 28.20 -4.08 -25.95
CA THR I 49 27.15 -3.46 -26.80
C THR I 49 27.38 -3.86 -28.27
N LEU I 50 28.64 -3.89 -28.69
CA LEU I 50 29.00 -4.26 -30.10
C LEU I 50 28.49 -5.67 -30.41
N LEU I 51 28.67 -6.61 -29.46
CA LEU I 51 28.21 -8.02 -29.60
C LEU I 51 26.77 -8.02 -30.09
N ARG I 52 25.89 -7.30 -29.39
CA ARG I 52 24.46 -7.17 -29.75
C ARG I 52 24.34 -6.84 -31.23
N LEU I 53 25.07 -5.81 -31.68
CA LEU I 53 25.04 -5.38 -33.10
C LEU I 53 25.28 -6.59 -34.02
N ILE I 54 26.44 -7.26 -33.88
CA ILE I 54 26.75 -8.41 -34.73
C ILE I 54 25.86 -9.59 -34.42
N ALA I 55 25.06 -9.53 -33.37
CA ALA I 55 24.01 -10.50 -33.11
C ALA I 55 22.63 -9.94 -33.42
N SER I 56 22.55 -8.67 -33.84
CA SER I 56 21.30 -8.02 -34.23
C SER I 56 20.28 -8.01 -33.09
N GLN I 57 20.78 -8.01 -31.86
CA GLN I 57 19.90 -7.71 -30.73
C GLN I 57 19.68 -6.21 -30.60
N LEU I 58 20.50 -5.40 -31.25
CA LEU I 58 20.41 -3.95 -31.19
C LEU I 58 20.54 -3.43 -32.62
N ARG I 59 19.61 -2.58 -33.02
CA ARG I 59 19.65 -2.09 -34.39
C ARG I 59 20.69 -0.98 -34.53
N PRO I 60 21.60 -1.07 -35.50
CA PRO I 60 22.61 -0.03 -35.65
C PRO I 60 22.00 1.29 -36.10
N SER I 61 22.76 2.36 -35.88
CA SER I 61 22.31 3.69 -36.30
C SER I 61 22.28 3.78 -37.82
N LYS I 62 23.43 3.60 -38.46
CA LYS I 62 23.51 3.49 -39.91
C LYS I 62 24.70 2.62 -40.28
N GLY I 63 24.51 1.78 -41.28
CA GLY I 63 25.50 0.78 -41.63
C GLY I 63 24.92 -0.61 -41.61
N GLU I 64 25.64 -1.59 -42.14
CA GLU I 64 25.14 -2.95 -42.21
C GLU I 64 26.18 -3.91 -41.66
N VAL I 65 25.70 -5.03 -41.12
CA VAL I 65 26.57 -6.05 -40.54
C VAL I 65 26.38 -7.32 -41.37
N TRP I 66 27.37 -7.62 -42.21
CA TRP I 66 27.32 -8.81 -43.06
C TRP I 66 27.74 -10.00 -42.21
N VAL I 67 26.78 -10.84 -41.84
CA VAL I 67 27.01 -12.01 -41.01
C VAL I 67 26.71 -13.24 -41.82
N ASN I 68 27.73 -14.06 -42.07
CA ASN I 68 27.59 -15.33 -42.79
C ASN I 68 26.89 -15.15 -44.12
N GLY I 69 27.21 -14.07 -44.84
CA GLY I 69 26.54 -13.80 -46.10
C GLY I 69 25.71 -12.53 -46.05
N GLN I 70 24.40 -12.68 -46.06
CA GLN I 70 23.49 -11.55 -46.05
C GLN I 70 23.65 -10.75 -44.75
N ASN I 71 23.17 -9.51 -44.79
CA ASN I 71 23.26 -8.61 -43.65
C ASN I 71 22.01 -8.74 -42.78
N LEU I 72 22.18 -8.48 -41.49
CA LEU I 72 21.13 -8.72 -40.51
C LEU I 72 20.05 -7.63 -40.51
N PRO I 73 20.37 -6.35 -40.37
CA PRO I 73 19.33 -5.34 -40.19
C PRO I 73 18.43 -5.12 -41.40
N GLN I 74 18.65 -5.84 -42.50
CA GLN I 74 17.86 -5.71 -43.71
C GLN I 74 17.21 -7.05 -44.07
N LEU I 75 16.66 -7.73 -43.07
CA LEU I 75 15.99 -9.00 -43.27
C LEU I 75 14.63 -8.98 -42.59
N SER I 76 13.72 -9.81 -43.10
CA SER I 76 12.42 -9.95 -42.48
C SER I 76 12.55 -10.65 -41.12
N ARG I 77 11.67 -10.25 -40.19
CA ARG I 77 11.68 -10.86 -38.86
C ARG I 77 11.55 -12.37 -38.92
N GLY I 78 10.68 -12.90 -39.79
CA GLY I 78 10.62 -14.33 -39.99
C GLY I 78 11.86 -14.95 -40.59
N ASP I 79 12.73 -14.12 -41.18
CA ASP I 79 14.03 -14.58 -41.64
C ASP I 79 15.17 -14.20 -40.70
N LEU I 80 15.05 -13.08 -40.00
CA LEU I 80 16.01 -12.76 -38.95
C LEU I 80 16.00 -13.84 -37.87
N PHE I 81 14.82 -14.26 -37.44
CA PHE I 81 14.72 -15.38 -36.51
C PHE I 81 15.34 -16.64 -37.10
N ASP I 82 15.08 -16.91 -38.37
CA ASP I 82 15.66 -18.08 -39.03
C ASP I 82 17.18 -18.01 -39.09
N MET I 83 17.73 -16.79 -39.16
CA MET I 83 19.16 -16.58 -39.11
C MET I 83 19.73 -16.75 -37.71
N ARG I 84 18.95 -16.42 -36.68
CA ARG I 84 19.40 -16.57 -35.29
C ARG I 84 19.98 -17.95 -35.00
N LYS I 85 19.59 -18.97 -35.77
CA LYS I 85 20.15 -20.30 -35.59
C LYS I 85 21.65 -20.34 -35.83
N GLN I 86 22.21 -19.34 -36.50
CA GLN I 86 23.61 -19.37 -36.88
C GLN I 86 24.56 -19.00 -35.75
N PHE I 87 24.11 -18.28 -34.72
CA PHE I 87 25.00 -17.90 -33.64
C PHE I 87 24.34 -18.07 -32.29
N GLY I 88 25.15 -18.41 -31.29
CA GLY I 88 24.74 -18.43 -29.91
C GLY I 88 25.64 -17.55 -29.09
N VAL I 89 25.19 -17.14 -27.91
CA VAL I 89 25.91 -16.18 -27.09
C VAL I 89 26.15 -16.77 -25.72
N LEU I 90 27.41 -16.71 -25.27
CA LEU I 90 27.81 -17.20 -23.93
C LEU I 90 28.03 -15.97 -23.05
N PHE I 91 26.93 -15.32 -22.64
CA PHE I 91 26.99 -14.10 -21.80
C PHE I 91 27.62 -14.42 -20.45
N GLN I 92 28.35 -13.45 -19.89
CA GLN I 92 29.02 -13.61 -18.57
C GLN I 92 27.95 -13.77 -17.48
N SER I 93 28.29 -14.58 -16.46
CA SER I 93 27.46 -14.97 -15.27
C SER I 93 26.42 -16.02 -15.66
N GLY I 94 26.51 -16.54 -16.89
CA GLY I 94 25.62 -17.62 -17.35
C GLY I 94 24.38 -17.15 -18.09
N ALA I 95 23.69 -16.13 -17.56
CA ALA I 95 22.43 -15.62 -18.17
C ALA I 95 21.49 -16.81 -18.39
N LEU I 96 21.41 -17.66 -17.36
CA LEU I 96 20.62 -18.88 -17.31
C LEU I 96 19.20 -18.58 -16.86
N PHE I 97 18.24 -19.16 -17.59
CA PHE I 97 16.83 -18.99 -17.25
C PHE I 97 16.57 -19.62 -15.89
N THR I 98 16.22 -18.78 -14.91
CA THR I 98 16.10 -19.25 -13.54
C THR I 98 14.92 -20.19 -13.36
N ASP I 99 13.81 -19.93 -14.04
CA ASP I 99 12.63 -20.76 -13.87
C ASP I 99 12.77 -22.13 -14.53
N LEU I 100 13.80 -22.34 -15.32
CA LEU I 100 14.05 -23.61 -15.97
C LEU I 100 15.23 -24.32 -15.34
N ASP I 101 15.15 -25.64 -15.24
CA ASP I 101 16.26 -26.42 -14.76
C ASP I 101 17.32 -26.56 -15.85
N VAL I 102 18.48 -27.09 -15.46
CA VAL I 102 19.62 -27.17 -16.38
C VAL I 102 19.26 -27.91 -17.65
N PHE I 103 18.50 -29.00 -17.54
CA PHE I 103 18.12 -29.74 -18.74
C PHE I 103 17.29 -28.88 -19.67
N GLU I 104 16.15 -28.39 -19.19
CA GLU I 104 15.33 -27.51 -20.01
C GLU I 104 16.06 -26.22 -20.38
N ASN I 105 17.01 -25.77 -19.56
CA ASN I 105 17.83 -24.62 -19.92
C ASN I 105 18.60 -24.89 -21.20
N VAL I 106 19.36 -25.99 -21.23
CA VAL I 106 20.13 -26.32 -22.42
C VAL I 106 19.22 -26.68 -23.59
N ALA I 107 18.05 -27.24 -23.30
CA ALA I 107 17.12 -27.64 -24.35
C ALA I 107 16.35 -26.47 -24.94
N PHE I 108 16.34 -25.32 -24.26
CA PHE I 108 15.53 -24.21 -24.72
C PHE I 108 15.81 -23.79 -26.16
N PRO I 109 17.05 -23.62 -26.61
CA PRO I 109 17.25 -23.28 -28.02
C PRO I 109 16.75 -24.35 -28.97
N LEU I 110 16.66 -25.59 -28.52
CA LEU I 110 16.15 -26.66 -29.38
C LEU I 110 14.63 -26.58 -29.53
N ARG I 111 13.91 -26.44 -28.42
CA ARG I 111 12.45 -26.38 -28.45
C ARG I 111 11.93 -25.12 -29.13
N VAL I 112 12.80 -24.24 -29.61
CA VAL I 112 12.36 -22.97 -30.19
C VAL I 112 12.37 -23.09 -31.70
N HIS I 113 13.55 -23.32 -32.28
CA HIS I 113 13.66 -23.38 -33.73
C HIS I 113 13.32 -24.76 -34.29
N THR I 114 13.15 -25.76 -33.43
CA THR I 114 13.02 -27.14 -33.87
C THR I 114 11.89 -27.81 -33.12
N GLN I 115 11.19 -28.71 -33.81
CA GLN I 115 10.19 -29.57 -33.20
C GLN I 115 10.73 -31.00 -33.28
N LEU I 116 11.58 -31.33 -32.36
CA LEU I 116 12.13 -32.68 -32.38
C LEU I 116 11.49 -33.52 -31.29
N PRO I 117 11.51 -34.84 -31.43
CA PRO I 117 10.96 -35.70 -30.38
C PRO I 117 11.69 -35.47 -29.06
N GLU I 118 10.89 -35.41 -27.98
CA GLU I 118 11.41 -35.10 -26.66
C GLU I 118 12.46 -36.09 -26.18
N GLU I 119 12.58 -37.25 -26.84
CA GLU I 119 13.69 -38.14 -26.57
C GLU I 119 14.92 -37.82 -27.41
N MET I 120 14.73 -37.21 -28.58
CA MET I 120 15.87 -36.77 -29.39
C MET I 120 16.48 -35.49 -28.85
N ILE I 121 15.64 -34.56 -28.39
CA ILE I 121 16.14 -33.39 -27.69
C ILE I 121 17.00 -33.78 -26.49
N ARG I 122 16.58 -34.82 -25.76
CA ARG I 122 17.35 -35.29 -24.62
C ARG I 122 18.74 -35.76 -25.00
N ASP I 123 18.90 -36.44 -26.13
CA ASP I 123 20.21 -36.89 -26.56
C ASP I 123 21.16 -35.71 -26.81
N ILE I 124 20.68 -34.69 -27.53
CA ILE I 124 21.52 -33.54 -27.82
C ILE I 124 21.87 -32.79 -26.54
N VAL I 125 20.88 -32.60 -25.66
CA VAL I 125 21.14 -31.89 -24.41
C VAL I 125 22.15 -32.66 -23.57
N LEU I 126 22.02 -33.99 -23.58
CA LEU I 126 22.91 -34.88 -22.77
C LEU I 126 24.33 -34.86 -23.34
N MET I 127 24.48 -35.00 -24.66
CA MET I 127 25.83 -35.01 -25.29
C MET I 127 26.41 -33.59 -25.28
N LYS I 128 25.56 -32.56 -25.28
CA LYS I 128 26.03 -31.15 -25.27
C LYS I 128 26.52 -30.79 -23.86
N LEU I 129 25.81 -31.27 -22.83
CA LEU I 129 26.20 -31.00 -21.42
C LEU I 129 27.45 -31.79 -21.07
N GLN I 130 27.62 -32.98 -21.65
CA GLN I 130 28.82 -33.80 -21.34
C GLN I 130 30.07 -33.15 -21.94
N ALA I 131 29.91 -32.51 -23.10
CA ALA I 131 31.04 -31.86 -23.80
C ALA I 131 31.64 -30.75 -22.91
N VAL I 132 30.81 -30.08 -22.13
CA VAL I 132 31.30 -28.97 -21.25
C VAL I 132 31.68 -29.53 -19.88
N GLY I 133 31.37 -30.80 -19.63
CA GLY I 133 31.71 -31.44 -18.35
C GLY I 133 30.57 -31.35 -17.35
N LEU I 134 29.53 -30.56 -17.66
CA LEU I 134 28.39 -30.42 -16.77
C LEU I 134 27.26 -31.37 -17.15
N ARG I 135 27.59 -32.65 -17.27
CA ARG I 135 26.61 -33.70 -17.67
C ARG I 135 25.85 -34.22 -16.44
N GLY I 136 26.54 -34.35 -15.30
CA GLY I 136 25.91 -34.85 -14.10
C GLY I 136 24.86 -33.93 -13.53
N ALA I 137 25.05 -32.62 -13.65
CA ALA I 137 24.09 -31.64 -13.16
C ALA I 137 23.04 -31.31 -14.20
N VAL I 138 22.42 -32.35 -14.78
CA VAL I 138 21.25 -32.16 -15.63
C VAL I 138 20.00 -31.99 -14.78
N GLU I 139 20.16 -31.92 -13.46
CA GLU I 139 19.08 -31.99 -12.49
C GLU I 139 18.81 -30.66 -11.80
N LEU I 140 19.82 -29.81 -11.70
CA LEU I 140 19.79 -28.70 -10.76
C LEU I 140 19.08 -27.48 -11.34
N MET I 141 18.94 -26.45 -10.51
CA MET I 141 18.47 -25.13 -10.87
C MET I 141 19.65 -24.17 -10.93
N PRO I 142 19.62 -23.19 -11.84
CA PRO I 142 20.82 -22.37 -12.10
C PRO I 142 21.36 -21.65 -10.87
N ASP I 143 20.61 -21.55 -9.77
CA ASP I 143 21.17 -20.98 -8.56
C ASP I 143 21.78 -22.05 -7.66
N GLU I 144 21.43 -23.32 -7.89
CA GLU I 144 22.13 -24.41 -7.22
C GLU I 144 23.47 -24.71 -7.85
N LEU I 145 23.89 -23.94 -8.84
CA LEU I 145 25.17 -24.14 -9.52
C LEU I 145 26.16 -23.08 -9.08
N SER I 146 27.43 -23.48 -8.94
CA SER I 146 28.48 -22.52 -8.62
C SER I 146 28.67 -21.56 -9.78
N GLY I 147 29.31 -20.43 -9.49
CA GLY I 147 29.57 -19.37 -10.48
C GLY I 147 30.23 -19.89 -11.75
N GLY I 148 31.43 -20.46 -11.62
CA GLY I 148 32.17 -20.97 -12.80
C GLY I 148 31.43 -22.07 -13.53
N MET I 149 30.82 -23.00 -12.78
CA MET I 149 30.07 -24.13 -13.38
C MET I 149 28.85 -23.61 -14.17
N LYS I 150 28.22 -22.53 -13.70
CA LYS I 150 27.01 -21.95 -14.37
C LYS I 150 27.37 -21.49 -15.77
N ARG I 151 28.57 -20.90 -15.95
CA ARG I 151 29.01 -20.42 -17.28
C ARG I 151 29.14 -21.61 -18.24
N ARG I 152 29.62 -22.76 -17.75
CA ARG I 152 29.83 -23.97 -18.59
C ARG I 152 28.49 -24.44 -19.17
N VAL I 153 27.42 -24.46 -18.36
CA VAL I 153 26.09 -24.89 -18.87
C VAL I 153 25.62 -23.89 -19.94
N ALA I 154 25.88 -22.60 -19.74
CA ALA I 154 25.50 -21.56 -20.72
C ALA I 154 26.23 -21.83 -22.04
N LEU I 155 27.51 -22.18 -21.96
CA LEU I 155 28.32 -22.50 -23.17
C LEU I 155 27.66 -23.66 -23.90
N ALA I 156 27.03 -24.57 -23.15
CA ALA I 156 26.37 -25.72 -23.75
C ALA I 156 25.05 -25.31 -24.39
N ARG I 157 24.27 -24.47 -23.72
CA ARG I 157 23.06 -23.91 -24.32
C ARG I 157 23.38 -23.18 -25.62
N ALA I 158 24.48 -22.44 -25.65
CA ALA I 158 24.89 -21.74 -26.86
C ALA I 158 25.20 -22.73 -27.98
N ILE I 159 26.06 -23.71 -27.72
CA ILE I 159 26.47 -24.65 -28.74
C ILE I 159 25.35 -25.60 -29.15
N ALA I 160 24.23 -25.59 -28.44
CA ALA I 160 23.06 -26.29 -28.94
C ALA I 160 22.61 -25.65 -30.25
N LEU I 161 21.91 -26.44 -31.07
CA LEU I 161 21.55 -26.12 -32.44
C LEU I 161 22.76 -26.08 -33.37
N ASP I 162 23.96 -26.27 -32.83
CA ASP I 162 25.22 -26.18 -33.57
C ASP I 162 25.30 -24.89 -34.38
N PRO I 163 25.51 -23.76 -33.74
CA PRO I 163 25.73 -22.52 -34.49
C PRO I 163 27.07 -22.58 -35.22
N GLN I 164 27.19 -21.77 -36.26
CA GLN I 164 28.43 -21.68 -37.02
C GLN I 164 29.36 -20.61 -36.51
N ILE I 165 28.84 -19.59 -35.84
CA ILE I 165 29.63 -18.63 -35.09
C ILE I 165 29.01 -18.55 -33.70
N LEU I 166 29.85 -18.21 -32.71
CA LEU I 166 29.41 -18.04 -31.29
C LEU I 166 30.32 -17.01 -30.61
N LEU I 167 29.75 -16.05 -29.89
CA LEU I 167 30.56 -15.00 -29.23
C LEU I 167 30.36 -15.05 -27.71
N TYR I 168 31.46 -15.14 -26.95
CA TYR I 168 31.40 -15.23 -25.47
C TYR I 168 31.87 -13.92 -24.84
N ASP I 169 30.94 -12.98 -24.62
CA ASP I 169 31.32 -11.69 -23.98
C ASP I 169 31.79 -11.99 -22.56
N GLU I 170 32.88 -11.34 -22.13
CA GLU I 170 33.45 -11.55 -20.77
C GLU I 170 33.61 -13.06 -20.50
N PHE I 172 36.05 -15.23 -20.00
CA PHE I 172 36.83 -15.60 -18.80
C PHE I 172 37.11 -14.35 -17.95
N VAL I 173 36.53 -14.29 -16.76
CA VAL I 173 36.69 -13.14 -15.82
C VAL I 173 36.21 -13.49 -14.40
N GLY I 174 36.86 -12.90 -13.38
CA GLY I 174 36.49 -13.08 -11.96
C GLY I 174 36.36 -14.51 -11.47
N GLN I 175 37.29 -15.38 -11.88
CA GLN I 175 37.28 -16.82 -11.48
C GLN I 175 38.67 -17.41 -11.70
N PRO I 177 41.05 -20.04 -11.66
CA PRO I 177 42.12 -20.47 -12.56
C PRO I 177 41.81 -21.85 -13.17
N ILE I 178 41.51 -22.84 -12.32
CA ILE I 178 41.17 -24.21 -12.81
C ILE I 178 39.89 -24.13 -13.66
N ALA I 179 38.92 -23.33 -13.20
CA ALA I 179 37.66 -23.13 -13.95
C ALA I 179 37.99 -22.38 -15.24
N MET I 180 38.63 -21.21 -15.11
CA MET I 180 39.03 -20.42 -16.26
C MET I 180 39.79 -21.26 -17.26
N GLY I 181 40.58 -22.23 -16.78
CA GLY I 181 41.30 -23.11 -17.67
C GLY I 181 40.40 -24.00 -18.49
N VAL I 182 39.41 -24.62 -17.86
CA VAL I 182 38.49 -25.48 -18.61
C VAL I 182 37.72 -24.65 -19.63
N LEU I 183 37.35 -23.42 -19.26
CA LEU I 183 36.57 -22.54 -20.16
C LEU I 183 37.44 -22.12 -21.35
N VAL I 184 38.69 -21.76 -21.11
CA VAL I 184 39.58 -21.33 -22.19
C VAL I 184 39.99 -22.51 -23.06
N ARG I 185 39.98 -23.73 -22.52
CA ARG I 185 40.18 -24.91 -23.34
C ARG I 185 38.94 -25.24 -24.17
N LEU I 186 37.75 -25.04 -23.61
CA LEU I 186 36.53 -25.35 -24.33
C LEU I 186 36.29 -24.39 -25.48
N ILE I 187 36.54 -23.09 -25.27
CA ILE I 187 36.32 -22.14 -26.35
C ILE I 187 37.25 -22.39 -27.53
N ARG I 188 38.38 -23.06 -27.30
CA ARG I 188 39.28 -23.43 -28.38
C ARG I 188 38.93 -24.78 -28.98
N LEU I 189 38.57 -25.76 -28.15
CA LEU I 189 38.15 -27.06 -28.66
C LEU I 189 36.92 -26.93 -29.54
N LEU I 190 35.90 -26.20 -29.07
CA LEU I 190 34.72 -25.94 -29.88
C LEU I 190 35.07 -25.29 -31.21
N ASN I 191 36.13 -24.49 -31.25
CA ASN I 191 36.53 -23.86 -32.50
C ASN I 191 37.24 -24.81 -33.45
N ASP I 192 38.31 -25.45 -32.98
CA ASP I 192 39.08 -26.31 -33.88
C ASP I 192 38.29 -27.57 -34.24
N ALA I 193 37.51 -28.10 -33.30
CA ALA I 193 36.73 -29.31 -33.58
C ALA I 193 35.54 -29.00 -34.47
N LEU I 194 34.63 -28.14 -34.01
CA LEU I 194 33.43 -27.84 -34.76
C LEU I 194 33.66 -26.95 -35.96
N GLY I 195 34.84 -26.33 -36.06
CA GLY I 195 35.09 -25.39 -37.14
C GLY I 195 34.15 -24.21 -37.10
N ILE I 196 33.88 -23.68 -35.92
CA ILE I 196 32.95 -22.58 -35.75
C ILE I 196 33.70 -21.33 -35.35
N THR I 197 33.22 -20.19 -35.84
CA THR I 197 33.83 -18.91 -35.54
C THR I 197 33.58 -18.53 -34.09
N SER I 198 34.64 -18.18 -33.38
CA SER I 198 34.54 -17.78 -31.99
C SER I 198 34.95 -16.32 -31.87
N ILE I 199 34.14 -15.53 -31.18
CA ILE I 199 34.42 -14.12 -30.95
C ILE I 199 34.49 -13.93 -29.44
N VAL I 200 35.68 -14.07 -28.89
CA VAL I 200 35.90 -13.90 -27.46
C VAL I 200 36.04 -12.41 -27.19
N VAL I 201 35.15 -11.90 -26.33
CA VAL I 201 35.12 -10.45 -25.98
C VAL I 201 35.36 -10.27 -24.48
N SER I 202 36.63 -10.24 -24.06
CA SER I 202 36.97 -10.08 -22.62
C SER I 202 38.11 -9.07 -22.46
N HIS I 203 38.19 -8.40 -21.30
CA HIS I 203 39.27 -7.42 -21.03
C HIS I 203 40.55 -8.18 -20.68
N ASP I 204 40.41 -9.34 -20.02
CA ASP I 204 41.58 -10.17 -19.63
C ASP I 204 42.40 -10.43 -20.90
N LEU I 205 43.34 -9.53 -21.19
CA LEU I 205 44.13 -9.56 -22.41
C LEU I 205 44.96 -10.84 -22.52
N ALA I 206 45.52 -11.31 -21.41
CA ALA I 206 46.45 -12.43 -21.46
C ALA I 206 45.81 -13.66 -22.10
N GLU I 207 44.74 -14.16 -21.50
CA GLU I 207 44.12 -15.38 -21.99
C GLU I 207 43.43 -15.16 -23.33
N THR I 208 42.89 -13.97 -23.57
CA THR I 208 42.36 -13.64 -24.88
C THR I 208 43.42 -13.86 -25.96
N ALA I 209 44.55 -13.15 -25.85
CA ALA I 209 45.64 -13.33 -26.79
C ALA I 209 46.10 -14.78 -26.84
N SER I 210 46.00 -15.48 -25.71
CA SER I 210 46.34 -16.90 -25.67
C SER I 210 45.51 -17.70 -26.65
N ILE I 211 44.20 -17.45 -26.70
CA ILE I 211 43.37 -18.24 -27.63
C ILE I 211 43.04 -17.46 -28.89
N ALA I 212 43.20 -16.15 -28.87
CA ALA I 212 42.84 -15.37 -30.05
C ALA I 212 43.81 -15.62 -31.19
N ASP I 213 43.31 -15.46 -32.42
CA ASP I 213 44.14 -15.51 -33.61
C ASP I 213 44.16 -14.19 -34.38
N TYR I 214 43.13 -13.36 -34.22
CA TYR I 214 43.10 -12.04 -34.86
C TYR I 214 42.36 -11.12 -33.89
N ILE I 215 43.11 -10.45 -33.04
CA ILE I 215 42.55 -9.72 -31.91
C ILE I 215 42.36 -8.26 -32.29
N TYR I 216 41.23 -7.69 -31.87
CA TYR I 216 40.91 -6.29 -32.12
C TYR I 216 41.01 -5.49 -30.83
N ILE I 217 41.00 -4.17 -30.97
CA ILE I 217 40.91 -3.24 -29.86
C ILE I 217 39.91 -2.16 -30.24
N VAL I 218 38.91 -1.97 -29.39
CA VAL I 218 37.84 -0.94 -29.62
C VAL I 218 37.97 0.13 -28.53
N GLY I 219 38.05 1.40 -28.92
CA GLY I 219 38.22 2.50 -27.98
C GLY I 219 37.48 3.74 -28.44
N ASP I 220 36.81 4.39 -27.48
CA ASP I 220 36.09 5.64 -27.64
C ASP I 220 35.36 5.77 -28.97
N GLY I 221 34.62 4.72 -29.36
CA GLY I 221 33.79 4.76 -30.54
C GLY I 221 34.40 4.24 -31.81
N ARG I 222 35.71 4.03 -31.85
CA ARG I 222 36.37 3.62 -33.08
C ARG I 222 37.28 2.43 -32.79
N VAL I 223 37.40 1.56 -33.78
CA VAL I 223 38.33 0.45 -33.66
C VAL I 223 39.76 0.99 -33.68
N LEU I 224 40.48 0.79 -32.59
CA LEU I 224 41.86 1.28 -32.48
C LEU I 224 42.83 0.21 -32.94
N GLY I 225 42.77 -0.09 -34.23
CA GLY I 225 43.67 -1.07 -34.80
C GLY I 225 43.23 -2.50 -34.50
N HIS I 226 43.98 -3.44 -35.07
CA HIS I 226 43.68 -4.86 -34.96
C HIS I 226 44.84 -5.65 -35.54
N GLY I 227 44.84 -6.94 -35.27
CA GLY I 227 45.85 -7.80 -35.85
C GLY I 227 46.04 -9.06 -35.05
N THR I 228 47.01 -9.85 -35.49
CA THR I 228 47.43 -11.02 -34.76
C THR I 228 48.07 -10.62 -33.43
N PRO I 229 47.96 -11.46 -32.40
CA PRO I 229 48.35 -11.03 -31.06
C PRO I 229 49.78 -10.48 -30.96
N ASP I 230 50.74 -11.05 -31.69
CA ASP I 230 52.11 -10.51 -31.63
C ASP I 230 52.23 -9.21 -32.43
N VAL I 231 51.66 -9.14 -33.63
CA VAL I 231 51.74 -7.91 -34.41
C VAL I 231 51.02 -6.78 -33.68
N LEU I 232 50.04 -7.12 -32.84
CA LEU I 232 49.39 -6.13 -31.99
C LEU I 232 50.16 -5.88 -30.70
N LYS I 233 51.16 -6.70 -30.38
CA LYS I 233 51.88 -6.55 -29.13
C LYS I 233 52.80 -5.32 -29.17
N GLU I 234 53.36 -5.02 -30.33
CA GLU I 234 54.30 -3.89 -30.45
C GLU I 234 53.95 -3.01 -31.64
N THR I 235 52.67 -2.63 -31.77
CA THR I 235 52.25 -1.84 -32.91
C THR I 235 52.73 -0.40 -32.81
N ASP I 236 53.29 0.00 -31.66
CA ASP I 236 53.79 1.35 -31.40
C ASP I 236 52.68 2.40 -31.38
N ASP I 237 51.44 1.99 -31.55
CA ASP I 237 50.33 2.90 -31.33
C ASP I 237 50.26 3.22 -29.85
N PRO I 238 50.44 4.49 -29.43
CA PRO I 238 50.50 4.79 -28.00
C PRO I 238 49.32 4.24 -27.22
N ARG I 239 48.09 4.42 -27.71
CA ARG I 239 46.93 3.83 -27.06
C ARG I 239 46.99 2.31 -27.01
N ILE I 240 47.39 1.67 -28.10
CA ILE I 240 47.38 0.21 -28.16
C ILE I 240 48.58 -0.38 -27.43
N ARG I 241 49.73 0.29 -27.46
CA ARG I 241 50.82 -0.17 -26.61
C ARG I 241 50.53 0.08 -25.14
N GLN I 242 49.69 1.08 -24.84
CA GLN I 242 49.28 1.31 -23.45
C GLN I 242 48.25 0.29 -23.00
N PHE I 243 47.47 -0.24 -23.93
CA PHE I 243 46.45 -1.24 -23.57
C PHE I 243 47.09 -2.64 -23.48
N VAL I 244 47.85 -3.01 -24.50
CA VAL I 244 48.47 -4.33 -24.57
C VAL I 244 49.47 -4.57 -23.45
N LYS I 245 49.93 -3.53 -22.77
CA LYS I 245 50.78 -3.68 -21.61
C LYS I 245 50.13 -3.01 -20.41
N GLY I 246 50.76 -3.15 -19.25
CA GLY I 246 50.22 -2.51 -18.06
C GLY I 246 50.32 -1.00 -18.14
N ILE I 247 51.54 -0.47 -18.04
CA ILE I 247 51.90 0.92 -18.29
C ILE I 247 50.79 1.85 -17.80
N PRO I 248 50.64 2.02 -16.49
CA PRO I 248 49.46 2.74 -15.95
C PRO I 248 49.20 4.09 -16.58
N ASP I 249 50.23 4.82 -17.01
CA ASP I 249 50.06 6.15 -17.57
C ASP I 249 50.38 6.15 -19.04
N GLY I 250 49.56 6.85 -19.82
CA GLY I 250 49.74 6.95 -21.25
C GLY I 250 48.68 7.83 -21.88
N PRO I 251 48.19 7.44 -23.06
CA PRO I 251 47.09 8.21 -23.68
C PRO I 251 45.87 8.29 -22.80
N VAL I 252 45.47 7.18 -22.18
CA VAL I 252 44.41 7.20 -21.17
C VAL I 252 45.02 7.74 -19.89
N PRO I 253 44.50 8.83 -19.33
CA PRO I 253 45.18 9.49 -18.22
C PRO I 253 45.11 8.67 -16.95
N PHE I 254 46.26 8.55 -16.28
CA PHE I 254 46.28 7.93 -14.96
C PHE I 254 45.66 8.86 -13.92
N HIS I 255 46.00 10.14 -13.98
CA HIS I 255 45.42 11.12 -13.07
C HIS I 255 44.11 11.66 -13.63
N TYR I 256 43.18 11.96 -12.74
CA TYR I 256 41.96 12.64 -13.14
C TYR I 256 42.27 14.12 -13.40
N PRO I 257 41.43 14.81 -14.15
CA PRO I 257 41.69 16.23 -14.42
C PRO I 257 41.52 17.10 -13.17
N ALA I 258 42.55 17.10 -12.32
CA ALA I 258 42.57 17.98 -11.16
C ALA I 258 42.97 19.39 -11.58
N ARG I 259 43.03 20.29 -10.60
CA ARG I 259 43.41 21.66 -10.89
C ARG I 259 44.91 21.90 -10.72
N ASP I 260 45.43 21.69 -9.51
CA ASP I 260 46.86 21.87 -9.27
C ASP I 260 47.21 21.28 -7.92
N TYR I 261 48.25 20.44 -7.91
CA TYR I 261 48.76 19.88 -6.67
C TYR I 261 49.38 20.91 -5.76
N ARG I 262 49.74 22.08 -6.29
CA ARG I 262 50.25 23.16 -5.45
C ARG I 262 49.12 24.07 -4.97
N ALA I 263 48.18 24.40 -5.86
CA ALA I 263 47.11 25.31 -5.50
C ALA I 263 46.03 24.63 -4.67
N ASP I 264 45.43 23.57 -5.20
CA ASP I 264 44.32 22.90 -4.52
C ASP I 264 44.73 22.41 -3.14
N LEU I 265 46.01 22.05 -2.99
CA LEU I 265 46.53 21.55 -1.69
C LEU I 265 46.73 22.71 -0.71
N LEU I 266 47.10 23.89 -1.22
CA LEU I 266 47.34 25.06 -0.37
C LEU I 266 46.16 26.01 -0.32
N GLY I 267 45.44 26.18 -1.43
CA GLY I 267 44.29 27.07 -1.45
C GLY I 267 43.03 26.44 -0.92
N ALA J 6 57.95 -10.14 13.76
CA ALA J 6 58.56 -10.62 12.52
C ALA J 6 57.50 -10.91 11.47
N TYR J 7 56.39 -11.50 11.91
CA TYR J 7 55.27 -11.83 11.04
C TYR J 7 54.10 -10.92 11.37
N ALA J 8 53.49 -10.35 10.33
CA ALA J 8 52.36 -9.44 10.54
C ALA J 8 51.14 -10.21 11.03
N VAL J 9 50.74 -11.25 10.31
CA VAL J 9 49.56 -12.04 10.64
C VAL J 9 49.97 -13.50 10.73
N GLU J 10 49.48 -14.19 11.76
CA GLU J 10 49.68 -15.61 11.93
C GLU J 10 48.36 -16.25 12.38
N LEU J 11 48.08 -17.43 11.84
CA LEU J 11 46.85 -18.15 12.13
C LEU J 11 47.20 -19.46 12.84
N LYS J 12 47.35 -19.38 14.16
CA LYS J 12 47.74 -20.55 14.94
C LYS J 12 46.51 -21.43 15.19
N GLY J 13 46.48 -22.59 14.53
CA GLY J 13 45.37 -23.52 14.67
C GLY J 13 44.03 -22.89 14.37
N LEU J 14 43.88 -22.36 13.18
CA LEU J 14 42.70 -21.61 12.80
C LEU J 14 41.72 -22.52 12.06
N THR J 15 40.45 -22.41 12.42
CA THR J 15 39.38 -23.16 11.76
C THR J 15 38.09 -22.38 11.92
N PHE J 16 37.18 -22.51 10.96
CA PHE J 16 35.98 -21.71 10.94
C PHE J 16 34.76 -22.55 10.58
N LYS J 17 33.66 -22.30 11.29
CA LYS J 17 32.39 -22.95 11.04
C LYS J 17 31.38 -21.92 10.57
N ARG J 18 30.53 -22.33 9.63
CA ARG J 18 29.43 -21.50 9.08
C ARG J 18 28.22 -22.41 8.88
N GLY J 19 27.49 -22.70 9.96
CA GLY J 19 26.36 -23.62 9.86
C GLY J 19 26.73 -25.08 9.81
N SER J 20 27.63 -25.52 10.69
CA SER J 20 28.12 -26.91 10.74
C SER J 20 28.68 -27.34 9.38
N ARG J 21 29.39 -26.40 8.74
CA ARG J 21 29.97 -26.62 7.38
C ARG J 21 31.50 -26.73 7.45
N ALA J 22 32.13 -26.20 8.49
CA ALA J 22 33.58 -26.25 8.66
C ALA J 22 34.31 -25.71 7.43
N ILE J 23 34.14 -24.40 7.22
CA ILE J 23 34.79 -23.70 6.06
C ILE J 23 36.30 -23.92 6.20
N PHE J 24 36.81 -23.90 7.43
CA PHE J 24 38.23 -24.12 7.66
C PHE J 24 38.41 -25.15 8.76
N ASP J 25 39.50 -25.92 8.67
CA ASP J 25 39.83 -26.93 9.68
C ASP J 25 41.34 -26.93 9.89
N ASN J 26 41.77 -26.29 10.98
CA ASN J 26 43.16 -26.31 11.44
C ASN J 26 44.12 -25.86 10.33
N ILE J 27 43.96 -24.61 9.92
CA ILE J 27 44.88 -24.01 8.96
C ILE J 27 45.91 -23.19 9.73
N ASP J 28 47.06 -22.96 9.09
CA ASP J 28 48.14 -22.21 9.72
C ASP J 28 48.87 -21.42 8.63
N VAL J 29 48.48 -20.16 8.48
CA VAL J 29 49.16 -19.25 7.56
C VAL J 29 50.01 -18.30 8.38
N ARG J 30 51.14 -17.91 7.81
CA ARG J 30 52.08 -17.01 8.48
C ARG J 30 52.44 -15.91 7.51
N ILE J 31 51.84 -14.73 7.69
CA ILE J 31 51.97 -13.61 6.78
C ILE J 31 53.26 -12.86 7.14
N PRO J 32 54.23 -12.78 6.24
CA PRO J 32 55.43 -11.99 6.53
C PRO J 32 55.20 -10.51 6.25
N ARG J 33 55.58 -9.69 7.22
CA ARG J 33 55.36 -8.27 7.08
C ARG J 33 56.31 -7.67 6.05
N GLY J 34 55.91 -6.54 5.48
CA GLY J 34 56.70 -5.85 4.48
C GLY J 34 56.70 -6.49 3.11
N LYS J 35 56.08 -7.65 2.95
CA LYS J 35 56.07 -8.37 1.68
C LYS J 35 54.66 -8.52 1.16
N VAL J 36 54.51 -8.44 -0.16
CA VAL J 36 53.21 -8.69 -0.79
C VAL J 36 52.97 -10.19 -0.80
N THR J 37 52.19 -10.67 0.15
CA THR J 37 51.77 -12.07 0.17
C THR J 37 50.42 -12.22 -0.50
N GLY J 38 50.26 -13.33 -1.22
CA GLY J 38 49.02 -13.54 -1.94
C GLY J 38 48.39 -14.88 -1.67
N ILE J 39 47.23 -14.89 -1.07
CA ILE J 39 46.48 -16.11 -0.83
C ILE J 39 45.44 -16.25 -1.92
N MET J 40 45.10 -17.50 -2.28
CA MET J 40 44.08 -17.75 -3.33
C MET J 40 43.51 -19.16 -3.18
N GLY J 41 43.04 -19.73 -4.29
CA GLY J 41 42.45 -21.08 -4.29
C GLY J 41 41.28 -21.17 -5.26
N PRO J 42 40.40 -22.19 -5.16
CA PRO J 42 39.26 -22.32 -6.06
C PRO J 42 38.11 -21.39 -5.63
N SER J 43 37.24 -21.03 -6.57
CA SER J 43 36.09 -20.14 -6.28
C SER J 43 35.15 -20.83 -5.28
N GLY J 44 35.03 -20.27 -4.06
CA GLY J 44 34.17 -20.86 -3.01
C GLY J 44 34.98 -21.67 -2.03
N CYS J 45 36.24 -21.30 -1.83
CA CYS J 45 37.14 -22.01 -0.89
C CYS J 45 37.26 -21.23 0.42
N GLY J 46 36.55 -20.11 0.53
CA GLY J 46 36.60 -19.27 1.75
C GLY J 46 37.64 -18.17 1.65
N LYS J 47 38.08 -17.87 0.43
CA LYS J 47 39.11 -16.81 0.21
C LYS J 47 38.63 -15.51 0.90
N THR J 48 37.44 -15.05 0.54
CA THR J 48 36.86 -13.81 1.12
C THR J 48 36.54 -14.03 2.60
N THR J 49 36.15 -15.25 2.97
CA THR J 49 35.80 -15.57 4.39
C THR J 49 37.07 -15.57 5.24
N LEU J 50 38.20 -15.99 4.66
CA LEU J 50 39.50 -16.03 5.38
C LEU J 50 39.96 -14.60 5.68
N LEU J 51 39.48 -13.63 4.89
CA LEU J 51 39.84 -12.21 5.08
C LEU J 51 39.12 -11.66 6.32
N ARG J 52 37.82 -11.96 6.43
CA ARG J 52 37.04 -11.47 7.55
C ARG J 52 37.49 -12.06 8.88
N LEU J 53 38.36 -13.07 8.84
CA LEU J 53 38.98 -13.62 10.04
C LEU J 53 40.24 -12.86 10.44
N ILE J 54 41.19 -12.69 9.52
CA ILE J 54 42.39 -11.93 9.81
C ILE J 54 42.12 -10.45 9.94
N ALA J 55 40.91 -10.00 9.63
CA ALA J 55 40.46 -8.66 9.93
C ALA J 55 39.49 -8.63 11.10
N SER J 56 39.16 -9.79 11.65
CA SER J 56 38.29 -9.91 12.83
C SER J 56 36.91 -9.31 12.58
N GLN J 57 36.48 -9.34 11.31
CA GLN J 57 35.08 -9.07 11.02
C GLN J 57 34.22 -10.30 11.29
N LEU J 58 34.83 -11.47 11.41
CA LEU J 58 34.12 -12.71 11.66
C LEU J 58 34.86 -13.46 12.74
N ARG J 59 34.14 -13.89 13.77
CA ARG J 59 34.80 -14.55 14.87
C ARG J 59 35.11 -16.00 14.50
N PRO J 60 36.35 -16.45 14.70
CA PRO J 60 36.69 -17.84 14.35
C PRO J 60 36.00 -18.83 15.27
N SER J 61 35.92 -20.08 14.80
CA SER J 61 35.32 -21.15 15.60
C SER J 61 36.20 -21.44 16.81
N LYS J 62 37.43 -21.86 16.58
CA LYS J 62 38.41 -22.02 17.64
C LYS J 62 39.80 -21.80 17.06
N GLY J 63 40.64 -21.12 17.83
CA GLY J 63 41.94 -20.70 17.33
C GLY J 63 42.12 -19.21 17.46
N GLU J 64 43.34 -18.72 17.28
CA GLU J 64 43.62 -17.30 17.43
C GLU J 64 44.38 -16.80 16.22
N VAL J 65 44.20 -15.51 15.92
CA VAL J 65 44.86 -14.86 14.80
C VAL J 65 45.77 -13.78 15.36
N TRP J 66 47.08 -14.05 15.35
CA TRP J 66 48.07 -13.11 15.86
C TRP J 66 48.33 -12.09 14.77
N VAL J 67 47.81 -10.88 14.95
CA VAL J 67 47.95 -9.80 13.97
C VAL J 67 48.76 -8.69 14.61
N ASN J 68 49.94 -8.42 14.03
CA ASN J 68 50.82 -7.35 14.49
C ASN J 68 51.08 -7.42 15.98
N GLY J 69 51.28 -8.62 16.51
CA GLY J 69 51.50 -8.79 17.93
C GLY J 69 50.39 -9.57 18.60
N GLN J 70 49.57 -8.88 19.39
CA GLN J 70 48.48 -9.51 20.11
C GLN J 70 47.45 -10.09 19.13
N ASN J 71 46.65 -11.01 19.64
CA ASN J 71 45.62 -11.68 18.85
C ASN J 71 44.31 -10.90 18.92
N LEU J 72 43.52 -11.00 17.85
CA LEU J 72 42.31 -10.20 17.69
C LEU J 72 41.14 -10.71 18.53
N PRO J 73 40.73 -11.98 18.42
CA PRO J 73 39.49 -12.42 19.08
C PRO J 73 39.54 -12.43 20.59
N GLN J 74 40.66 -12.04 21.19
CA GLN J 74 40.82 -12.02 22.64
C GLN J 74 41.18 -10.60 23.11
N LEU J 75 40.47 -9.61 22.58
CA LEU J 75 40.68 -8.21 22.94
C LEU J 75 39.35 -7.57 23.26
N SER J 76 39.40 -6.52 24.07
CA SER J 76 38.20 -5.75 24.38
C SER J 76 37.76 -4.97 23.14
N ARG J 77 36.44 -4.80 23.02
CA ARG J 77 35.88 -4.07 21.90
C ARG J 77 36.46 -2.67 21.78
N GLY J 78 36.64 -1.96 22.91
CA GLY J 78 37.32 -0.68 22.89
C GLY J 78 38.77 -0.76 22.49
N ASP J 79 39.37 -1.95 22.54
CA ASP J 79 40.73 -2.16 22.03
C ASP J 79 40.74 -2.83 20.67
N LEU J 80 39.76 -3.67 20.37
CA LEU J 80 39.64 -4.19 19.01
C LEU J 80 39.42 -3.06 18.02
N PHE J 81 38.53 -2.11 18.34
CA PHE J 81 38.38 -0.93 17.51
C PHE J 81 39.68 -0.16 17.40
N ASP J 82 40.40 0.00 18.51
CA ASP J 82 41.68 0.70 18.48
C ASP J 82 42.70 -0.02 17.61
N MET J 83 42.60 -1.34 17.51
CA MET J 83 43.44 -2.13 16.62
C MET J 83 43.04 -1.99 15.16
N ARG J 84 41.74 -1.80 14.89
CA ARG J 84 41.26 -1.64 13.52
C ARG J 84 42.04 -0.60 12.73
N LYS J 85 42.69 0.35 13.40
CA LYS J 85 43.51 1.33 12.72
C LYS J 85 44.68 0.71 11.98
N GLN J 86 45.04 -0.53 12.31
CA GLN J 86 46.23 -1.15 11.74
C GLN J 86 46.01 -1.69 10.33
N PHE J 87 44.78 -2.00 9.92
CA PHE J 87 44.57 -2.54 8.60
C PHE J 87 43.36 -1.91 7.93
N GLY J 88 43.44 -1.78 6.60
CA GLY J 88 42.32 -1.37 5.79
C GLY J 88 42.05 -2.41 4.73
N VAL J 89 40.85 -2.41 4.15
CA VAL J 89 40.43 -3.45 3.22
C VAL J 89 40.00 -2.80 1.92
N LEU J 90 40.51 -3.30 0.82
CA LEU J 90 40.03 -2.93 -0.51
C LEU J 90 39.22 -4.10 -1.04
N PHE J 91 37.90 -4.01 -0.95
CA PHE J 91 37.06 -5.03 -1.53
C PHE J 91 36.94 -4.82 -3.04
N GLN J 92 36.62 -5.89 -3.74
CA GLN J 92 36.23 -5.72 -5.14
C GLN J 92 34.93 -4.93 -5.21
N SER J 93 34.70 -4.31 -6.36
CA SER J 93 33.61 -3.37 -6.55
C SER J 93 33.68 -2.19 -5.60
N GLY J 94 34.85 -1.94 -5.02
CA GLY J 94 35.06 -0.78 -4.18
C GLY J 94 34.50 -0.81 -2.77
N ALA J 95 33.23 -1.17 -2.63
CA ALA J 95 32.52 -1.04 -1.36
C ALA J 95 32.53 0.41 -0.89
N LEU J 96 32.08 1.29 -1.78
CA LEU J 96 32.03 2.72 -1.52
C LEU J 96 30.69 3.12 -0.95
N PHE J 97 30.73 3.91 0.12
CA PHE J 97 29.51 4.40 0.74
C PHE J 97 28.76 5.28 -0.25
N THR J 98 27.57 4.84 -0.66
CA THR J 98 26.85 5.52 -1.73
C THR J 98 26.34 6.89 -1.28
N ASP J 99 25.90 7.01 -0.03
CA ASP J 99 25.36 8.28 0.44
C ASP J 99 26.43 9.34 0.64
N LEU J 100 27.71 8.97 0.60
CA LEU J 100 28.79 9.92 0.75
C LEU J 100 29.50 10.15 -0.58
N ASP J 101 29.94 11.38 -0.79
CA ASP J 101 30.72 11.68 -1.98
C ASP J 101 32.15 11.19 -1.80
N VAL J 102 32.92 11.23 -2.89
CA VAL J 102 34.27 10.69 -2.89
C VAL J 102 35.12 11.30 -1.80
N PHE J 103 35.00 12.62 -1.58
CA PHE J 103 35.80 13.26 -0.54
C PHE J 103 35.45 12.69 0.83
N GLU J 104 34.19 12.79 1.23
CA GLU J 104 33.76 12.22 2.51
C GLU J 104 33.94 10.72 2.54
N ASN J 105 33.88 10.04 1.39
CA ASN J 105 34.17 8.61 1.35
C ASN J 105 35.58 8.33 1.82
N VAL J 106 36.57 8.99 1.20
CA VAL J 106 37.96 8.78 1.60
C VAL J 106 38.20 9.29 3.01
N ALA J 107 37.49 10.34 3.43
CA ALA J 107 37.68 10.92 4.74
C ALA J 107 37.03 10.09 5.85
N PHE J 108 36.13 9.18 5.50
CA PHE J 108 35.39 8.45 6.53
C PHE J 108 36.30 7.75 7.54
N PRO J 109 37.34 7.00 7.15
CA PRO J 109 38.20 6.39 8.18
C PRO J 109 38.88 7.41 9.05
N LEU J 110 39.06 8.62 8.54
CA LEU J 110 39.69 9.66 9.38
C LEU J 110 38.68 10.07 10.46
N ARG J 111 37.52 10.57 10.05
CA ARG J 111 36.54 11.11 10.98
C ARG J 111 36.07 10.10 12.02
N VAL J 112 36.58 8.87 11.99
CA VAL J 112 36.11 7.84 12.90
C VAL J 112 37.09 7.69 14.06
N HIS J 113 38.33 7.32 13.75
CA HIS J 113 39.33 7.10 14.79
C HIS J 113 40.02 8.39 15.21
N THR J 114 39.79 9.49 14.50
CA THR J 114 40.55 10.71 14.72
C THR J 114 39.62 11.90 14.72
N GLN J 115 39.96 12.89 15.55
CA GLN J 115 39.27 14.18 15.57
C GLN J 115 40.28 15.22 15.08
N LEU J 116 40.42 15.31 13.79
CA LEU J 116 41.37 16.27 13.26
C LEU J 116 40.64 17.47 12.67
N PRO J 117 41.29 18.62 12.58
CA PRO J 117 40.64 19.77 11.96
C PRO J 117 40.21 19.48 10.53
N GLU J 118 39.00 19.92 10.20
CA GLU J 118 38.41 19.63 8.90
C GLU J 118 39.23 20.15 7.74
N GLU J 119 40.22 21.01 8.04
CA GLU J 119 41.11 21.53 6.98
C GLU J 119 42.29 20.56 6.85
N MET J 120 42.82 20.10 7.98
CA MET J 120 43.95 19.14 8.02
C MET J 120 43.49 17.80 7.41
N ILE J 121 42.24 17.41 7.70
CA ILE J 121 41.66 16.14 7.19
C ILE J 121 41.59 16.21 5.65
N ARG J 122 41.23 17.38 5.12
CA ARG J 122 41.12 17.55 3.64
C ARG J 122 42.48 17.31 3.00
N ASP J 123 43.55 17.82 3.62
CA ASP J 123 44.92 17.64 3.07
C ASP J 123 45.26 16.14 3.04
N ILE J 124 44.93 15.41 4.11
CA ILE J 124 45.21 13.94 4.18
C ILE J 124 44.39 13.23 3.11
N VAL J 125 43.12 13.62 2.94
CA VAL J 125 42.26 12.99 1.89
C VAL J 125 42.80 13.33 0.51
N LEU J 126 43.21 14.58 0.30
CA LEU J 126 43.71 15.05 -1.03
C LEU J 126 45.01 14.35 -1.43
N MET J 127 45.97 14.23 -0.50
CA MET J 127 47.25 13.57 -0.86
C MET J 127 47.00 12.09 -1.21
N LYS J 128 46.11 11.44 -0.47
CA LYS J 128 45.76 10.02 -0.73
C LYS J 128 45.18 9.91 -2.14
N LEU J 129 44.07 10.61 -2.39
CA LEU J 129 43.41 10.59 -3.69
C LEU J 129 44.38 10.91 -4.82
N GLN J 130 45.44 11.67 -4.53
CA GLN J 130 46.47 11.89 -5.55
C GLN J 130 47.30 10.64 -5.75
N ALA J 131 47.70 9.97 -4.67
CA ALA J 131 48.55 8.79 -4.77
C ALA J 131 47.93 7.71 -5.63
N VAL J 132 46.61 7.66 -5.75
CA VAL J 132 45.93 6.70 -6.61
C VAL J 132 45.51 7.30 -7.94
N GLY J 133 45.74 8.59 -8.15
CA GLY J 133 45.39 9.25 -9.38
C GLY J 133 43.98 9.79 -9.43
N LEU J 134 43.12 9.38 -8.49
CA LEU J 134 41.74 9.86 -8.45
C LEU J 134 41.62 11.13 -7.63
N ARG J 135 42.45 12.12 -7.92
CA ARG J 135 42.40 13.37 -7.16
C ARG J 135 41.37 14.32 -7.74
N GLY J 136 41.26 14.38 -9.07
CA GLY J 136 40.31 15.29 -9.69
C GLY J 136 38.87 14.98 -9.35
N ALA J 137 38.52 13.71 -9.17
CA ALA J 137 37.18 13.32 -8.81
C ALA J 137 36.97 13.30 -7.31
N VAL J 138 37.34 14.40 -6.64
CA VAL J 138 36.99 14.58 -5.23
C VAL J 138 35.57 15.09 -5.09
N GLU J 139 34.84 15.16 -6.21
CA GLU J 139 33.55 15.83 -6.30
C GLU J 139 32.40 14.87 -6.47
N LEU J 140 32.64 13.70 -7.04
CA LEU J 140 31.58 12.86 -7.58
C LEU J 140 30.95 11.98 -6.50
N MET J 141 29.93 11.26 -6.92
CA MET J 141 29.27 10.21 -6.15
C MET J 141 29.70 8.84 -6.68
N PRO J 142 29.83 7.84 -5.80
CA PRO J 142 30.44 6.56 -6.22
C PRO J 142 29.73 5.88 -7.38
N ASP J 143 28.52 6.29 -7.75
CA ASP J 143 27.92 5.73 -8.96
C ASP J 143 28.23 6.56 -10.19
N GLU J 144 28.67 7.81 -10.00
CA GLU J 144 29.18 8.60 -11.11
C GLU J 144 30.60 8.22 -11.49
N LEU J 145 31.16 7.18 -10.86
CA LEU J 145 32.51 6.73 -11.14
C LEU J 145 32.46 5.43 -11.93
N SER J 146 33.39 5.28 -12.88
CA SER J 146 33.49 4.04 -13.63
C SER J 146 33.93 2.91 -12.69
N GLY J 147 33.70 1.68 -13.14
CA GLY J 147 34.02 0.52 -12.33
C GLY J 147 35.50 0.41 -11.99
N GLY J 148 36.37 0.86 -12.90
CA GLY J 148 37.80 0.77 -12.64
C GLY J 148 38.27 1.77 -11.61
N MET J 149 37.80 3.00 -11.69
CA MET J 149 38.19 4.04 -10.75
C MET J 149 37.47 3.94 -9.42
N LYS J 150 36.33 3.24 -9.37
CA LYS J 150 35.64 3.04 -8.11
C LYS J 150 36.50 2.26 -7.13
N ARG J 151 37.40 1.42 -7.63
CA ARG J 151 38.27 0.63 -6.78
C ARG J 151 39.48 1.42 -6.30
N ARG J 152 39.99 2.35 -7.11
CA ARG J 152 41.14 3.13 -6.68
C ARG J 152 40.79 4.07 -5.53
N VAL J 153 39.60 4.68 -5.57
CA VAL J 153 39.19 5.54 -4.46
C VAL J 153 38.96 4.71 -3.20
N ALA J 154 38.46 3.48 -3.35
CA ALA J 154 38.38 2.59 -2.20
C ALA J 154 39.75 2.24 -1.65
N LEU J 155 40.73 2.02 -2.53
CA LEU J 155 42.10 1.80 -2.07
C LEU J 155 42.62 3.02 -1.33
N ALA J 156 42.29 4.21 -1.80
CA ALA J 156 42.69 5.43 -1.10
C ALA J 156 42.04 5.51 0.27
N ARG J 157 40.75 5.18 0.36
CA ARG J 157 40.09 5.10 1.65
C ARG J 157 40.78 4.12 2.57
N ALA J 158 41.22 2.98 2.02
CA ALA J 158 41.94 2.00 2.83
C ALA J 158 43.25 2.58 3.36
N ILE J 159 44.08 3.13 2.47
CA ILE J 159 45.38 3.65 2.87
C ILE J 159 45.27 4.90 3.73
N ALA J 160 44.08 5.48 3.87
CA ALA J 160 43.90 6.51 4.88
C ALA J 160 44.13 5.92 6.26
N LEU J 161 44.50 6.80 7.19
CA LEU J 161 44.97 6.45 8.53
C LEU J 161 46.32 5.77 8.51
N ASP J 162 46.88 5.50 7.33
CA ASP J 162 48.14 4.79 7.15
C ASP J 162 48.15 3.48 7.91
N PRO J 163 47.42 2.47 7.47
CA PRO J 163 47.51 1.16 8.10
C PRO J 163 48.87 0.54 7.83
N GLN J 164 49.25 -0.40 8.70
CA GLN J 164 50.51 -1.11 8.54
C GLN J 164 50.37 -2.40 7.74
N ILE J 165 49.18 -2.97 7.70
CA ILE J 165 48.85 -4.04 6.76
C ILE J 165 47.55 -3.64 6.08
N LEU J 166 47.30 -4.21 4.91
CA LEU J 166 46.05 -3.91 4.22
C LEU J 166 45.72 -5.05 3.27
N LEU J 167 44.44 -5.42 3.27
CA LEU J 167 43.97 -6.62 2.59
C LEU J 167 43.23 -6.23 1.32
N TYR J 168 43.51 -6.96 0.24
CA TYR J 168 42.87 -6.67 -1.07
C TYR J 168 42.10 -7.92 -1.51
N ASP J 169 40.77 -7.89 -1.37
CA ASP J 169 39.95 -9.05 -1.81
C ASP J 169 39.55 -8.79 -3.26
N GLU J 170 39.90 -9.72 -4.17
CA GLU J 170 39.58 -9.56 -5.61
C GLU J 170 40.08 -8.19 -6.09
N PRO J 171 41.34 -7.80 -5.79
CA PRO J 171 41.84 -6.48 -6.19
C PRO J 171 41.87 -6.30 -7.72
N PHE J 172 42.27 -7.34 -8.45
CA PHE J 172 42.31 -7.27 -9.93
C PHE J 172 41.39 -8.35 -10.52
N VAL J 173 40.07 -8.12 -10.45
CA VAL J 173 39.07 -9.04 -11.05
C VAL J 173 38.84 -8.55 -12.49
N GLY J 174 37.84 -7.69 -12.68
CA GLY J 174 37.52 -7.15 -14.02
C GLY J 174 38.46 -6.01 -14.41
N GLN J 175 39.39 -6.28 -15.34
CA GLN J 175 40.36 -5.25 -15.79
C GLN J 175 39.72 -4.41 -16.91
N PRO J 177 42.45 -3.74 -18.93
CA PRO J 177 43.86 -4.12 -18.84
C PRO J 177 44.70 -2.95 -18.29
N ILE J 178 44.41 -1.73 -18.75
CA ILE J 178 45.17 -0.53 -18.28
C ILE J 178 44.77 -0.25 -16.83
N ALA J 179 43.47 -0.37 -16.51
CA ALA J 179 42.98 -0.13 -15.14
C ALA J 179 43.67 -1.14 -14.21
N MET J 180 43.71 -2.41 -14.62
CA MET J 180 44.35 -3.46 -13.86
C MET J 180 45.83 -3.18 -13.68
N GLY J 181 46.47 -2.57 -14.68
CA GLY J 181 47.87 -2.23 -14.57
C GLY J 181 48.15 -1.17 -13.52
N VAL J 182 47.35 -0.11 -13.49
CA VAL J 182 47.56 0.92 -12.48
C VAL J 182 47.33 0.35 -11.10
N LEU J 183 46.33 -0.51 -10.94
CA LEU J 183 46.06 -1.09 -9.63
C LEU J 183 47.17 -2.04 -9.19
N VAL J 184 47.67 -2.87 -10.10
CA VAL J 184 48.74 -3.79 -9.74
C VAL J 184 50.04 -3.05 -9.50
N ARG J 185 50.22 -1.87 -10.10
CA ARG J 185 51.35 -1.02 -9.76
C ARG J 185 51.17 -0.34 -8.42
N LEU J 186 49.94 0.07 -8.08
CA LEU J 186 49.70 0.75 -6.82
C LEU J 186 49.83 -0.19 -5.64
N ILE J 187 49.34 -1.42 -5.76
CA ILE J 187 49.45 -2.35 -4.64
C ILE J 187 50.89 -2.69 -4.34
N ARG J 188 51.79 -2.54 -5.31
CA ARG J 188 53.21 -2.76 -5.07
C ARG J 188 53.92 -1.50 -4.60
N LEU J 189 53.58 -0.34 -5.18
CA LEU J 189 54.15 0.92 -4.72
C LEU J 189 53.81 1.19 -3.27
N LEU J 190 52.54 1.03 -2.90
CA LEU J 190 52.14 1.17 -1.50
C LEU J 190 52.90 0.23 -0.59
N ASN J 191 53.31 -0.94 -1.08
CA ASN J 191 54.07 -1.86 -0.27
C ASN J 191 55.53 -1.45 -0.11
N ASP J 192 56.24 -1.26 -1.23
CA ASP J 192 57.66 -0.94 -1.13
C ASP J 192 57.88 0.46 -0.56
N ALA J 193 57.01 1.40 -0.90
CA ALA J 193 57.17 2.77 -0.39
C ALA J 193 56.78 2.85 1.08
N LEU J 194 55.53 2.53 1.40
CA LEU J 194 55.06 2.66 2.78
C LEU J 194 55.58 1.56 3.70
N GLY J 195 56.17 0.51 3.14
CA GLY J 195 56.59 -0.60 3.97
C GLY J 195 55.46 -1.26 4.71
N ILE J 196 54.32 -1.45 4.03
CA ILE J 196 53.13 -2.01 4.66
C ILE J 196 52.87 -3.39 4.06
N THR J 197 52.37 -4.27 4.92
CA THR J 197 52.05 -5.63 4.50
C THR J 197 50.83 -5.64 3.59
N SER J 198 50.97 -6.27 2.44
CA SER J 198 49.87 -6.39 1.48
C SER J 198 49.47 -7.84 1.37
N ILE J 199 48.17 -8.10 1.45
CA ILE J 199 47.62 -9.45 1.32
C ILE J 199 46.67 -9.41 0.14
N VAL J 200 47.19 -9.71 -1.05
CA VAL J 200 46.39 -9.72 -2.26
C VAL J 200 45.69 -11.07 -2.33
N VAL J 201 44.35 -11.07 -2.30
CA VAL J 201 43.61 -12.37 -2.25
C VAL J 201 42.66 -12.54 -3.44
N SER J 202 43.17 -13.01 -4.59
CA SER J 202 42.40 -13.14 -5.81
C SER J 202 42.72 -14.47 -6.46
N HIS J 203 41.74 -15.01 -7.18
CA HIS J 203 41.95 -16.30 -7.91
C HIS J 203 42.72 -16.04 -9.20
N ASP J 204 42.94 -14.77 -9.56
CA ASP J 204 43.67 -14.44 -10.78
C ASP J 204 45.15 -14.68 -10.49
N LEU J 205 45.69 -15.77 -11.03
CA LEU J 205 46.98 -16.27 -10.57
C LEU J 205 48.14 -15.48 -11.18
N ALA J 206 48.04 -15.13 -12.46
CA ALA J 206 49.16 -14.52 -13.16
C ALA J 206 49.64 -13.25 -12.46
N GLU J 207 48.77 -12.26 -12.34
CA GLU J 207 49.16 -10.99 -11.77
C GLU J 207 49.43 -11.10 -10.27
N THR J 208 48.71 -11.99 -9.58
CA THR J 208 49.02 -12.27 -8.18
C THR J 208 50.49 -12.67 -8.04
N ALA J 209 50.87 -13.77 -8.71
CA ALA J 209 52.26 -14.21 -8.67
C ALA J 209 53.21 -13.11 -9.13
N SER J 210 52.74 -12.27 -10.06
CA SER J 210 53.53 -11.15 -10.52
C SER J 210 53.91 -10.22 -9.37
N ILE J 211 52.98 -9.90 -8.49
CA ILE J 211 53.30 -9.00 -7.38
C ILE J 211 53.54 -9.74 -6.08
N ALA J 212 53.08 -10.98 -5.99
CA ALA J 212 53.24 -11.72 -4.74
C ALA J 212 54.69 -12.08 -4.50
N ASP J 213 55.04 -12.21 -3.21
CA ASP J 213 56.35 -12.68 -2.79
C ASP J 213 56.28 -13.99 -2.01
N TYR J 214 55.14 -14.29 -1.38
CA TYR J 214 54.96 -15.55 -0.66
C TYR J 214 53.47 -15.92 -0.82
N ILE J 215 53.18 -16.69 -1.84
CA ILE J 215 51.81 -16.95 -2.27
C ILE J 215 51.30 -18.23 -1.62
N TYR J 216 50.05 -18.20 -1.18
CA TYR J 216 49.39 -19.34 -0.57
C TYR J 216 48.34 -19.91 -1.51
N ILE J 217 47.87 -21.11 -1.18
CA ILE J 217 46.74 -21.74 -1.85
C ILE J 217 45.84 -22.34 -0.78
N VAL J 218 44.56 -21.99 -0.81
CA VAL J 218 43.57 -22.49 0.14
C VAL J 218 42.58 -23.35 -0.63
N GLY J 219 42.30 -24.54 -0.12
CA GLY J 219 41.37 -25.44 -0.79
C GLY J 219 40.64 -26.31 0.21
N ASP J 220 39.33 -26.46 -0.02
CA ASP J 220 38.41 -27.32 0.74
C ASP J 220 38.69 -27.32 2.23
N GLY J 221 38.88 -26.14 2.83
CA GLY J 221 39.01 -26.02 4.27
C GLY J 221 40.43 -26.00 4.78
N ARG J 222 41.42 -26.36 3.98
CA ARG J 222 42.78 -26.46 4.47
C ARG J 222 43.71 -25.74 3.51
N VAL J 223 44.77 -25.17 4.06
CA VAL J 223 45.79 -24.54 3.23
C VAL J 223 46.53 -25.63 2.46
N LEU J 224 46.43 -25.58 1.15
CA LEU J 224 47.07 -26.57 0.29
C LEU J 224 48.46 -26.09 -0.12
N GLY J 225 49.34 -26.01 0.87
CA GLY J 225 50.71 -25.59 0.62
C GLY J 225 50.82 -24.09 0.43
N HIS J 226 52.07 -23.65 0.27
CA HIS J 226 52.39 -22.24 0.15
C HIS J 226 53.85 -22.10 -0.23
N GLY J 227 54.23 -20.91 -0.63
CA GLY J 227 55.63 -20.66 -0.94
C GLY J 227 55.79 -19.48 -1.87
N THR J 228 57.03 -19.25 -2.24
CA THR J 228 57.37 -18.26 -3.23
C THR J 228 56.81 -18.69 -4.60
N PRO J 229 56.47 -17.72 -5.46
CA PRO J 229 55.72 -18.07 -6.69
C PRO J 229 56.39 -19.14 -7.55
N ASP J 230 57.71 -19.16 -7.66
CA ASP J 230 58.36 -20.19 -8.45
C ASP J 230 58.39 -21.53 -7.72
N VAL J 231 58.72 -21.54 -6.42
CA VAL J 231 58.73 -22.80 -5.68
C VAL J 231 57.33 -23.39 -5.63
N LEU J 232 56.30 -22.55 -5.74
CA LEU J 232 54.93 -23.03 -5.85
C LEU J 232 54.55 -23.38 -7.28
N LYS J 233 55.37 -23.01 -8.26
CA LYS J 233 55.03 -23.26 -9.65
C LYS J 233 55.14 -24.74 -10.01
N GLU J 234 56.10 -25.44 -9.40
CA GLU J 234 56.33 -26.85 -9.71
C GLU J 234 56.46 -27.68 -8.45
N THR J 235 55.53 -27.49 -7.50
CA THR J 235 55.61 -28.21 -6.24
C THR J 235 55.26 -29.69 -6.38
N ASP J 236 54.76 -30.09 -7.55
CA ASP J 236 54.38 -31.47 -7.85
C ASP J 236 53.18 -31.94 -7.04
N ASP J 237 52.62 -31.08 -6.20
CA ASP J 237 51.36 -31.41 -5.55
C ASP J 237 50.27 -31.43 -6.62
N PRO J 238 49.61 -32.56 -6.84
CA PRO J 238 48.63 -32.64 -7.94
C PRO J 238 47.60 -31.54 -7.92
N ARG J 239 47.00 -31.25 -6.76
CA ARG J 239 46.08 -30.14 -6.64
C ARG J 239 46.73 -28.80 -6.94
N ILE J 240 47.94 -28.57 -6.44
CA ILE J 240 48.57 -27.26 -6.61
C ILE J 240 49.17 -27.13 -8.01
N ARG J 241 49.68 -28.21 -8.59
CA ARG J 241 50.09 -28.12 -9.99
C ARG J 241 48.88 -28.00 -10.91
N GLN J 242 47.72 -28.49 -10.48
CA GLN J 242 46.50 -28.31 -11.26
C GLN J 242 45.96 -26.90 -11.14
N PHE J 243 46.18 -26.24 -10.00
CA PHE J 243 45.74 -24.87 -9.82
C PHE J 243 46.70 -23.88 -10.49
N VAL J 244 48.00 -24.01 -10.22
CA VAL J 244 49.00 -23.10 -10.76
C VAL J 244 49.09 -23.13 -12.28
N LYS J 245 48.56 -24.14 -12.92
CA LYS J 245 48.47 -24.19 -14.37
C LYS J 245 47.02 -24.34 -14.80
N GLY J 246 46.78 -24.29 -16.11
CA GLY J 246 45.43 -24.45 -16.60
C GLY J 246 44.91 -25.85 -16.36
N ILE J 247 45.44 -26.82 -17.11
CA ILE J 247 45.25 -28.26 -16.92
C ILE J 247 43.82 -28.55 -16.48
N PRO J 248 42.84 -28.44 -17.38
CA PRO J 248 41.43 -28.50 -16.96
C PRO J 248 41.06 -29.70 -16.10
N ASP J 249 41.71 -30.85 -16.30
CA ASP J 249 41.38 -32.05 -15.57
C ASP J 249 42.52 -32.42 -14.61
N GLY J 250 42.14 -32.81 -13.40
CA GLY J 250 43.09 -33.20 -12.39
C GLY J 250 42.39 -33.65 -11.11
N PRO J 251 42.95 -33.28 -9.96
CA PRO J 251 42.28 -33.59 -8.69
C PRO J 251 40.88 -33.01 -8.61
N VAL J 252 40.70 -31.77 -9.01
CA VAL J 252 39.37 -31.18 -9.15
C VAL J 252 38.77 -31.73 -10.43
N PRO J 253 37.62 -32.39 -10.37
CA PRO J 253 37.12 -33.10 -11.55
C PRO J 253 36.64 -32.14 -12.63
N PHE J 254 37.04 -32.41 -13.86
CA PHE J 254 36.50 -31.66 -14.99
C PHE J 254 35.07 -32.07 -15.29
N HIS J 255 34.82 -33.37 -15.24
CA HIS J 255 33.46 -33.93 -15.48
C HIS J 255 32.67 -33.90 -14.17
N TYR J 256 31.34 -33.91 -14.26
CA TYR J 256 30.47 -33.90 -13.06
C TYR J 256 30.12 -35.33 -12.67
N PRO J 257 29.73 -35.60 -11.40
CA PRO J 257 29.38 -36.95 -10.96
C PRO J 257 28.07 -37.43 -11.60
N ALA J 258 28.17 -38.20 -12.69
CA ALA J 258 26.98 -38.73 -13.40
C ALA J 258 27.21 -40.19 -13.77
N ARG J 259 26.23 -40.82 -14.43
CA ARG J 259 26.34 -42.25 -14.84
C ARG J 259 27.11 -42.32 -16.16
N ASP J 260 27.53 -43.53 -16.56
CA ASP J 260 28.29 -43.73 -17.82
C ASP J 260 27.53 -43.07 -18.98
N TYR J 261 28.23 -42.28 -19.79
CA TYR J 261 27.62 -41.58 -20.96
C TYR J 261 27.13 -42.61 -21.98
N ARG J 262 27.86 -43.72 -22.14
CA ARG J 262 27.50 -44.81 -23.08
C ARG J 262 26.04 -45.20 -22.85
N ALA J 263 25.66 -45.48 -21.60
CA ALA J 263 24.28 -45.89 -21.27
C ALA J 263 23.43 -44.65 -20.94
N ASP J 264 24.09 -43.51 -20.70
CA ASP J 264 23.37 -42.25 -20.34
C ASP J 264 22.26 -41.98 -21.37
N LEU J 265 22.62 -41.86 -22.65
CA LEU J 265 21.62 -41.59 -23.72
C LEU J 265 21.04 -42.91 -24.22
N LEU J 266 21.66 -44.04 -23.87
CA LEU J 266 21.18 -45.37 -24.32
C LEU J 266 19.94 -45.75 -23.49
N GLY J 267 19.98 -45.53 -22.18
CA GLY J 267 18.86 -45.85 -21.31
C GLY J 267 17.95 -44.67 -21.05
N GLN K 3 16.07 -32.59 -48.47
CA GLN K 3 17.22 -32.63 -47.57
C GLN K 3 17.96 -33.96 -47.71
N ALA K 4 17.53 -34.96 -46.94
CA ALA K 4 18.10 -36.30 -47.03
C ALA K 4 16.98 -37.32 -46.85
N SER K 5 17.33 -38.58 -47.14
CA SER K 5 16.37 -39.68 -47.10
C SER K 5 17.04 -40.90 -46.46
N LEU K 6 16.21 -41.90 -46.17
CA LEU K 6 16.67 -43.14 -45.58
C LEU K 6 16.03 -44.30 -46.34
N ARG K 7 16.80 -45.36 -46.56
CA ARG K 7 16.33 -46.45 -47.42
C ARG K 7 17.21 -47.68 -47.21
N GLU K 8 16.90 -48.72 -47.99
CA GLU K 8 17.71 -49.94 -48.08
C GLU K 8 17.76 -50.71 -46.76
N GLY K 9 16.60 -50.98 -46.17
CA GLY K 9 16.52 -51.73 -44.93
C GLY K 9 16.28 -53.21 -45.16
N ALA K 10 15.85 -53.89 -44.09
CA ALA K 10 15.45 -55.30 -44.07
C ALA K 10 16.62 -56.26 -44.28
N ALA K 11 17.78 -55.73 -44.65
CA ALA K 11 19.00 -56.54 -44.74
C ALA K 11 20.20 -55.79 -44.17
N GLY K 12 20.00 -55.05 -43.08
CA GLY K 12 20.97 -54.09 -42.62
C GLY K 12 21.25 -53.04 -43.68
N GLU K 13 22.53 -52.84 -43.98
CA GLU K 13 23.01 -51.98 -45.07
C GLU K 13 22.14 -50.73 -45.24
N LEU K 14 21.91 -50.03 -44.15
CA LEU K 14 21.05 -48.85 -44.16
C LEU K 14 21.73 -47.73 -44.93
N GLN K 15 20.97 -47.07 -45.81
CA GLN K 15 21.54 -46.13 -46.75
C GLN K 15 21.09 -44.72 -46.40
N LEU K 16 22.06 -43.82 -46.21
CA LEU K 16 21.80 -42.46 -45.75
C LEU K 16 22.13 -41.45 -46.84
N ALA K 17 21.31 -40.41 -46.94
CA ALA K 17 21.47 -39.38 -47.95
C ALA K 17 22.18 -38.17 -47.36
N GLY K 18 22.17 -37.04 -48.08
CA GLY K 18 23.11 -35.94 -47.86
C GLY K 18 23.13 -35.21 -46.54
N VAL K 19 22.11 -34.41 -46.24
CA VAL K 19 22.18 -33.49 -45.11
C VAL K 19 21.32 -33.96 -43.96
N LEU K 20 21.90 -34.05 -42.77
CA LEU K 20 21.16 -34.35 -41.55
C LEU K 20 21.29 -33.15 -40.64
N ASP K 21 20.28 -32.29 -40.67
CA ASP K 21 20.25 -31.07 -39.88
C ASP K 21 19.04 -31.09 -38.95
N TYR K 22 18.78 -29.96 -38.32
CA TYR K 22 17.62 -29.87 -37.42
C TYR K 22 16.31 -30.11 -38.16
N SER K 23 16.23 -29.70 -39.42
CA SER K 23 14.99 -29.86 -40.18
C SER K 23 14.74 -31.32 -40.53
N SER K 24 15.69 -31.96 -41.21
CA SER K 24 15.52 -33.32 -41.69
C SER K 24 15.58 -34.36 -40.58
N GLY K 25 15.65 -33.94 -39.32
CA GLY K 25 15.79 -34.86 -38.21
C GLY K 25 14.59 -35.75 -37.99
N PRO K 26 13.45 -35.15 -37.59
CA PRO K 26 12.28 -35.98 -37.24
C PRO K 26 11.77 -36.85 -38.37
N ALA K 27 11.82 -36.37 -39.62
CA ALA K 27 11.36 -37.19 -40.73
C ALA K 27 12.23 -38.43 -40.89
N LEU K 28 13.55 -38.26 -40.88
CA LEU K 28 14.46 -39.40 -40.96
C LEU K 28 14.28 -40.35 -39.79
N ARG K 29 14.08 -39.82 -38.58
CA ARG K 29 13.88 -40.69 -37.44
C ARG K 29 12.59 -41.50 -37.58
N GLU K 30 11.49 -40.83 -37.95
CA GLU K 30 10.22 -41.54 -38.07
C GLU K 30 10.26 -42.59 -39.17
N GLN K 31 10.83 -42.27 -40.33
CA GLN K 31 10.87 -43.26 -41.40
C GLN K 31 11.96 -44.31 -41.17
N GLY K 32 12.85 -44.08 -40.21
CA GLY K 32 13.84 -45.08 -39.88
C GLY K 32 13.52 -45.85 -38.60
N GLY K 33 13.09 -45.12 -37.57
CA GLY K 33 12.89 -45.70 -36.26
C GLY K 33 11.93 -46.88 -36.23
N ARG K 34 10.65 -46.63 -36.51
CA ARG K 34 9.66 -47.69 -36.48
C ARG K 34 9.51 -48.35 -37.85
N LEU K 35 9.44 -47.54 -38.91
CA LEU K 35 9.23 -48.05 -40.25
C LEU K 35 10.35 -49.00 -40.68
N ILE K 36 11.60 -48.57 -40.51
CA ILE K 36 12.72 -49.35 -41.05
C ILE K 36 13.26 -50.34 -40.02
N ARG K 37 13.55 -49.87 -38.81
CA ARG K 37 14.28 -50.71 -37.86
C ARG K 37 13.44 -51.85 -37.32
N ALA K 38 12.13 -51.82 -37.54
CA ALA K 38 11.30 -52.95 -37.14
C ALA K 38 11.45 -54.11 -38.12
N SER K 39 11.63 -53.81 -39.39
CA SER K 39 11.74 -54.86 -40.41
C SER K 39 13.09 -55.55 -40.35
N GLN K 40 14.13 -54.84 -39.90
CA GLN K 40 15.50 -55.34 -39.89
C GLN K 40 15.62 -56.68 -39.17
N ALA K 41 16.60 -57.49 -39.58
CA ALA K 41 16.80 -58.81 -38.98
C ALA K 41 17.93 -58.81 -37.95
N ALA K 42 19.14 -58.46 -38.37
CA ALA K 42 20.32 -58.48 -37.52
C ALA K 42 21.51 -57.85 -38.23
N GLU K 43 22.66 -57.87 -37.55
CA GLU K 43 23.96 -57.43 -38.08
C GLU K 43 23.90 -56.07 -38.75
N LEU K 44 22.94 -55.24 -38.34
CA LEU K 44 22.65 -53.94 -38.95
C LEU K 44 23.90 -53.08 -39.12
N VAL K 45 24.20 -52.69 -40.35
CA VAL K 45 25.27 -51.75 -40.64
C VAL K 45 24.64 -50.54 -41.32
N VAL K 46 25.00 -49.35 -40.86
CA VAL K 46 24.60 -48.10 -41.50
C VAL K 46 25.87 -47.31 -41.81
N ASP K 47 26.01 -46.93 -43.08
CA ASP K 47 27.20 -46.22 -43.54
C ASP K 47 26.82 -44.84 -44.05
N CYS K 48 27.37 -43.82 -43.43
CA CYS K 48 27.07 -42.43 -43.81
C CYS K 48 27.97 -42.00 -44.98
N SER K 49 27.99 -42.80 -46.03
CA SER K 49 28.87 -42.53 -47.16
C SER K 49 28.45 -41.25 -47.89
N ALA K 50 27.19 -41.19 -48.32
CA ALA K 50 26.66 -39.99 -48.98
C ALA K 50 26.04 -39.03 -47.99
N VAL K 51 26.78 -38.73 -46.92
CA VAL K 51 26.38 -37.71 -45.95
C VAL K 51 27.46 -36.64 -45.96
N GLU K 52 27.22 -35.60 -46.77
CA GLU K 52 28.24 -34.60 -47.04
C GLU K 52 28.25 -33.46 -46.02
N ARG K 53 27.08 -33.09 -45.49
CA ARG K 53 27.02 -32.11 -44.41
C ARG K 53 26.08 -32.62 -43.32
N SER K 54 26.47 -32.44 -42.07
CA SER K 54 25.67 -32.89 -40.93
C SER K 54 25.97 -32.06 -39.70
N SER K 55 24.99 -31.97 -38.80
CA SER K 55 25.14 -31.33 -37.50
C SER K 55 24.99 -32.39 -36.40
N SER K 56 24.99 -31.94 -35.14
CA SER K 56 24.78 -32.86 -34.01
C SER K 56 23.42 -33.51 -34.04
N VAL K 57 22.45 -32.91 -34.73
CA VAL K 57 21.17 -33.59 -34.92
C VAL K 57 21.39 -34.91 -35.64
N GLY K 58 22.32 -34.95 -36.59
CA GLY K 58 22.66 -36.22 -37.21
C GLY K 58 23.25 -37.21 -36.24
N ILE K 59 24.10 -36.72 -35.34
CA ILE K 59 24.72 -37.59 -34.30
C ILE K 59 23.58 -38.21 -33.48
N SER K 60 22.68 -37.37 -32.97
CA SER K 60 21.52 -37.86 -32.22
C SER K 60 20.63 -38.77 -33.04
N LEU K 61 20.59 -38.61 -34.37
CA LEU K 61 19.89 -39.55 -35.23
C LEU K 61 20.54 -40.92 -35.17
N LEU K 62 21.85 -40.98 -35.43
CA LEU K 62 22.56 -42.25 -35.28
C LEU K 62 22.44 -42.78 -33.86
N LEU K 63 22.39 -41.89 -32.88
CA LEU K 63 22.17 -42.32 -31.50
C LEU K 63 20.75 -42.79 -31.25
N ALA K 64 19.77 -42.22 -31.97
CA ALA K 64 18.41 -42.73 -31.91
C ALA K 64 18.24 -44.00 -32.72
N PHE K 65 19.20 -44.35 -33.56
CA PHE K 65 19.19 -45.62 -34.27
C PHE K 65 19.67 -46.77 -33.41
N ILE K 66 20.30 -46.49 -32.26
CA ILE K 66 20.86 -47.54 -31.43
C ILE K 66 19.94 -47.90 -30.28
N ARG K 67 19.22 -46.91 -29.74
CA ARG K 67 18.34 -47.17 -28.61
C ARG K 67 17.14 -48.04 -28.97
N ASP K 68 16.89 -48.28 -30.25
CA ASP K 68 15.81 -49.15 -30.69
C ASP K 68 16.31 -50.49 -31.21
N ALA K 69 17.43 -50.51 -31.93
CA ALA K 69 18.06 -51.78 -32.27
C ALA K 69 18.42 -52.55 -31.01
N ARG K 70 19.01 -51.86 -30.03
CA ARG K 70 19.22 -52.48 -28.72
C ARG K 70 17.90 -52.88 -28.10
N LYS K 71 16.86 -52.06 -28.26
CA LYS K 71 15.54 -52.44 -27.81
C LYS K 71 15.01 -53.64 -28.59
N ALA K 72 15.26 -53.67 -29.89
CA ALA K 72 14.87 -54.80 -30.72
C ALA K 72 15.89 -55.94 -30.70
N GLY K 73 16.82 -55.92 -29.76
CA GLY K 73 17.80 -56.99 -29.59
C GLY K 73 18.93 -57.01 -30.60
N LYS K 74 18.60 -56.90 -31.89
CA LYS K 74 19.60 -56.98 -32.93
C LYS K 74 20.61 -55.85 -32.81
N VAL K 75 21.87 -56.16 -33.10
CA VAL K 75 22.99 -55.26 -32.88
C VAL K 75 23.28 -54.50 -34.16
N LEU K 76 23.69 -53.24 -34.02
CA LEU K 76 23.98 -52.39 -35.15
C LEU K 76 25.38 -51.78 -35.02
N SER K 77 25.90 -51.32 -36.15
CA SER K 77 27.17 -50.60 -36.18
C SER K 77 27.08 -49.56 -37.29
N VAL K 78 27.89 -48.51 -37.14
CA VAL K 78 27.90 -47.41 -38.09
C VAL K 78 29.19 -47.46 -38.89
N ARG K 79 29.11 -47.11 -40.17
CA ARG K 79 30.26 -47.07 -41.06
C ARG K 79 30.32 -45.72 -41.76
N ALA K 80 31.43 -45.48 -42.46
CA ALA K 80 31.59 -44.31 -43.31
C ALA K 80 31.24 -43.02 -42.59
N LEU K 81 31.69 -42.90 -41.34
CA LEU K 81 31.42 -41.71 -40.54
C LEU K 81 32.00 -40.49 -41.23
N PRO K 82 31.19 -39.52 -41.64
CA PRO K 82 31.70 -38.38 -42.39
C PRO K 82 32.54 -37.49 -41.49
N ASP K 83 33.13 -36.46 -42.10
CA ASP K 83 34.08 -35.62 -41.39
C ASP K 83 33.39 -34.84 -40.27
N ASP K 84 32.38 -34.04 -40.62
CA ASP K 84 31.73 -33.16 -39.65
C ASP K 84 31.09 -33.96 -38.52
N MET K 85 30.50 -35.11 -38.86
CA MET K 85 29.85 -35.99 -37.85
C MET K 85 30.93 -36.44 -36.85
N ARG K 86 32.11 -36.82 -37.36
CA ARG K 86 33.23 -37.27 -36.51
C ARG K 86 33.64 -36.12 -35.58
N GLU K 87 33.70 -34.90 -36.11
CA GLU K 87 34.08 -33.70 -35.32
C GLU K 87 33.17 -33.60 -34.09
N ILE K 88 31.85 -33.72 -34.30
CA ILE K 88 30.84 -33.65 -33.20
C ILE K 88 30.93 -34.93 -32.36
N ALA K 89 31.34 -36.04 -32.97
CA ALA K 89 31.47 -37.34 -32.27
C ALA K 89 32.80 -37.40 -31.51
N LYS K 90 33.73 -36.52 -31.86
CA LYS K 90 35.06 -36.47 -31.18
C LYS K 90 34.91 -35.59 -29.94
N VAL K 91 33.67 -35.42 -29.47
CA VAL K 91 33.36 -34.57 -28.28
C VAL K 91 33.14 -35.46 -27.05
N SER K 92 31.88 -35.54 -26.58
CA SER K 92 31.57 -36.33 -25.35
C SER K 92 30.54 -37.42 -25.62
N SER K 93 30.88 -38.66 -25.25
CA SER K 93 30.00 -39.87 -25.33
C SER K 93 29.55 -40.19 -26.76
N LEU K 94 30.32 -39.83 -27.78
CA LEU K 94 29.91 -40.14 -29.18
C LEU K 94 31.03 -40.91 -29.89
N LEU K 95 32.14 -41.18 -29.19
CA LEU K 95 33.28 -41.92 -29.79
C LEU K 95 33.07 -43.43 -29.56
N GLU K 96 33.81 -44.01 -28.61
CA GLU K 96 33.69 -45.42 -28.29
C GLU K 96 32.25 -45.89 -28.14
N ILE K 97 31.34 -44.98 -27.80
CA ILE K 97 29.92 -45.31 -27.71
C ILE K 97 29.40 -45.69 -29.09
N LEU K 98 29.75 -44.90 -30.09
CA LEU K 98 29.34 -45.17 -31.46
C LEU K 98 30.06 -46.41 -31.98
N PRO K 99 29.33 -47.48 -32.31
CA PRO K 99 29.98 -48.70 -32.80
C PRO K 99 30.40 -48.58 -34.26
N LEU K 100 31.69 -48.44 -34.51
CA LEU K 100 32.19 -48.34 -35.86
C LEU K 100 33.45 -49.17 -36.06
N GLN L 3 53.46 12.27 23.37
CA GLN L 3 53.73 11.97 21.97
C GLN L 3 54.85 12.85 21.43
N ALA L 4 54.51 14.03 20.94
CA ALA L 4 55.49 14.99 20.47
C ALA L 4 55.05 16.40 20.84
N SER L 5 55.97 17.35 20.67
CA SER L 5 55.73 18.73 21.04
C SER L 5 56.31 19.64 19.97
N LEU L 6 55.96 20.92 20.07
CA LEU L 6 56.43 21.95 19.15
C LEU L 6 56.93 23.14 19.96
N ARG L 7 58.01 23.76 19.51
CA ARG L 7 58.66 24.80 20.29
C ARG L 7 59.63 25.58 19.42
N GLU L 8 60.33 26.53 20.04
CA GLU L 8 61.42 27.28 19.45
C GLU L 8 60.98 28.14 18.27
N GLY L 9 59.94 28.95 18.47
CA GLY L 9 59.44 29.84 17.42
C GLY L 9 60.02 31.23 17.52
N ALA L 10 59.35 32.17 16.84
CA ALA L 10 59.64 33.61 16.86
C ALA L 10 60.95 33.96 16.18
N ALA L 11 61.76 32.95 15.83
CA ALA L 11 62.97 33.17 15.04
C ALA L 11 63.14 32.08 13.99
N GLY L 12 62.05 31.65 13.37
CA GLY L 12 62.05 30.45 12.57
C GLY L 12 62.44 29.24 13.40
N GLU L 13 63.41 28.49 12.88
CA GLU L 13 64.05 27.38 13.59
C GLU L 13 63.05 26.58 14.44
N LEU L 14 61.95 26.19 13.82
CA LEU L 14 60.89 25.49 14.53
C LEU L 14 61.36 24.08 14.89
N GLN L 15 61.10 23.68 16.13
CA GLN L 15 61.68 22.47 16.68
C GLN L 15 60.59 21.43 16.88
N LEU L 16 60.77 20.26 16.29
CA LEU L 16 59.75 19.20 16.29
C LEU L 16 60.23 18.00 17.10
N ALA L 17 59.31 17.39 17.84
CA ALA L 17 59.61 16.24 18.69
C ALA L 17 59.24 14.95 17.97
N GLY L 18 59.21 13.83 18.70
CA GLY L 18 59.28 12.49 18.15
C GLY L 18 58.20 12.01 17.20
N VAL L 19 56.98 11.75 17.71
CA VAL L 19 55.98 11.05 16.92
C VAL L 19 54.88 12.01 16.48
N LEU L 20 54.59 12.00 15.18
CA LEU L 20 53.48 12.76 14.62
C LEU L 20 52.52 11.74 14.01
N ASP L 21 51.50 11.38 14.78
CA ASP L 21 50.50 10.40 14.35
C ASP L 21 49.12 11.07 14.36
N TYR L 22 48.09 10.24 14.20
CA TYR L 22 46.72 10.76 14.21
C TYR L 22 46.38 11.42 15.53
N SER L 23 46.93 10.90 16.64
CA SER L 23 46.59 11.45 17.95
C SER L 23 47.23 12.81 18.16
N SER L 24 48.55 12.90 18.03
CA SER L 24 49.29 14.13 18.29
C SER L 24 49.07 15.20 17.23
N GLY L 25 48.19 14.97 16.26
CA GLY L 25 47.98 15.90 15.18
C GLY L 25 47.39 17.22 15.59
N PRO L 26 46.13 17.21 16.05
CA PRO L 26 45.46 18.49 16.36
C PRO L 26 46.15 19.31 17.42
N ALA L 27 46.74 18.69 18.44
CA ALA L 27 47.44 19.46 19.46
C ALA L 27 48.63 20.20 18.87
N LEU L 28 49.46 19.50 18.10
CA LEU L 28 50.59 20.14 17.44
C LEU L 28 50.15 21.23 16.49
N ARG L 29 49.07 21.01 15.74
CA ARG L 29 48.58 22.04 14.84
C ARG L 29 48.12 23.28 15.61
N GLU L 30 47.33 23.09 16.65
CA GLU L 30 46.83 24.22 17.41
C GLU L 30 47.95 25.00 18.08
N GLN L 31 48.91 24.30 18.70
CA GLN L 31 49.99 25.02 19.36
C GLN L 31 51.01 25.55 18.37
N GLY L 32 50.95 25.12 17.11
CA GLY L 32 51.83 25.67 16.11
C GLY L 32 51.16 26.67 15.19
N GLY L 33 49.94 26.34 14.74
CA GLY L 33 49.24 27.14 13.75
C GLY L 33 49.04 28.59 14.12
N ARG L 34 48.24 28.85 15.15
CA ARG L 34 47.98 30.22 15.57
C ARG L 34 48.98 30.67 16.63
N LEU L 35 49.25 29.82 17.62
CA LEU L 35 50.13 30.18 18.73
C LEU L 35 51.53 30.52 18.24
N ILE L 36 52.12 29.64 17.43
CA ILE L 36 53.52 29.80 17.05
C ILE L 36 53.66 30.62 15.77
N ARG L 37 52.93 30.24 14.71
CA ARG L 37 53.21 30.83 13.41
C ARG L 37 52.77 32.29 13.31
N ALA L 38 51.99 32.77 14.27
CA ALA L 38 51.65 34.18 14.30
C ALA L 38 52.81 35.04 14.80
N SER L 39 53.59 34.50 15.74
CA SER L 39 54.71 35.26 16.31
C SER L 39 55.88 35.34 15.33
N GLN L 40 56.02 34.33 14.46
CA GLN L 40 57.16 34.22 13.54
C GLN L 40 57.35 35.48 12.71
N ALA L 41 58.60 35.74 12.31
CA ALA L 41 58.90 36.93 11.52
C ALA L 41 59.05 36.62 10.04
N ALA L 42 60.00 35.74 9.70
CA ALA L 42 60.30 35.40 8.31
C ALA L 42 61.28 34.24 8.25
N GLU L 43 61.67 33.88 7.02
CA GLU L 43 62.69 32.88 6.71
C GLU L 43 62.50 31.57 7.47
N LEU L 44 61.25 31.29 7.87
CA LEU L 44 60.90 30.16 8.71
C LEU L 44 61.50 28.84 8.22
N VAL L 45 62.30 28.19 9.06
CA VAL L 45 62.82 26.86 8.79
C VAL L 45 62.31 25.94 9.88
N VAL L 46 61.80 24.77 9.48
CA VAL L 46 61.40 23.73 10.41
C VAL L 46 62.13 22.46 10.02
N ASP L 47 62.83 21.86 10.97
CA ASP L 47 63.63 20.68 10.73
C ASP L 47 63.14 19.52 11.57
N CYS L 48 62.71 18.45 10.91
CA CYS L 48 62.18 17.28 11.60
C CYS L 48 63.32 16.35 12.03
N SER L 49 64.29 16.93 12.72
CA SER L 49 65.47 16.15 13.11
C SER L 49 65.11 15.08 14.13
N ALA L 50 64.48 15.47 15.24
CA ALA L 50 64.03 14.52 16.26
C ALA L 50 62.62 14.05 16.00
N VAL L 51 62.34 13.62 14.77
CA VAL L 51 61.07 13.01 14.40
C VAL L 51 61.38 11.60 13.93
N GLU L 52 61.29 10.65 14.85
CA GLU L 52 61.74 9.28 14.60
C GLU L 52 60.65 8.41 13.98
N ARG L 53 59.39 8.63 14.33
CA ARG L 53 58.29 7.92 13.66
C ARG L 53 57.20 8.91 13.30
N SER L 54 56.63 8.77 12.12
CA SER L 54 55.59 9.68 11.64
C SER L 54 54.70 8.98 10.62
N SER L 55 53.45 9.44 10.53
CA SER L 55 52.51 8.98 9.51
C SER L 55 52.17 10.14 8.57
N SER L 56 51.24 9.87 7.65
CA SER L 56 50.78 10.90 6.68
C SER L 56 50.21 12.09 7.48
N VAL L 57 49.71 11.82 8.68
CA VAL L 57 49.17 12.91 9.56
C VAL L 57 50.27 13.97 9.69
N GLY L 58 51.51 13.53 9.95
CA GLY L 58 52.63 14.43 10.04
C GLY L 58 52.85 15.23 8.77
N ILE L 59 52.68 14.59 7.61
CA ILE L 59 52.84 15.30 6.35
C ILE L 59 51.79 16.39 6.22
N SER L 60 50.56 16.06 6.61
CA SER L 60 49.44 17.05 6.61
C SER L 60 49.81 18.18 7.58
N LEU L 61 50.47 17.85 8.69
CA LEU L 61 50.89 18.86 9.65
C LEU L 61 51.87 19.84 9.01
N LEU L 62 52.94 19.31 8.41
CA LEU L 62 53.85 20.18 7.67
C LEU L 62 53.13 20.91 6.55
N LEU L 63 52.07 20.29 6.03
CA LEU L 63 51.23 20.93 4.98
C LEU L 63 50.32 21.94 5.67
N ALA L 64 50.03 21.73 6.96
CA ALA L 64 49.18 22.64 7.76
C ALA L 64 50.06 23.80 8.27
N PHE L 65 51.37 23.70 8.04
CA PHE L 65 52.31 24.75 8.40
C PHE L 65 52.58 25.72 7.26
N ILE L 66 52.21 25.37 6.04
CA ILE L 66 52.52 26.19 4.88
C ILE L 66 51.33 27.06 4.48
N ARG L 67 50.11 26.53 4.67
CA ARG L 67 48.86 27.23 4.31
C ARG L 67 48.68 28.52 5.12
N ASP L 68 49.39 28.66 6.24
CA ASP L 68 49.28 29.83 7.10
C ASP L 68 50.47 30.76 7.02
N ALA L 69 51.69 30.21 6.89
CA ALA L 69 52.84 31.06 6.59
C ALA L 69 52.64 31.77 5.26
N ARG L 70 52.16 31.05 4.24
CA ARG L 70 51.77 31.70 3.00
C ARG L 70 50.65 32.70 3.24
N LYS L 71 49.70 32.36 4.13
CA LYS L 71 48.67 33.32 4.52
C LYS L 71 49.28 34.50 5.26
N ALA L 72 50.25 34.24 6.13
CA ALA L 72 50.95 35.31 6.84
C ALA L 72 52.10 35.91 6.04
N GLY L 73 52.16 35.64 4.73
CA GLY L 73 53.16 36.22 3.86
C GLY L 73 54.55 35.64 3.96
N LYS L 74 55.06 35.49 5.18
CA LYS L 74 56.41 35.00 5.39
C LYS L 74 56.57 33.57 4.84
N VAL L 75 57.74 33.31 4.27
CA VAL L 75 58.00 32.07 3.55
C VAL L 75 58.66 31.08 4.50
N LEU L 76 58.34 29.80 4.33
CA LEU L 76 58.88 28.74 5.18
C LEU L 76 59.50 27.65 4.32
N SER L 77 60.36 26.86 4.96
CA SER L 77 60.95 25.69 4.33
C SER L 77 61.14 24.62 5.39
N VAL L 78 61.17 23.37 4.97
CA VAL L 78 61.31 22.23 5.87
C VAL L 78 62.70 21.64 5.71
N ARG L 79 63.27 21.20 6.82
CA ARG L 79 64.64 20.58 6.82
C ARG L 79 64.64 19.37 7.73
N ALA L 80 65.63 18.47 7.57
CA ALA L 80 65.79 17.25 8.40
C ALA L 80 64.49 16.43 8.39
N LEU L 81 63.89 16.26 7.21
CA LEU L 81 62.61 15.49 7.09
C LEU L 81 62.86 14.03 7.51
N PRO L 82 61.93 13.40 8.27
CA PRO L 82 62.08 12.02 8.71
C PRO L 82 62.04 11.05 7.52
N ASP L 83 62.77 9.93 7.62
CA ASP L 83 62.83 8.92 6.52
C ASP L 83 61.44 8.34 6.27
N ASP L 84 60.67 8.06 7.33
CA ASP L 84 59.32 7.46 7.18
C ASP L 84 58.42 8.41 6.38
N MET L 85 58.51 9.70 6.68
CA MET L 85 57.70 10.75 5.97
C MET L 85 58.10 10.78 4.49
N ARG L 86 59.39 10.61 4.20
CA ARG L 86 59.89 10.66 2.80
C ARG L 86 59.22 9.57 1.96
N GLU L 87 59.10 8.34 2.48
CA GLU L 87 58.45 7.27 1.68
C GLU L 87 56.99 7.68 1.43
N ILE L 88 56.32 8.19 2.46
CA ILE L 88 54.89 8.64 2.35
C ILE L 88 54.84 9.81 1.36
N ALA L 89 55.83 10.71 1.44
CA ALA L 89 55.91 11.88 0.54
C ALA L 89 56.12 11.41 -0.90
N LYS L 90 56.92 10.35 -1.09
CA LYS L 90 57.26 9.83 -2.45
C LYS L 90 56.02 9.32 -3.20
N VAL L 91 55.11 8.60 -2.52
CA VAL L 91 53.91 8.07 -3.22
C VAL L 91 53.04 9.23 -3.71
N SER L 92 52.93 10.29 -2.90
CA SER L 92 52.12 11.49 -3.22
C SER L 92 52.86 12.39 -4.23
N SER L 93 52.15 13.33 -4.84
CA SER L 93 52.73 14.29 -5.81
C SER L 93 53.11 15.58 -5.07
N LEU L 94 52.99 15.58 -3.74
CA LEU L 94 53.27 16.76 -2.87
C LEU L 94 54.75 16.82 -2.49
N LEU L 95 55.58 15.88 -2.97
CA LEU L 95 57.02 15.91 -2.61
C LEU L 95 57.63 17.22 -3.12
N GLU L 96 57.30 17.61 -4.35
CA GLU L 96 57.79 18.89 -4.94
C GLU L 96 57.21 20.06 -4.14
N ILE L 97 55.94 19.94 -3.73
CA ILE L 97 55.25 21.02 -2.95
C ILE L 97 56.08 21.35 -1.70
N LEU L 98 56.53 20.31 -0.98
CA LEU L 98 57.34 20.52 0.25
C LEU L 98 58.66 21.20 -0.12
N PRO L 99 59.15 22.17 0.68
CA PRO L 99 60.42 22.85 0.40
C PRO L 99 61.54 22.32 1.30
P1 LPP M . 13.06 9.40 -9.72
O2 LPP M . 13.75 10.40 -8.84
O3 LPP M . 12.12 8.39 -9.14
O4 LPP M . 14.19 8.61 -10.55
O5 LPP M . 12.29 10.21 -10.87
C6 LPP M . 10.89 9.88 -11.14
C7 LPP M . 9.97 10.76 -10.33
C8 LPP M . 10.67 11.96 -9.73
O9 LPP M . 8.88 11.21 -11.17
O27 LPP M . 10.85 12.95 -10.76
C11 LPP M . 7.64 10.89 -10.81
O10 LPP M . 7.32 10.75 -9.66
C12 LPP M . 6.71 10.74 -11.99
C13 LPP M . 5.37 11.37 -11.76
C14 LPP M . 4.26 10.63 -12.49
C15 LPP M . 3.02 11.46 -12.74
C16 LPP M . 2.52 11.43 -14.16
C17 LPP M . 1.13 10.87 -14.32
C18 LPP M . 0.08 11.65 -13.57
C19 LPP M . -1.30 11.59 -14.20
C20 LPP M . -2.28 12.58 -13.63
C21 LPP M . -2.48 13.82 -14.49
C22 LPP M . -3.79 14.53 -14.25
C23 LPP M . -3.68 15.73 -13.34
C24 LPP M . -4.87 15.95 -12.45
C25 LPP M . -4.93 17.30 -11.79
C26 LPP M . -5.97 18.22 -12.39
C29 LPP M . 10.60 14.21 -10.41
O28 LPP M . 11.41 14.92 -9.88
C30 LPP M . 9.21 14.61 -10.77
C31 LPP M . 8.81 14.23 -12.16
C32 LPP M . 7.94 15.28 -12.83
C33 LPP M . 6.63 14.74 -13.35
C34 LPP M . 5.70 15.80 -13.91
C35 LPP M . 4.39 15.27 -14.43
C36 LPP M . 4.51 14.49 -15.72
C37 LPP M . 3.34 14.67 -16.66
C38 LPP M . 3.21 16.07 -17.21
C39 LPP M . 3.88 16.28 -18.55
C40 LPP M . 3.25 17.35 -19.39
C41 LPP M . 4.25 18.23 -20.12
C42 LPP M . 3.63 19.40 -20.83
C43 LPP M . 3.56 19.27 -22.33
C44 LPP M . 2.77 20.37 -23.00
P1 LPP N . 8.06 -18.09 -1.81
O2 LPP N . 7.84 -17.06 -2.87
O3 LPP N . 8.97 -17.80 -0.65
O4 LPP N . 8.59 -19.44 -2.54
O5 LPP N . 6.63 -18.54 -1.23
C6 LPP N . 5.46 -17.77 -1.59
C7 LPP N . 4.59 -17.57 -0.37
C8 LPP N . 3.77 -16.30 -0.41
O9 LPP N . 3.69 -18.70 -0.24
O27 LPP N . 4.37 -15.34 0.49
C11 LPP N . 4.01 -19.67 0.64
O10 LPP N . 4.62 -20.65 0.32
C12 LPP N . 3.51 -19.38 2.03
C13 LPP N . 2.92 -20.58 2.70
C14 LPP N . 2.19 -20.23 3.99
C15 LPP N . 0.75 -20.68 4.02
C16 LPP N . 0.04 -20.40 5.32
C17 LPP N . -1.01 -19.33 5.23
C18 LPP N . -2.26 -19.73 4.49
C19 LPP N . -3.55 -19.27 5.13
C20 LPP N . -3.35 -18.33 6.30
C21 LPP N . -4.12 -18.73 7.54
C22 LPP N . -5.62 -18.83 7.32
C23 LPP N . -6.44 -17.93 8.22
C24 LPP N . -7.68 -18.58 8.78
C25 LPP N . -7.48 -19.21 10.15
C26 LPP N . -8.57 -18.86 11.13
C29 LPP N . 4.39 -15.67 1.78
O28 LPP N . 5.20 -16.42 2.25
C30 LPP N . 3.28 -15.01 2.53
C31 LPP N . 3.43 -15.12 4.03
C32 LPP N . 2.55 -16.21 4.61
C33 LPP N . 2.24 -16.03 6.08
C34 LPP N . 0.83 -16.40 6.47
C35 LPP N . 0.28 -15.59 7.63
C36 LPP N . 0.78 -16.04 8.97
C37 LPP N . 1.27 -14.92 9.86
C38 LPP N . 0.19 -14.31 10.73
C39 LPP N . -0.53 -15.29 11.61
C40 LPP N . -1.98 -15.50 11.26
C41 LPP N . -2.73 -16.40 12.20
C42 LPP N . -2.27 -16.31 13.64
C43 LPP N . -2.07 -17.63 14.33
C44 LPP N . -3.22 -18.05 15.20
P1 LPP O . 9.74 6.37 -14.91
O2 LPP O . 10.30 7.43 -15.81
O3 LPP O . 10.13 4.94 -15.10
O4 LPP O . 10.05 6.78 -13.39
O5 LPP O . 8.13 6.45 -14.98
C6 LPP O . 7.39 5.40 -15.66
C7 LPP O . 5.98 5.32 -15.11
C8 LPP O . 5.43 6.68 -14.71
O9 LPP O . 5.13 4.71 -16.12
O27 LPP O . 3.98 6.60 -14.66
C11 LPP O . 5.22 3.39 -16.31
O10 LPP O . 6.18 2.76 -15.95
C12 LPP O . 4.02 2.82 -16.99
C13 LPP O . 2.72 3.13 -16.30
C14 LPP O . 1.60 3.42 -17.27
C15 LPP O . 0.22 3.27 -16.68
C16 LPP O . -0.53 4.57 -16.50
C17 LPP O . -1.94 4.41 -15.99
C18 LPP O . -3.00 4.64 -17.02
C19 LPP O . -4.29 3.88 -16.79
C20 LPP O . -5.24 3.87 -17.96
C21 LPP O . -6.31 2.81 -17.88
C22 LPP O . -7.66 3.33 -17.41
C23 LPP O . -8.80 2.39 -17.68
C24 LPP O . -10.14 2.90 -17.21
C25 LPP O . -11.32 2.45 -18.06
C26 LPP O . -12.64 2.51 -17.33
C29 LPP O . 3.44 6.73 -13.46
O28 LPP O . 3.88 7.43 -12.60
C30 LPP O . 2.19 5.88 -13.33
C31 LPP O . 1.28 6.34 -12.23
C32 LPP O . -0.15 6.53 -12.71
C33 LPP O . -0.95 7.51 -11.88
C34 LPP O . -2.44 7.42 -12.08
C35 LPP O . -3.24 8.38 -11.23
C36 LPP O . -4.46 8.93 -11.91
C37 LPP O . -4.58 10.43 -11.86
C38 LPP O . -5.74 10.94 -11.04
C39 LPP O . -5.72 12.42 -10.77
C40 LPP O . -6.93 12.94 -10.04
C41 LPP O . -6.91 14.43 -9.79
C42 LPP O . -8.07 14.93 -8.95
C43 LPP O . -7.80 16.22 -8.22
C44 LPP O . -8.95 17.18 -8.23
P1 LPP P . -30.94 -0.87 8.47
O2 LPP P . -30.89 -0.51 9.94
O3 LPP P . -30.66 -2.28 8.04
O4 LPP P . -32.39 -0.47 7.92
O5 LPP P . -29.96 0.11 7.68
C6 LPP P . -28.78 0.64 8.34
C7 LPP P . -27.80 1.17 7.32
C8 LPP P . -27.63 2.67 7.35
O9 LPP P . -26.51 0.55 7.54
O27 LPP P . -27.94 3.14 8.68
C11 LPP P . -25.42 1.13 7.00
O10 LPP P . -24.65 1.78 7.66
C12 LPP P . -25.29 0.89 5.53
C13 LPP P . -24.21 -0.10 5.19
C14 LPP P . -22.84 0.38 5.60
C15 LPP P . -21.77 0.19 4.54
C16 LPP P . -20.93 1.42 4.30
C17 LPP P . -20.84 1.82 2.84
C18 LPP P . -19.44 1.77 2.27
C19 LPP P . -18.48 2.77 2.87
C20 LPP P . -17.08 2.69 2.31
C21 LPP P . -16.09 3.58 3.01
C22 LPP P . -14.82 2.90 3.44
C29 LPP P . -27.92 4.45 8.85
O28 LPP P . -28.90 5.08 9.17
C30 LPP P . -26.55 5.03 8.62
C31 LPP P . -25.66 4.93 9.82
C32 LPP P . -24.19 5.08 9.46
C33 LPP P . -23.51 3.78 9.08
C34 LPP P . -22.05 3.93 8.71
C35 LPP P . -21.82 4.54 7.35
C36 LPP P . -20.65 3.95 6.60
C37 LPP P . -20.13 2.67 7.20
C38 LPP P . -18.67 2.40 6.91
C39 LPP P . -18.08 3.30 5.84
C40 LPP P . -16.57 3.30 5.81
C41 LPP P . -15.92 2.40 6.83
C42 LPP P . -14.49 2.03 6.52
P1 LPP Q . 12.48 -14.94 7.19
O2 LPP Q . 13.60 -14.00 6.86
O3 LPP Q . 11.30 -15.05 6.27
O4 LPP Q . 13.11 -16.41 7.37
O5 LPP Q . 11.95 -14.59 8.67
C6 LPP Q . 10.67 -13.91 8.82
C7 LPP Q . 10.64 -13.16 10.13
C8 LPP Q . 10.98 -11.68 9.99
O9 LPP Q . 9.31 -13.29 10.70
O27 LPP Q . 10.51 -10.99 11.15
C11 LPP Q . 8.28 -12.80 10.02
O10 LPP Q . 8.06 -13.13 8.88
C12 LPP Q . 7.45 -11.82 10.79
C13 LPP Q . 6.12 -11.53 10.16
C14 LPP Q . 5.30 -10.55 10.98
C15 LPP Q . 3.80 -10.76 10.88
C16 LPP Q . 3.00 -10.02 11.91
C17 LPP Q . 1.67 -10.64 12.23
C18 LPP Q . 1.11 -10.27 13.59
C19 LPP Q . -0.39 -10.33 13.68
C20 LPP Q . -0.92 -11.57 14.35
C21 LPP Q . -2.42 -11.65 14.42
C22 LPP Q . -2.97 -13.04 14.65
C23 LPP Q . -4.43 -13.08 15.02
C24 LPP Q . -5.11 -14.40 14.73
C25 LPP Q . -6.56 -14.46 15.15
C26 LPP Q . -7.43 -15.30 14.23
C29 LPP Q . 11.10 -9.82 11.42
O28 LPP Q . 11.80 -9.24 10.64
C30 LPP Q . 10.78 -9.35 12.81
C31 LPP Q . 9.55 -9.97 13.39
C32 LPP Q . 8.55 -8.94 13.90
C33 LPP Q . 7.40 -9.54 14.68
C34 LPP Q . 6.39 -8.54 15.16
C35 LPP Q . 6.72 -7.90 16.49
C36 LPP Q . 5.51 -7.43 17.27
C37 LPP Q . 5.74 -6.16 18.06
C38 LPP Q . 4.57 -5.73 18.89
C39 LPP Q . 4.36 -4.23 18.94
C40 LPP Q . 4.14 -3.68 20.32
C41 LPP Q . 2.72 -3.29 20.63
C42 LPP Q . 2.55 -2.51 21.92
C43 LPP Q . 1.24 -2.74 22.62
C44 LPP Q . 0.25 -1.60 22.46
P1 LPP R . 11.17 -19.15 4.14
O2 LPP R . 11.70 -18.74 5.48
O3 LPP R . 11.75 -20.35 3.44
O4 LPP R . 11.30 -17.90 3.14
O5 LPP R . 9.58 -19.36 4.27
C6 LPP R . 8.71 -18.20 4.16
C7 LPP R . 7.65 -18.28 5.24
C8 LPP R . 6.68 -17.12 5.22
O9 LPP R . 6.91 -19.52 5.07
O27 LPP R . 5.80 -17.23 6.36
C11 LPP R . 7.38 -20.62 5.68
O10 LPP R . 8.48 -20.65 6.17
C12 LPP R . 6.42 -21.77 5.68
C13 LPP R . 5.65 -21.89 6.96
C14 LPP R . 6.44 -21.45 8.17
C15 LPP R . 5.62 -20.85 9.27
C16 LPP R . 6.20 -21.02 10.66
C17 LPP R . 5.36 -20.41 11.76
C18 LPP R . 6.14 -20.06 13.00
C19 LPP R . 5.29 -19.52 14.13
C20 LPP R . 5.79 -19.88 15.50
C21 LPP R . 5.12 -21.09 16.12
C22 LPP R . 6.03 -22.29 16.27
C23 LPP R . 6.27 -22.71 17.70
C24 LPP R . 7.61 -23.37 17.93
C25 LPP R . 7.61 -24.43 19.00
C26 LPP R . 8.71 -25.45 18.84
C29 LPP R . 6.24 -16.69 7.50
O28 LPP R . 7.39 -16.42 7.69
C30 LPP R . 5.12 -16.44 8.46
C31 LPP R . 5.58 -16.10 9.84
C32 LPP R . 4.44 -15.74 10.78
C33 LPP R . 4.82 -15.66 12.23
C34 LPP R . 4.24 -14.47 12.96
C35 LPP R . 5.12 -13.94 14.07
C36 LPP R . 4.36 -13.27 15.19
C37 LPP R . 4.95 -11.96 15.64
C38 LPP R . 4.48 -11.51 17.01
C39 LPP R . 5.55 -10.81 17.82
C40 LPP R . 6.94 -11.38 17.65
C41 LPP R . 7.93 -10.94 18.70
C42 LPP R . 7.61 -9.60 19.34
C43 LPP R . 7.59 -9.61 20.84
C44 LPP R . 6.50 -8.78 21.44
P1 LPP S . -25.52 12.17 12.97
O2 LPP S . -25.31 13.59 13.38
O3 LPP S . -24.69 11.07 13.58
O4 LPP S . -25.35 12.08 11.36
O5 LPP S . -27.06 11.80 13.19
C6 LPP S . -27.40 10.51 13.77
C7 LPP S . -27.31 9.43 12.73
C8 LPP S . -28.57 9.27 11.90
O9 LPP S . -26.19 9.71 11.84
O27 LPP S . -28.77 7.86 11.64
C11 LPP S . -25.28 8.74 11.66
O10 LPP S . -25.56 7.58 11.65
C12 LPP S . -23.89 9.29 11.48
C13 LPP S . -23.03 8.46 10.56
C14 LPP S . -21.60 8.36 11.03
C15 LPP S . -20.79 7.29 10.32
C16 LPP S . -19.37 7.16 10.82
C17 LPP S . -18.55 6.13 10.08
C18 LPP S . -18.84 4.70 10.46
C19 LPP S . -17.61 3.85 10.63
C20 LPP S . -16.34 4.63 10.87
C21 LPP S . -15.12 3.78 11.10
C22 LPP S . -14.88 2.72 10.06
C29 LPP S . -30.04 7.47 11.47
O28 LPP S . -30.44 6.39 11.81
C30 LPP S . -30.86 8.54 10.81
C31 LPP S . -32.18 8.77 11.48
C32 LPP S . -32.69 10.18 11.30
C33 LPP S . -33.16 10.85 12.58
C34 LPP S . -34.37 11.72 12.42
C35 LPP S . -35.68 11.03 12.67
C36 LPP S . -36.67 11.84 13.46
C37 LPP S . -37.73 12.51 12.62
C38 LPP S . -39.11 12.48 13.22
C39 LPP S . -39.39 13.58 14.20
C40 LPP S . -40.25 13.17 15.37
P1 LPP T . 14.26 9.07 -5.54
O2 LPP T . 14.99 8.27 -4.49
O3 LPP T . 14.79 10.41 -5.98
O4 LPP T . 14.11 8.14 -6.84
O5 LPP T . 12.74 9.26 -5.06
C6 LPP T . 11.78 9.86 -5.96
C7 LPP T . 10.54 10.28 -5.19
C8 LPP T . 9.71 11.32 -5.90
O9 LPP T . 9.74 9.10 -4.93
O27 LPP T . 10.15 12.63 -5.49
C11 LPP T . 8.41 9.25 -4.92
O10 LPP T . 7.78 9.37 -3.91
C12 LPP T . 7.81 9.23 -6.30
C13 LPP T . 6.79 10.30 -6.52
C14 LPP T . 5.47 9.75 -7.05
C15 LPP T . 4.66 10.75 -7.83
C16 LPP T . 4.18 11.94 -7.03
C17 LPP T . 3.01 12.66 -7.62
C18 LPP T . 2.34 11.93 -8.76
C19 LPP T . 0.85 12.18 -8.89
C20 LPP T . 0.25 11.71 -10.18
C21 LPP T . -1.14 12.26 -10.46
C22 LPP T . -1.24 13.76 -10.35
C23 LPP T . -2.36 14.24 -9.47
C24 LPP T . -1.91 15.20 -8.38
C25 LPP T . -2.92 15.39 -7.28
C26 LPP T . -4.36 15.36 -7.76
C29 LPP T . 9.88 13.62 -6.32
O28 LPP T . 10.70 14.12 -7.04
C30 LPP T . 8.44 14.03 -6.24
C31 LPP T . 7.98 14.83 -7.42
C32 LPP T . 6.87 15.79 -7.08
C33 LPP T . 5.75 15.85 -8.09
C34 LPP T . 6.21 15.64 -9.52
C35 LPP T . 5.17 16.02 -10.56
C36 LPP T . 3.76 16.05 -10.04
C37 LPP T . 2.72 15.66 -11.07
C38 LPP T . 1.69 16.73 -11.32
C39 LPP T . 2.24 18.14 -11.35
C40 LPP T . 1.25 19.19 -11.75
C41 LPP T . 1.08 19.34 -13.24
C42 LPP T . -0.21 18.75 -13.77
C43 LPP T . -1.33 19.75 -13.92
C44 LPP T . -2.63 19.28 -13.31
VG AD9 U . 31.62 -3.99 -20.07
O1G AD9 U . 32.90 -3.66 -19.36
O2G AD9 U . 31.78 -4.83 -21.30
O3G AD9 U . 30.52 -4.46 -19.15
PB AD9 U . 30.40 -2.27 -21.96
O1B AD9 U . 30.26 -0.78 -22.13
O2B AD9 U . 31.07 -3.08 -23.02
O3B AD9 U . 31.10 -2.54 -20.54
PA AD9 U . 27.74 -2.28 -22.67
O1A AD9 U . 28.16 -2.46 -24.10
O2A AD9 U . 26.45 -2.87 -22.16
O3A AD9 U . 28.91 -2.83 -21.74
O5' AD9 U . 27.72 -0.70 -22.40
C5' AD9 U . 27.43 0.19 -23.46
C4' AD9 U . 28.03 1.55 -23.15
O4' AD9 U . 27.18 2.57 -23.69
C3' AD9 U . 28.09 1.81 -21.65
O3' AD9 U . 29.22 2.63 -21.38
C2' AD9 U . 26.79 2.52 -21.35
O2' AD9 U . 26.96 3.52 -20.33
C1' AD9 U . 26.41 3.18 -22.66
N9 AD9 U . 24.96 3.02 -22.94
C8 AD9 U . 24.20 3.92 -23.56
N7 AD9 U . 22.92 3.50 -23.67
C5 AD9 U . 22.85 2.29 -23.09
C6 AD9 U . 21.80 1.29 -22.85
N6 AD9 U . 20.53 1.50 -23.27
N1 AD9 U . 22.15 0.15 -22.21
C2 AD9 U . 23.41 -0.08 -21.80
C4 AD9 U . 24.21 1.98 -22.61
N3 AD9 U . 24.42 0.80 -21.98
MG MG V . 29.62 -5.27 -21.02
VG AD9 W . 34.80 -16.14 -4.18
O1G AD9 W . 33.66 -15.26 -3.72
O2G AD9 W . 34.61 -16.73 -5.57
O3G AD9 W . 36.17 -15.59 -3.94
PB AD9 W . 34.96 -17.19 -1.64
O1B AD9 W . 35.09 -18.54 -0.99
O2B AD9 W . 36.04 -16.16 -1.46
O3B AD9 W . 34.71 -17.40 -3.21
PA AD9 W . 33.24 -16.63 0.41
O1A AD9 W . 34.54 -16.81 1.16
O2A AD9 W . 32.32 -15.49 0.74
O3A AD9 W . 33.59 -16.55 -1.14
O5' AD9 W . 32.45 -18.02 0.54
C5' AD9 W . 33.08 -19.17 1.07
C4' AD9 W . 32.05 -20.29 1.16
O4' AD9 W . 31.37 -20.20 2.39
C3' AD9 W . 31.01 -20.18 0.06
O3' AD9 W . 30.97 -21.41 -0.66
C2' AD9 W . 29.71 -19.90 0.77
O2' AD9 W . 28.60 -20.60 0.18
C1' AD9 W . 29.97 -20.41 2.18
N9 AD9 W . 29.17 -19.67 3.19
C8 AD9 W . 28.52 -20.25 4.21
N7 AD9 W . 27.88 -19.32 4.97
C5 AD9 W . 28.13 -18.13 4.42
C6 AD9 W . 27.76 -16.73 4.73
N6 AD9 W . 26.98 -16.44 5.79
N1 AD9 W . 28.23 -15.76 3.91
C2 AD9 W . 29.01 -16.05 2.85
C4 AD9 W . 28.99 -18.36 3.24
N3 AD9 W . 29.38 -17.30 2.50
MG MG X . 35.18 -14.33 -2.38
#